data_3GVH
#
_entry.id   3GVH
#
_cell.length_a   91.750
_cell.length_b   114.350
_cell.length_c   148.570
_cell.angle_alpha   90.00
_cell.angle_beta   90.00
_cell.angle_gamma   90.00
#
_symmetry.space_group_name_H-M   'P 21 21 21'
#
loop_
_entity.id
_entity.type
_entity.pdbx_description
1 polymer 'Malate dehydrogenase'
2 non-polymer NICOTINAMIDE-ADENINE-DINUCLEOTIDE
3 water water
#
_entity_poly.entity_id   1
_entity_poly.type   'polypeptide(L)'
_entity_poly.pdbx_seq_one_letter_code
;GPGSMARNKIALIGSGMIGGTLAHLAGLKELGDVVLFDIAEGTPQGKGLDIAESSPVDGFDAKFTGANDYAAIEGADVVI
VTAGVPRKPGMSRDDLLGINLKVMEQVGAGIKKYAPEAFVICITNPLDAMVWALQKFSGLPAHKVVGMAGVLDSARFRYF
LSEEFNVSVEDVTVFVLGGHGDSMVPLARYSTVAGIPLPDLVKMGWTSQDKLDKIIQRTRDGGAEIVGLLKTGSAFYAPA
ASAIQMAESYLKDKKRVLPVAAQLSGQYGVKDMYVGVPTVIGANGVERIIEIDLDKDEKAQFDKSVASVAGLCEACIGIA
PSLK
;
_entity_poly.pdbx_strand_id   A,B,C,D
#
loop_
_chem_comp.id
_chem_comp.type
_chem_comp.name
_chem_comp.formula
NAD non-polymer NICOTINAMIDE-ADENINE-DINUCLEOTIDE 'C21 H27 N7 O14 P2'
#
# COMPACT_ATOMS: atom_id res chain seq x y z
N ALA A 6 15.81 11.61 10.43
CA ALA A 6 15.58 10.57 11.51
C ALA A 6 14.13 10.08 11.45
N ARG A 7 13.87 8.88 11.91
CA ARG A 7 12.50 8.35 11.84
C ARG A 7 11.66 8.83 13.00
N ASN A 8 10.34 8.93 12.79
CA ASN A 8 9.41 9.07 13.91
C ASN A 8 9.60 7.88 14.85
N LYS A 9 9.31 8.12 16.12
CA LYS A 9 9.38 7.08 17.13
C LYS A 9 8.02 6.92 17.76
N ILE A 10 7.57 5.69 17.90
CA ILE A 10 6.24 5.47 18.44
C ILE A 10 6.33 4.56 19.66
N ALA A 11 5.87 5.04 20.81
CA ALA A 11 5.89 4.17 21.99
C ALA A 11 4.50 3.72 22.24
N LEU A 12 4.43 2.44 22.59
CA LEU A 12 3.24 1.78 22.94
C LEU A 12 3.37 1.32 24.41
N ILE A 13 2.55 1.92 25.26
CA ILE A 13 2.62 1.66 26.67
C ILE A 13 1.55 0.63 26.92
N GLY A 14 1.99 -0.62 26.95
CA GLY A 14 1.12 -1.79 27.10
C GLY A 14 1.35 -2.64 25.87
N SER A 15 1.70 -3.90 26.09
CA SER A 15 2.09 -4.84 25.06
C SER A 15 1.24 -6.09 25.05
N GLY A 16 0.00 -5.92 25.46
CA GLY A 16 -1.01 -6.96 25.29
C GLY A 16 -1.43 -7.10 23.84
N MET A 17 -2.63 -7.61 23.65
CA MET A 17 -3.12 -7.93 22.32
C MET A 17 -3.32 -6.68 21.46
N ILE A 18 -3.75 -5.57 22.04
CA ILE A 18 -3.88 -4.32 21.30
C ILE A 18 -2.51 -3.72 21.03
N GLY A 19 -1.66 -3.67 22.05
CA GLY A 19 -0.28 -3.21 21.88
C GLY A 19 0.45 -3.84 20.68
N GLY A 20 0.47 -5.15 20.67
CA GLY A 20 1.10 -5.95 19.61
C GLY A 20 0.54 -5.64 18.23
N THR A 21 -0.79 -5.48 18.17
CA THR A 21 -1.47 -5.13 16.96
C THR A 21 -1.11 -3.72 16.49
N LEU A 22 -0.97 -2.78 17.43
CA LEU A 22 -0.53 -1.42 17.09
C LEU A 22 0.90 -1.44 16.50
N ALA A 23 1.75 -2.29 17.08
CA ALA A 23 3.12 -2.42 16.63
C ALA A 23 3.17 -2.99 15.20
N HIS A 24 2.42 -4.05 14.95
CA HIS A 24 2.37 -4.68 13.67
C HIS A 24 1.84 -3.71 12.63
N LEU A 25 0.74 -3.00 12.92
CA LEU A 25 0.18 -2.02 11.97
C LEU A 25 1.17 -0.86 11.74
N ALA A 26 1.85 -0.41 12.81
CA ALA A 26 2.84 0.66 12.68
C ALA A 26 4.03 0.21 11.81
N GLY A 27 4.40 -1.06 11.88
CA GLY A 27 5.45 -1.55 10.96
C GLY A 27 4.93 -1.61 9.54
N LEU A 28 3.82 -2.31 9.35
CA LEU A 28 3.24 -2.51 8.01
C LEU A 28 3.09 -1.20 7.26
N LYS A 29 2.69 -0.16 7.99
CA LYS A 29 2.42 1.18 7.43
C LYS A 29 3.59 2.12 7.47
N GLU A 30 4.73 1.64 7.93
CA GLU A 30 5.97 2.43 7.93
C GLU A 30 5.84 3.77 8.68
N LEU A 31 5.19 3.75 9.83
CA LEU A 31 4.99 4.97 10.59
C LEU A 31 6.22 5.42 11.38
N GLY A 32 7.18 4.51 11.57
CA GLY A 32 8.47 4.83 12.18
C GLY A 32 8.96 3.68 13.05
N ASP A 33 9.97 3.92 13.87
CA ASP A 33 10.41 2.91 14.85
C ASP A 33 9.42 2.77 16.01
N VAL A 34 9.35 1.58 16.58
CA VAL A 34 8.43 1.29 17.61
C VAL A 34 9.14 0.81 18.88
N VAL A 35 8.70 1.36 20.03
CA VAL A 35 9.00 0.81 21.34
C VAL A 35 7.76 0.24 22.00
N LEU A 36 7.82 -1.04 22.31
CA LEU A 36 6.80 -1.72 23.05
C LEU A 36 7.23 -1.76 24.52
N PHE A 37 6.47 -1.09 25.39
CA PHE A 37 6.75 -1.01 26.81
C PHE A 37 5.73 -1.81 27.59
N ASP A 38 6.19 -2.57 28.58
CA ASP A 38 5.27 -3.25 29.49
C ASP A 38 5.95 -3.54 30.84
N ILE A 39 5.17 -3.79 31.89
CA ILE A 39 5.76 -4.22 33.16
C ILE A 39 6.15 -5.67 33.08
N ALA A 40 5.41 -6.48 32.35
CA ALA A 40 5.77 -7.88 32.19
C ALA A 40 7.12 -8.03 31.47
N GLU A 41 7.99 -8.87 32.01
CA GLU A 41 9.30 -9.14 31.39
C GLU A 41 9.12 -10.12 30.26
N GLY A 42 9.73 -9.85 29.10
CA GLY A 42 9.74 -10.77 28.00
C GLY A 42 8.71 -10.53 26.90
N THR A 43 7.49 -10.19 27.29
CA THR A 43 6.38 -10.01 26.37
C THR A 43 6.71 -8.92 25.36
N PRO A 44 7.09 -7.75 25.82
CA PRO A 44 7.39 -6.76 24.81
C PRO A 44 8.61 -7.08 23.96
N GLN A 45 9.63 -7.72 24.57
CA GLN A 45 10.83 -8.08 23.80
C GLN A 45 10.48 -9.09 22.74
N GLY A 46 9.66 -10.06 23.12
CA GLY A 46 9.28 -11.15 22.26
C GLY A 46 8.47 -10.74 21.04
N LYS A 47 7.43 -9.93 21.27
CA LYS A 47 6.58 -9.44 20.22
C LYS A 47 7.34 -8.56 19.30
N GLY A 48 8.14 -7.68 19.86
CA GLY A 48 8.94 -6.74 19.13
C GLY A 48 9.89 -7.46 18.18
N LEU A 49 10.49 -8.53 18.67
CA LEU A 49 11.46 -9.29 17.90
C LEU A 49 10.69 -10.06 16.84
N ASP A 50 9.58 -10.66 17.23
CA ASP A 50 8.70 -11.38 16.30
C ASP A 50 8.32 -10.47 15.15
N ILE A 51 7.82 -9.27 15.47
CA ILE A 51 7.45 -8.35 14.40
C ILE A 51 8.67 -7.95 13.56
N ALA A 52 9.79 -7.69 14.21
CA ALA A 52 10.99 -7.29 13.52
C ALA A 52 11.41 -8.38 12.51
N GLU A 53 11.32 -9.62 12.94
CA GLU A 53 11.65 -10.77 12.09
C GLU A 53 10.69 -10.97 10.91
N SER A 54 9.47 -10.43 11.04
CA SER A 54 8.50 -10.46 9.95
C SER A 54 8.86 -9.42 8.92
N SER A 55 9.62 -8.39 9.31
CA SER A 55 9.80 -7.24 8.41
C SER A 55 10.44 -7.51 7.04
N PRO A 56 11.43 -8.41 6.95
CA PRO A 56 11.95 -8.64 5.60
C PRO A 56 10.93 -9.22 4.62
N VAL A 57 9.87 -9.88 5.10
CA VAL A 57 8.93 -10.55 4.20
C VAL A 57 8.23 -9.46 3.44
N ASP A 58 7.85 -8.42 4.16
CA ASP A 58 7.03 -7.33 3.60
C ASP A 58 7.91 -6.14 3.16
N GLY A 59 9.11 -6.01 3.69
CA GLY A 59 10.05 -5.01 3.21
C GLY A 59 10.03 -3.65 3.90
N PHE A 60 9.41 -3.55 5.06
CA PHE A 60 9.47 -2.30 5.83
C PHE A 60 10.70 -2.30 6.73
N ASP A 61 11.32 -1.16 6.87
CA ASP A 61 12.48 -0.99 7.74
C ASP A 61 12.08 -0.15 8.96
N ALA A 62 12.02 -0.83 10.11
CA ALA A 62 11.60 -0.23 11.38
C ALA A 62 12.31 -0.98 12.48
N LYS A 63 12.73 -0.24 13.50
CA LYS A 63 13.25 -0.87 14.71
C LYS A 63 12.10 -1.16 15.67
N PHE A 64 12.23 -2.29 16.34
CA PHE A 64 11.28 -2.74 17.36
C PHE A 64 12.07 -3.11 18.61
N THR A 65 11.83 -2.37 19.67
CA THR A 65 12.54 -2.54 20.94
C THR A 65 11.51 -2.90 21.99
N GLY A 66 11.69 -3.98 22.73
CA GLY A 66 10.84 -4.21 23.91
C GLY A 66 11.52 -3.61 25.14
N ALA A 67 10.76 -2.98 26.03
CA ALA A 67 11.33 -2.36 27.25
C ALA A 67 10.39 -2.51 28.46
N ASN A 68 11.02 -2.62 29.62
CA ASN A 68 10.35 -2.60 30.90
C ASN A 68 10.74 -1.36 31.67
N ASP A 69 11.31 -0.36 31.01
CA ASP A 69 11.67 0.90 31.65
C ASP A 69 11.24 2.12 30.82
N TYR A 70 10.72 3.15 31.47
CA TYR A 70 10.16 4.29 30.77
C TYR A 70 11.21 4.99 29.94
N ALA A 71 12.45 5.00 30.37
CA ALA A 71 13.53 5.67 29.60
C ALA A 71 13.54 5.26 28.11
N ALA A 72 13.07 4.04 27.81
CA ALA A 72 13.05 3.55 26.42
C ALA A 72 12.20 4.46 25.49
N ILE A 73 11.24 5.19 26.06
CA ILE A 73 10.29 5.95 25.26
C ILE A 73 10.80 7.33 24.95
N GLU A 74 12.03 7.62 25.39
CA GLU A 74 12.56 8.98 25.30
C GLU A 74 12.41 9.57 23.88
N GLY A 75 11.89 10.79 23.82
CA GLY A 75 11.69 11.49 22.57
C GLY A 75 10.60 10.92 21.65
N ALA A 76 9.77 9.99 22.14
CA ALA A 76 8.69 9.45 21.31
C ALA A 76 7.80 10.57 20.74
N ASP A 77 7.56 10.54 19.44
CA ASP A 77 6.63 11.46 18.77
C ASP A 77 5.14 11.13 19.01
N VAL A 78 4.82 9.85 19.21
CA VAL A 78 3.45 9.42 19.56
C VAL A 78 3.54 8.38 20.66
N VAL A 79 2.71 8.49 21.69
CA VAL A 79 2.57 7.44 22.71
C VAL A 79 1.16 6.93 22.72
N ILE A 80 0.99 5.59 22.69
CA ILE A 80 -0.33 5.03 22.65
C ILE A 80 -0.46 4.16 23.87
N VAL A 81 -1.39 4.53 24.76
CA VAL A 81 -1.49 3.90 26.08
C VAL A 81 -2.62 2.89 26.13
N THR A 82 -2.27 1.64 26.32
CA THR A 82 -3.25 0.59 26.51
C THR A 82 -3.07 -0.10 27.86
N ALA A 83 -2.15 0.39 28.66
CA ALA A 83 -1.87 -0.24 29.96
C ALA A 83 -3.07 -0.09 30.90
N GLY A 84 -3.36 -1.15 31.63
CA GLY A 84 -4.45 -1.18 32.57
C GLY A 84 -4.96 -2.57 32.80
N VAL A 85 -6.06 -2.67 33.56
CA VAL A 85 -6.67 -3.95 33.96
C VAL A 85 -8.14 -3.99 33.48
N PRO A 86 -8.68 -5.20 33.23
CA PRO A 86 -10.13 -5.35 32.85
C PRO A 86 -11.10 -5.46 34.04
N ARG A 87 -12.42 -5.42 33.78
CA ARG A 87 -13.46 -5.55 34.85
C ARG A 87 -13.67 -7.04 35.26
N LYS A 88 -12.74 -7.57 36.06
CA LYS A 88 -12.61 -9.03 36.26
C LYS A 88 -13.22 -9.60 37.57
N PRO A 89 -14.32 -10.39 37.47
CA PRO A 89 -15.37 -10.42 36.44
C PRO A 89 -16.61 -9.66 36.95
N GLY A 90 -16.94 -9.88 38.23
CA GLY A 90 -17.73 -8.96 39.05
C GLY A 90 -16.85 -8.44 40.18
N MET A 91 -15.93 -7.53 39.84
CA MET A 91 -15.20 -6.72 40.82
C MET A 91 -15.88 -5.35 40.83
N SER A 92 -15.63 -4.58 41.90
CA SER A 92 -16.27 -3.29 42.07
C SER A 92 -15.96 -2.31 40.93
N ARG A 93 -16.84 -1.36 40.69
CA ARG A 93 -16.55 -0.23 39.79
C ARG A 93 -15.46 0.69 40.38
N ASP A 94 -15.48 0.90 41.70
CA ASP A 94 -14.43 1.67 42.40
C ASP A 94 -13.07 0.94 42.47
N ASP A 95 -13.12 -0.38 42.59
CA ASP A 95 -11.92 -1.21 42.48
C ASP A 95 -11.22 -0.93 41.14
N LEU A 96 -11.93 -1.08 40.03
CA LEU A 96 -11.38 -0.82 38.71
C LEU A 96 -10.74 0.56 38.61
N LEU A 97 -11.47 1.60 38.97
CA LEU A 97 -10.96 2.95 38.83
C LEU A 97 -9.70 3.14 39.62
N GLY A 98 -9.66 2.49 40.76
CA GLY A 98 -8.50 2.57 41.63
C GLY A 98 -7.27 2.01 40.99
N ILE A 99 -7.37 0.83 40.40
CA ILE A 99 -6.24 0.22 39.74
C ILE A 99 -5.80 1.03 38.50
N ASN A 100 -6.74 1.35 37.61
CA ASN A 100 -6.40 2.04 36.38
C ASN A 100 -5.99 3.50 36.58
N LEU A 101 -6.50 4.17 37.61
CA LEU A 101 -6.04 5.56 37.90
C LEU A 101 -4.59 5.55 38.32
N LYS A 102 -4.22 4.53 39.08
CA LYS A 102 -2.85 4.37 39.53
C LYS A 102 -1.92 4.16 38.31
N VAL A 103 -2.33 3.27 37.40
CA VAL A 103 -1.66 3.06 36.12
C VAL A 103 -1.59 4.35 35.32
N MET A 104 -2.68 5.12 35.25
CA MET A 104 -2.61 6.40 34.56
C MET A 104 -1.61 7.34 35.19
N GLU A 105 -1.43 7.25 36.51
CA GLU A 105 -0.45 8.08 37.20
C GLU A 105 0.99 7.67 36.85
N GLN A 106 1.28 6.38 36.89
CA GLN A 106 2.62 5.89 36.51
C GLN A 106 2.98 6.28 35.04
N VAL A 107 2.09 5.92 34.11
CA VAL A 107 2.25 6.28 32.69
C VAL A 107 2.44 7.76 32.51
N GLY A 108 1.62 8.54 33.19
CA GLY A 108 1.68 10.01 33.11
C GLY A 108 3.03 10.59 33.56
N ALA A 109 3.61 10.00 34.62
CA ALA A 109 4.96 10.40 35.07
C ALA A 109 6.02 10.03 33.98
N GLY A 110 5.89 8.82 33.43
CA GLY A 110 6.75 8.32 32.35
C GLY A 110 6.77 9.25 31.15
N ILE A 111 5.60 9.61 30.66
CA ILE A 111 5.53 10.45 29.50
C ILE A 111 6.04 11.83 29.80
N LYS A 112 5.64 12.40 30.94
CA LYS A 112 6.11 13.75 31.32
C LYS A 112 7.64 13.81 31.37
N LYS A 113 8.27 12.77 31.90
CA LYS A 113 9.71 12.76 32.01
C LYS A 113 10.43 12.54 30.68
N TYR A 114 9.97 11.55 29.93
CA TYR A 114 10.76 11.08 28.81
C TYR A 114 10.21 11.51 27.44
N ALA A 115 8.90 11.76 27.35
CA ALA A 115 8.27 12.07 26.04
C ALA A 115 7.28 13.21 26.17
N PRO A 116 7.75 14.36 26.70
CA PRO A 116 6.90 15.48 27.02
C PRO A 116 6.24 16.13 25.84
N GLU A 117 6.86 16.00 24.68
CA GLU A 117 6.33 16.59 23.45
C GLU A 117 5.53 15.56 22.60
N ALA A 118 5.27 14.37 23.13
CA ALA A 118 4.46 13.38 22.41
C ALA A 118 3.01 13.79 22.19
N PHE A 119 2.41 13.25 21.12
CA PHE A 119 0.98 13.23 20.95
C PHE A 119 0.60 11.98 21.63
N VAL A 120 -0.28 12.09 22.64
CA VAL A 120 -0.66 10.91 23.42
C VAL A 120 -2.06 10.44 23.13
N ILE A 121 -2.22 9.16 22.79
CA ILE A 121 -3.51 8.58 22.51
C ILE A 121 -3.83 7.56 23.61
N CYS A 122 -4.85 7.83 24.41
CA CYS A 122 -5.25 6.93 25.48
C CYS A 122 -6.32 5.98 24.97
N ILE A 123 -6.15 4.69 25.30
CA ILE A 123 -7.15 3.67 24.99
C ILE A 123 -7.73 3.03 26.27
N THR A 124 -6.98 3.01 27.36
CA THR A 124 -7.38 2.41 28.63
C THR A 124 -8.77 2.79 29.09
N ASN A 125 -9.54 1.79 29.52
CA ASN A 125 -10.88 1.98 30.09
C ASN A 125 -10.97 2.21 31.61
N PRO A 126 -12.06 2.91 32.06
CA PRO A 126 -13.08 3.60 31.24
C PRO A 126 -12.52 4.88 30.65
N LEU A 127 -12.63 4.96 29.33
CA LEU A 127 -11.90 5.90 28.51
C LEU A 127 -12.08 7.37 28.84
N ASP A 128 -13.30 7.85 28.89
CA ASP A 128 -13.49 9.31 29.06
C ASP A 128 -12.88 9.80 30.36
N ALA A 129 -12.95 8.98 31.41
CA ALA A 129 -12.29 9.32 32.67
C ALA A 129 -10.77 9.10 32.62
N MET A 130 -10.33 7.94 32.16
CA MET A 130 -8.90 7.61 32.20
C MET A 130 -8.09 8.63 31.39
N VAL A 131 -8.57 9.06 30.22
CA VAL A 131 -7.82 10.02 29.40
C VAL A 131 -7.80 11.40 30.06
N TRP A 132 -8.91 11.74 30.71
CA TRP A 132 -8.97 12.95 31.57
C TRP A 132 -7.95 12.85 32.75
N ALA A 133 -7.85 11.71 33.41
CA ALA A 133 -6.87 11.55 34.52
C ALA A 133 -5.45 11.63 33.98
N LEU A 134 -5.26 11.04 32.79
CA LEU A 134 -3.96 10.94 32.17
C LEU A 134 -3.42 12.31 31.77
N GLN A 135 -4.23 13.18 31.20
CA GLN A 135 -3.61 14.49 30.96
C GLN A 135 -3.38 15.27 32.22
N LYS A 136 -4.17 15.07 33.27
CA LYS A 136 -3.92 15.85 34.53
C LYS A 136 -2.62 15.39 35.19
N PHE A 137 -2.46 14.09 35.29
CA PHE A 137 -1.32 13.46 35.91
C PHE A 137 -0.02 13.72 35.16
N SER A 138 -0.09 13.78 33.83
CA SER A 138 1.08 13.95 32.97
C SER A 138 1.46 15.43 32.87
N GLY A 139 0.45 16.31 32.87
CA GLY A 139 0.67 17.73 32.69
C GLY A 139 0.90 18.12 31.24
N LEU A 140 0.74 17.18 30.30
CA LEU A 140 0.90 17.57 28.88
C LEU A 140 -0.20 18.55 28.43
N PRO A 141 0.08 19.37 27.43
CA PRO A 141 -1.02 20.22 26.94
C PRO A 141 -2.19 19.35 26.45
N ALA A 142 -3.41 19.79 26.72
CA ALA A 142 -4.56 18.94 26.52
C ALA A 142 -4.75 18.66 25.02
N HIS A 143 -4.46 19.63 24.19
CA HIS A 143 -4.55 19.44 22.76
C HIS A 143 -3.54 18.40 22.21
N LYS A 144 -2.72 17.83 23.08
CA LYS A 144 -1.74 16.82 22.73
C LYS A 144 -2.04 15.49 23.38
N VAL A 145 -3.19 15.39 24.03
CA VAL A 145 -3.62 14.19 24.74
C VAL A 145 -5.08 13.93 24.36
N VAL A 146 -5.34 12.77 23.78
CA VAL A 146 -6.68 12.41 23.35
C VAL A 146 -6.96 10.98 23.67
N GLY A 147 -8.25 10.69 23.70
CA GLY A 147 -8.78 9.37 23.91
C GLY A 147 -9.37 8.80 22.62
N MET A 148 -9.09 7.52 22.36
CA MET A 148 -9.70 6.79 21.26
C MET A 148 -10.97 6.11 21.72
N ALA A 149 -12.09 6.48 21.11
CA ALA A 149 -13.39 5.83 21.39
C ALA A 149 -14.28 5.98 20.18
N GLY A 150 -14.52 7.21 19.76
CA GLY A 150 -15.38 7.44 18.61
C GLY A 150 -15.02 6.71 17.32
N VAL A 151 -13.75 6.70 16.94
CA VAL A 151 -13.37 6.10 15.67
C VAL A 151 -13.76 4.62 15.65
N LEU A 152 -13.60 3.95 16.79
CA LEU A 152 -14.00 2.57 16.93
C LEU A 152 -15.51 2.36 16.82
N ASP A 153 -16.29 3.16 17.53
CA ASP A 153 -17.76 3.06 17.46
C ASP A 153 -18.18 3.37 16.02
N SER A 154 -17.59 4.41 15.46
CA SER A 154 -17.87 4.78 14.10
C SER A 154 -17.54 3.64 13.09
N ALA A 155 -16.41 2.99 13.26
CA ALA A 155 -16.05 1.80 12.46
C ALA A 155 -17.08 0.66 12.55
N ARG A 156 -17.52 0.33 13.77
CA ARG A 156 -18.52 -0.73 13.92
C ARG A 156 -19.83 -0.35 13.19
N PHE A 157 -20.29 0.87 13.44
CA PHE A 157 -21.56 1.38 12.93
C PHE A 157 -21.51 1.35 11.41
N ARG A 158 -20.43 1.89 10.85
CA ARG A 158 -20.21 1.84 9.42
C ARG A 158 -20.18 0.43 8.92
N TYR A 159 -19.46 -0.46 9.60
CA TYR A 159 -19.47 -1.87 9.13
C TYR A 159 -20.88 -2.49 9.08
N PHE A 160 -21.68 -2.28 10.13
CA PHE A 160 -23.01 -2.83 10.19
C PHE A 160 -23.88 -2.24 9.10
N LEU A 161 -23.77 -0.93 8.87
CA LEU A 161 -24.57 -0.31 7.81
C LEU A 161 -24.18 -0.85 6.40
N SER A 162 -22.92 -1.21 6.20
CA SER A 162 -22.46 -1.64 4.89
C SER A 162 -23.04 -2.99 4.58
N GLU A 163 -23.15 -3.82 5.62
CA GLU A 163 -23.77 -5.13 5.55
C GLU A 163 -25.27 -4.94 5.25
N GLU A 164 -25.92 -4.13 6.06
CA GLU A 164 -27.35 -3.82 5.87
C GLU A 164 -27.66 -3.33 4.46
N PHE A 165 -26.80 -2.48 3.89
CA PHE A 165 -27.06 -1.87 2.57
C PHE A 165 -26.33 -2.57 1.42
N ASN A 166 -25.36 -3.42 1.75
CA ASN A 166 -24.57 -4.12 0.74
C ASN A 166 -23.84 -3.12 -0.17
N VAL A 167 -23.20 -2.11 0.45
CA VAL A 167 -22.33 -1.18 -0.26
C VAL A 167 -20.95 -1.17 0.40
N SER A 168 -19.95 -0.63 -0.28
CA SER A 168 -18.60 -0.51 0.28
C SER A 168 -18.61 0.13 1.64
N VAL A 169 -17.77 -0.35 2.57
CA VAL A 169 -17.56 0.38 3.83
C VAL A 169 -17.00 1.77 3.56
N GLU A 170 -16.38 1.99 2.43
CA GLU A 170 -15.80 3.28 2.14
C GLU A 170 -16.86 4.33 1.83
N ASP A 171 -18.06 3.92 1.46
CA ASP A 171 -19.08 4.91 1.15
C ASP A 171 -20.06 5.17 2.26
N VAL A 172 -19.83 4.59 3.43
CA VAL A 172 -20.65 4.88 4.58
C VAL A 172 -19.96 5.86 5.50
N THR A 173 -20.69 6.88 5.91
CA THR A 173 -20.17 7.90 6.79
C THR A 173 -21.08 7.91 8.01
N VAL A 174 -20.50 7.98 9.21
CA VAL A 174 -21.29 8.15 10.40
C VAL A 174 -20.74 9.29 11.31
N PHE A 175 -21.63 9.88 12.09
CA PHE A 175 -21.31 11.03 12.94
C PHE A 175 -21.63 10.63 14.38
N VAL A 176 -20.62 10.41 15.20
CA VAL A 176 -20.89 10.06 16.59
C VAL A 176 -20.13 10.92 17.59
N LEU A 177 -20.83 11.22 18.70
CA LEU A 177 -20.33 12.07 19.75
C LEU A 177 -20.42 11.21 20.97
N GLY A 178 -19.79 11.68 22.06
CA GLY A 178 -19.78 10.98 23.35
C GLY A 178 -18.88 9.76 23.36
N GLY A 179 -19.14 8.84 24.29
CA GLY A 179 -18.32 7.64 24.43
C GLY A 179 -19.03 6.39 24.03
N HIS A 180 -18.56 5.25 24.51
CA HIS A 180 -19.13 3.93 24.21
C HIS A 180 -20.46 3.68 24.94
N GLY A 181 -21.17 2.64 24.51
CA GLY A 181 -22.35 2.16 25.21
C GLY A 181 -23.48 3.18 25.32
N ASP A 182 -23.91 3.45 26.55
CA ASP A 182 -25.04 4.35 26.77
C ASP A 182 -24.61 5.79 26.61
N SER A 183 -23.31 6.03 26.69
CA SER A 183 -22.80 7.37 26.52
C SER A 183 -22.66 7.79 25.05
N MET A 184 -22.82 6.86 24.10
CA MET A 184 -22.72 7.21 22.67
C MET A 184 -23.90 8.03 22.27
N VAL A 185 -23.63 9.05 21.46
CA VAL A 185 -24.65 9.93 20.93
C VAL A 185 -24.50 9.99 19.39
N PRO A 186 -25.18 9.10 18.68
CA PRO A 186 -25.08 9.10 17.23
C PRO A 186 -25.98 10.13 16.61
N LEU A 187 -25.57 10.74 15.49
CA LEU A 187 -26.49 11.57 14.71
C LEU A 187 -26.77 10.90 13.36
N ALA A 188 -27.86 10.13 13.32
CA ALA A 188 -28.32 9.50 12.07
C ALA A 188 -28.43 10.52 10.92
N ARG A 189 -28.85 11.73 11.22
CA ARG A 189 -29.09 12.74 10.16
C ARG A 189 -27.80 13.29 9.56
N TYR A 190 -26.68 13.14 10.27
CA TYR A 190 -25.37 13.53 9.75
C TYR A 190 -24.55 12.29 9.44
N SER A 191 -25.23 11.15 9.35
CA SER A 191 -24.65 9.89 8.89
C SER A 191 -25.21 9.56 7.48
N THR A 192 -24.41 8.99 6.59
CA THR A 192 -24.78 8.87 5.18
C THR A 192 -24.26 7.64 4.47
N VAL A 193 -24.91 7.33 3.34
CA VAL A 193 -24.32 6.56 2.29
C VAL A 193 -24.12 7.47 1.08
N ALA A 194 -22.87 7.70 0.68
CA ALA A 194 -22.52 8.62 -0.46
C ALA A 194 -23.12 10.01 -0.29
N GLY A 195 -23.33 10.44 0.96
CA GLY A 195 -23.89 11.76 1.24
C GLY A 195 -25.41 11.81 1.38
N ILE A 196 -26.08 10.69 1.08
CA ILE A 196 -27.51 10.58 1.30
C ILE A 196 -27.70 10.25 2.76
N PRO A 197 -28.33 11.15 3.52
CA PRO A 197 -28.49 10.88 4.97
C PRO A 197 -29.33 9.66 5.28
N LEU A 198 -29.01 8.98 6.36
CA LEU A 198 -29.73 7.78 6.74
C LEU A 198 -31.25 7.94 6.78
N PRO A 199 -31.78 9.04 7.36
CA PRO A 199 -33.24 9.22 7.32
C PRO A 199 -33.84 9.18 5.93
N ASP A 200 -33.13 9.74 4.94
CA ASP A 200 -33.60 9.70 3.56
C ASP A 200 -33.49 8.28 3.00
N LEU A 201 -32.46 7.53 3.40
CA LEU A 201 -32.36 6.16 2.97
C LEU A 201 -33.51 5.33 3.53
N VAL A 202 -33.88 5.60 4.79
CA VAL A 202 -35.04 4.95 5.39
C VAL A 202 -36.31 5.33 4.61
N LYS A 203 -36.46 6.60 4.25
CA LYS A 203 -37.63 7.00 3.49
C LYS A 203 -37.72 6.22 2.19
N MET A 204 -36.57 5.95 1.57
CA MET A 204 -36.52 5.22 0.33
C MET A 204 -36.65 3.71 0.49
N GLY A 205 -36.72 3.17 1.70
CA GLY A 205 -36.88 1.73 1.82
C GLY A 205 -35.58 0.91 1.91
N TRP A 206 -34.41 1.54 2.01
CA TRP A 206 -33.15 0.77 2.12
C TRP A 206 -33.11 -0.10 3.36
N THR A 207 -33.65 0.45 4.44
CA THR A 207 -33.88 -0.29 5.64
C THR A 207 -35.03 0.36 6.40
N SER A 208 -35.44 -0.22 7.51
CA SER A 208 -36.48 0.37 8.34
C SER A 208 -35.91 1.09 9.55
N GLN A 209 -36.72 1.95 10.17
CA GLN A 209 -36.29 2.66 11.38
C GLN A 209 -35.99 1.64 12.47
N ASP A 210 -36.78 0.58 12.57
CA ASP A 210 -36.55 -0.39 13.63
C ASP A 210 -35.21 -1.06 13.44
N LYS A 211 -34.87 -1.36 12.20
CA LYS A 211 -33.57 -1.90 11.89
C LYS A 211 -32.40 -0.95 12.15
N LEU A 212 -32.55 0.32 11.79
CA LEU A 212 -31.52 1.30 12.10
C LEU A 212 -31.25 1.41 13.62
N ASP A 213 -32.32 1.41 14.41
CA ASP A 213 -32.24 1.44 15.87
C ASP A 213 -31.49 0.26 16.39
N LYS A 214 -31.77 -0.91 15.85
CA LYS A 214 -31.09 -2.15 16.26
C LYS A 214 -29.62 -2.13 15.90
N ILE A 215 -29.29 -1.53 14.75
CA ILE A 215 -27.92 -1.32 14.36
C ILE A 215 -27.21 -0.34 15.32
N ILE A 216 -27.86 0.76 15.67
CA ILE A 216 -27.33 1.67 16.69
C ILE A 216 -27.08 0.97 18.04
N GLN A 217 -28.04 0.16 18.48
CA GLN A 217 -27.88 -0.61 19.70
C GLN A 217 -26.68 -1.60 19.63
N ARG A 218 -26.54 -2.28 18.49
CA ARG A 218 -25.43 -3.20 18.26
C ARG A 218 -24.12 -2.47 18.39
N THR A 219 -24.07 -1.24 17.85
CA THR A 219 -22.93 -0.36 18.02
C THR A 219 -22.65 -0.04 19.54
N ARG A 220 -23.66 0.47 20.25
CA ARG A 220 -23.56 0.61 21.74
C ARG A 220 -23.00 -0.61 22.44
N ASP A 221 -23.46 -1.81 22.08
CA ASP A 221 -22.99 -3.05 22.69
C ASP A 221 -21.83 -3.74 21.99
N GLY A 222 -21.15 -3.03 21.08
CA GLY A 222 -20.23 -3.70 20.17
C GLY A 222 -19.04 -4.36 20.84
N GLY A 223 -18.46 -3.66 21.81
CA GLY A 223 -17.39 -4.20 22.67
C GLY A 223 -17.82 -5.47 23.37
N ALA A 224 -19.01 -5.45 23.98
CA ALA A 224 -19.51 -6.64 24.71
C ALA A 224 -19.82 -7.84 23.81
N GLU A 225 -20.26 -7.59 22.57
CA GLU A 225 -20.45 -8.67 21.59
C GLU A 225 -19.14 -9.50 21.35
N ILE A 226 -18.02 -8.80 21.20
CA ILE A 226 -16.76 -9.47 20.89
C ILE A 226 -16.36 -10.26 22.14
N VAL A 227 -16.47 -9.63 23.31
CA VAL A 227 -16.24 -10.36 24.57
C VAL A 227 -17.06 -11.62 24.62
N GLY A 228 -18.30 -11.55 24.18
CA GLY A 228 -19.19 -12.69 24.28
C GLY A 228 -18.78 -13.81 23.36
N LEU A 229 -18.22 -13.47 22.19
CA LEU A 229 -17.69 -14.50 21.29
C LEU A 229 -16.31 -15.01 21.75
N LEU A 230 -15.38 -14.13 22.08
CA LEU A 230 -14.03 -14.61 22.48
C LEU A 230 -13.99 -15.30 23.87
N LYS A 231 -14.81 -14.80 24.80
CA LYS A 231 -14.94 -15.29 26.19
C LYS A 231 -13.79 -14.89 27.12
N THR A 232 -12.54 -15.17 26.74
CA THR A 232 -11.39 -14.86 27.61
C THR A 232 -10.69 -13.50 27.40
N GLY A 233 -11.05 -12.76 26.35
CA GLY A 233 -10.47 -11.42 26.16
C GLY A 233 -11.42 -10.49 25.39
N SER A 234 -10.98 -9.27 25.11
CA SER A 234 -11.80 -8.35 24.35
C SER A 234 -11.22 -7.98 22.95
N ALA A 235 -11.92 -7.11 22.22
CA ALA A 235 -11.56 -6.72 20.85
C ALA A 235 -10.16 -6.11 20.81
N PHE A 236 -9.39 -6.44 19.76
CA PHE A 236 -8.06 -5.82 19.60
C PHE A 236 -7.74 -5.34 18.17
N TYR A 237 -8.28 -6.01 17.18
CA TYR A 237 -8.07 -5.59 15.81
C TYR A 237 -8.65 -4.21 15.50
N ALA A 238 -9.95 -4.03 15.67
CA ALA A 238 -10.58 -2.73 15.33
C ALA A 238 -10.14 -1.62 16.28
N PRO A 239 -10.02 -1.90 17.58
CA PRO A 239 -9.41 -0.84 18.46
C PRO A 239 -8.00 -0.45 18.02
N ALA A 240 -7.17 -1.42 17.68
CA ALA A 240 -5.82 -1.04 17.22
C ALA A 240 -5.88 -0.17 15.92
N ALA A 241 -6.62 -0.65 14.92
CA ALA A 241 -6.76 0.07 13.64
C ALA A 241 -7.20 1.51 13.87
N SER A 242 -8.16 1.68 14.76
CA SER A 242 -8.72 3.01 15.07
C SER A 242 -7.71 4.00 15.64
N ALA A 243 -6.93 3.57 16.61
CA ALA A 243 -5.86 4.39 17.19
C ALA A 243 -4.76 4.69 16.19
N ILE A 244 -4.37 3.70 15.40
CA ILE A 244 -3.35 3.93 14.33
C ILE A 244 -3.85 4.99 13.36
N GLN A 245 -5.15 5.01 13.09
CA GLN A 245 -5.67 6.10 12.20
C GLN A 245 -5.48 7.49 12.82
N MET A 246 -5.73 7.59 14.11
CA MET A 246 -5.47 8.83 14.87
C MET A 246 -3.97 9.18 14.86
N ALA A 247 -3.12 8.20 15.13
CA ALA A 247 -1.67 8.48 15.12
C ALA A 247 -1.25 8.99 13.72
N GLU A 248 -1.76 8.32 12.68
CA GLU A 248 -1.38 8.64 11.31
C GLU A 248 -1.75 10.04 10.92
N SER A 249 -2.94 10.48 11.33
CA SER A 249 -3.36 11.85 11.04
C SER A 249 -2.37 12.85 11.66
N TYR A 250 -1.89 12.55 12.85
CA TYR A 250 -0.88 13.39 13.49
C TYR A 250 0.46 13.35 12.73
N LEU A 251 0.99 12.15 12.52
CA LEU A 251 2.29 11.96 11.93
C LEU A 251 2.33 12.60 10.53
N LYS A 252 1.23 12.54 9.79
CA LYS A 252 1.25 12.97 8.40
C LYS A 252 0.57 14.31 8.20
N ASP A 253 0.20 14.98 9.28
CA ASP A 253 -0.48 16.29 9.24
C ASP A 253 -1.66 16.27 8.27
N LYS A 254 -2.51 15.28 8.44
CA LYS A 254 -3.55 14.97 7.47
C LYS A 254 -4.80 15.86 7.61
N LYS A 255 -5.10 16.32 8.81
CA LYS A 255 -6.24 17.17 9.06
C LYS A 255 -7.51 16.35 8.85
N ARG A 256 -7.45 15.06 9.20
CA ARG A 256 -8.67 14.25 9.23
C ARG A 256 -9.61 14.80 10.30
N VAL A 257 -10.90 14.63 10.08
CA VAL A 257 -11.92 14.99 11.03
C VAL A 257 -12.35 13.69 11.69
N LEU A 258 -11.97 13.51 12.95
CA LEU A 258 -12.15 12.27 13.65
C LEU A 258 -12.88 12.46 14.98
N PRO A 259 -13.79 11.54 15.32
CA PRO A 259 -14.43 11.57 16.59
C PRO A 259 -13.48 11.00 17.64
N VAL A 260 -13.08 11.87 18.57
CA VAL A 260 -12.08 11.55 19.57
C VAL A 260 -12.47 12.17 20.93
N ALA A 261 -12.05 11.57 22.03
CA ALA A 261 -12.20 12.18 23.35
C ALA A 261 -11.17 13.32 23.44
N ALA A 262 -11.66 14.57 23.46
CA ALA A 262 -10.82 15.77 23.54
C ALA A 262 -11.26 16.68 24.69
N GLN A 263 -10.36 17.57 25.11
CA GLN A 263 -10.69 18.51 26.17
C GLN A 263 -11.53 19.66 25.63
N LEU A 264 -12.75 19.78 26.17
CA LEU A 264 -13.60 20.89 25.77
C LEU A 264 -13.38 22.08 26.71
N SER A 265 -13.32 23.29 26.16
CA SER A 265 -13.16 24.47 26.98
C SER A 265 -14.13 25.52 26.50
N GLY A 266 -15.43 25.20 26.62
CA GLY A 266 -16.53 26.12 26.23
C GLY A 266 -17.54 25.50 25.28
N GLN A 267 -17.02 24.74 24.31
CA GLN A 267 -17.83 24.15 23.22
C GLN A 267 -18.93 23.28 23.77
N TYR A 268 -20.09 23.31 23.13
CA TYR A 268 -21.26 22.56 23.61
C TYR A 268 -21.59 22.86 25.08
N GLY A 269 -21.02 23.95 25.61
CA GLY A 269 -21.21 24.36 26.98
C GLY A 269 -20.55 23.47 28.00
N VAL A 270 -19.48 22.79 27.59
CA VAL A 270 -18.69 21.95 28.50
C VAL A 270 -17.33 22.59 28.72
N LYS A 271 -16.85 22.56 29.95
CA LYS A 271 -15.51 23.09 30.30
C LYS A 271 -14.71 22.13 31.19
N ASP A 272 -13.39 22.27 31.14
CA ASP A 272 -12.45 21.37 31.80
C ASP A 272 -12.86 19.91 31.85
N MET A 273 -13.19 19.32 30.72
CA MET A 273 -13.54 17.90 30.70
C MET A 273 -13.34 17.31 29.31
N TYR A 274 -13.20 15.99 29.28
CA TYR A 274 -12.94 15.22 28.07
C TYR A 274 -14.24 14.59 27.62
N VAL A 275 -14.59 14.87 26.37
CA VAL A 275 -15.84 14.43 25.74
C VAL A 275 -15.55 14.08 24.28
N GLY A 276 -16.27 13.08 23.78
CA GLY A 276 -16.15 12.63 22.41
C GLY A 276 -16.74 13.64 21.44
N VAL A 277 -15.89 14.27 20.65
CA VAL A 277 -16.33 15.30 19.75
C VAL A 277 -15.60 15.15 18.42
N PRO A 278 -16.09 15.83 17.39
CA PRO A 278 -15.39 15.80 16.15
C PRO A 278 -14.24 16.78 16.19
N THR A 279 -13.05 16.27 15.85
CA THR A 279 -11.82 17.03 15.92
C THR A 279 -11.05 16.96 14.59
N VAL A 280 -10.35 18.03 14.25
CA VAL A 280 -9.38 17.98 13.18
C VAL A 280 -8.02 17.65 13.80
N ILE A 281 -7.41 16.51 13.42
CA ILE A 281 -6.13 16.10 13.97
C ILE A 281 -5.01 16.28 12.95
N GLY A 282 -4.11 17.21 13.25
CA GLY A 282 -2.94 17.46 12.46
C GLY A 282 -1.67 17.44 13.28
N ALA A 283 -0.63 18.01 12.69
CA ALA A 283 0.72 17.93 13.23
C ALA A 283 0.82 18.65 14.58
N ASN A 284 -0.17 19.50 14.88
CA ASN A 284 -0.25 20.09 16.19
C ASN A 284 -1.32 19.55 17.05
N GLY A 285 -1.65 18.29 16.88
CA GLY A 285 -2.58 17.60 17.79
C GLY A 285 -4.01 17.95 17.45
N VAL A 286 -4.82 18.20 18.46
CA VAL A 286 -6.17 18.67 18.21
C VAL A 286 -6.06 20.11 17.76
N GLU A 287 -6.31 20.35 16.48
CA GLU A 287 -6.21 21.71 15.93
C GLU A 287 -7.54 22.49 15.90
N ARG A 288 -8.68 21.80 15.86
CA ARG A 288 -9.98 22.45 15.93
C ARG A 288 -10.92 21.46 16.51
N ILE A 289 -11.88 21.94 17.29
CA ILE A 289 -12.96 21.09 17.75
C ILE A 289 -14.18 21.63 17.06
N ILE A 290 -14.91 20.76 16.34
CA ILE A 290 -16.02 21.21 15.54
C ILE A 290 -17.29 21.22 16.38
N GLU A 291 -17.93 22.38 16.41
CA GLU A 291 -19.13 22.61 17.25
C GLU A 291 -20.35 22.64 16.35
N ILE A 292 -21.11 21.56 16.32
CA ILE A 292 -22.31 21.58 15.49
C ILE A 292 -23.45 22.16 16.32
N ASP A 293 -24.52 22.51 15.62
CA ASP A 293 -25.72 23.04 16.25
C ASP A 293 -26.65 21.85 16.41
N LEU A 294 -26.73 21.32 17.63
CA LEU A 294 -27.59 20.17 17.94
C LEU A 294 -29.06 20.59 18.09
N ASP A 295 -29.98 19.65 17.84
CA ASP A 295 -31.41 19.93 18.01
C ASP A 295 -31.78 19.52 19.42
N LYS A 296 -33.05 19.65 19.79
CA LYS A 296 -33.40 19.54 21.20
C LYS A 296 -33.19 18.11 21.71
N ASP A 297 -33.61 17.13 20.93
CA ASP A 297 -33.42 15.74 21.34
C ASP A 297 -31.90 15.37 21.43
N GLU A 298 -31.10 15.92 20.52
CA GLU A 298 -29.70 15.61 20.43
C GLU A 298 -28.98 16.23 21.60
N LYS A 299 -29.35 17.48 21.90
CA LYS A 299 -28.83 18.23 23.02
C LYS A 299 -29.13 17.52 24.32
N ALA A 300 -30.35 17.07 24.48
CA ALA A 300 -30.72 16.29 25.67
C ALA A 300 -29.79 15.11 25.86
N GLN A 301 -29.60 14.32 24.81
CA GLN A 301 -28.81 13.07 24.92
C GLN A 301 -27.32 13.38 25.17
N PHE A 302 -26.84 14.45 24.53
CA PHE A 302 -25.46 14.90 24.73
C PHE A 302 -25.21 15.35 26.18
N ASP A 303 -26.08 16.24 26.67
CA ASP A 303 -26.02 16.74 28.07
C ASP A 303 -26.14 15.59 29.07
N LYS A 304 -26.94 14.58 28.74
CA LYS A 304 -27.01 13.37 29.58
C LYS A 304 -25.69 12.61 29.60
N SER A 305 -25.05 12.53 28.42
CA SER A 305 -23.81 11.81 28.28
C SER A 305 -22.69 12.54 29.00
N VAL A 306 -22.63 13.85 28.83
CA VAL A 306 -21.59 14.69 29.47
C VAL A 306 -21.70 14.63 30.99
N ALA A 307 -22.94 14.68 31.50
CA ALA A 307 -23.23 14.49 32.93
C ALA A 307 -22.79 13.12 33.48
N SER A 308 -22.97 12.07 32.70
CA SER A 308 -22.55 10.75 33.14
C SER A 308 -21.01 10.65 33.26
N VAL A 309 -20.31 11.39 32.40
CA VAL A 309 -18.85 11.40 32.37
C VAL A 309 -18.30 12.22 33.55
N ALA A 310 -18.95 13.35 33.85
CA ALA A 310 -18.61 14.16 35.03
C ALA A 310 -18.74 13.32 36.29
N GLY A 311 -19.83 12.57 36.39
CA GLY A 311 -20.03 11.64 37.51
C GLY A 311 -18.85 10.70 37.70
N LEU A 312 -18.33 10.16 36.60
CA LEU A 312 -17.20 9.26 36.66
C LEU A 312 -15.93 10.00 37.10
N CYS A 313 -15.73 11.20 36.55
CA CYS A 313 -14.59 12.02 36.90
C CYS A 313 -14.60 12.37 38.38
N GLU A 314 -15.78 12.69 38.91
CA GLU A 314 -15.91 12.96 40.34
C GLU A 314 -15.59 11.70 41.17
N ALA A 315 -16.09 10.53 40.77
CA ALA A 315 -15.67 9.30 41.41
C ALA A 315 -14.12 9.14 41.43
N CYS A 316 -13.46 9.53 40.34
CA CYS A 316 -11.98 9.49 40.26
C CYS A 316 -11.31 10.46 41.24
N ILE A 317 -11.81 11.69 41.31
CA ILE A 317 -11.36 12.69 42.30
C ILE A 317 -11.56 12.16 43.73
N GLY A 318 -12.61 11.39 43.94
CA GLY A 318 -12.83 10.73 45.23
C GLY A 318 -11.66 9.83 45.57
N ILE A 319 -11.42 8.85 44.70
CA ILE A 319 -10.35 7.86 44.86
C ILE A 319 -8.96 8.47 44.77
N ALA A 320 -8.77 9.46 43.90
CA ALA A 320 -7.46 10.11 43.76
C ALA A 320 -7.60 11.64 43.74
N PRO A 321 -7.65 12.26 44.95
CA PRO A 321 -7.94 13.70 45.14
C PRO A 321 -6.83 14.62 44.66
N SER A 322 -5.65 14.04 44.52
CA SER A 322 -4.59 14.57 43.67
C SER A 322 -5.15 15.29 42.41
N LEU A 323 -6.12 14.67 41.72
CA LEU A 323 -6.69 15.23 40.49
C LEU A 323 -7.33 16.59 40.72
N ALA B 6 -16.74 -12.60 -8.28
CA ALA B 6 -16.14 -13.68 -7.48
C ALA B 6 -14.82 -13.17 -6.84
N ARG B 7 -14.83 -12.93 -5.55
CA ARG B 7 -13.59 -12.68 -4.85
C ARG B 7 -12.87 -13.98 -4.62
N ASN B 8 -11.55 -13.96 -4.56
CA ASN B 8 -10.83 -15.09 -4.00
C ASN B 8 -11.36 -15.42 -2.59
N LYS B 9 -11.30 -16.69 -2.23
CA LYS B 9 -11.69 -17.13 -0.89
C LYS B 9 -10.50 -17.81 -0.18
N ILE B 10 -10.19 -17.36 1.02
CA ILE B 10 -9.09 -17.91 1.80
C ILE B 10 -9.62 -18.56 3.06
N ALA B 11 -9.37 -19.86 3.22
CA ALA B 11 -9.81 -20.57 4.44
C ALA B 11 -8.65 -20.79 5.43
N LEU B 12 -8.83 -20.39 6.67
CA LEU B 12 -7.81 -20.50 7.68
C LEU B 12 -8.27 -21.57 8.68
N ILE B 13 -7.62 -22.72 8.65
CA ILE B 13 -7.98 -23.80 9.57
C ILE B 13 -7.10 -23.73 10.81
N GLY B 14 -7.67 -23.18 11.86
CA GLY B 14 -6.92 -22.74 13.00
C GLY B 14 -7.10 -21.23 13.14
N SER B 15 -7.66 -20.85 14.29
CA SER B 15 -7.98 -19.46 14.64
C SER B 15 -7.31 -18.98 15.93
N GLY B 16 -6.18 -19.63 16.23
CA GLY B 16 -5.20 -19.10 17.19
C GLY B 16 -4.55 -17.81 16.78
N MET B 17 -3.47 -17.49 17.47
CA MET B 17 -2.72 -16.27 17.20
C MET B 17 -2.22 -16.19 15.74
N ILE B 18 -1.72 -17.28 15.19
CA ILE B 18 -1.27 -17.22 13.81
C ILE B 18 -2.47 -17.03 12.89
N GLY B 19 -3.51 -17.83 13.11
CA GLY B 19 -4.69 -17.80 12.27
C GLY B 19 -5.32 -16.41 12.18
N GLY B 20 -5.43 -15.76 13.32
CA GLY B 20 -5.93 -14.39 13.39
C GLY B 20 -5.08 -13.37 12.65
N THR B 21 -3.77 -13.53 12.74
CA THR B 21 -2.82 -12.64 12.08
C THR B 21 -2.89 -12.87 10.59
N LEU B 22 -3.02 -14.13 10.15
CA LEU B 22 -3.22 -14.42 8.74
C LEU B 22 -4.45 -13.70 8.19
N ALA B 23 -5.53 -13.74 8.95
CA ALA B 23 -6.79 -13.15 8.56
C ALA B 23 -6.62 -11.65 8.46
N HIS B 24 -5.96 -11.04 9.44
CA HIS B 24 -5.76 -9.58 9.41
C HIS B 24 -4.94 -9.13 8.21
N LEU B 25 -3.86 -9.84 7.92
CA LEU B 25 -3.03 -9.55 6.76
C LEU B 25 -3.77 -9.75 5.43
N ALA B 26 -4.52 -10.84 5.34
CA ALA B 26 -5.31 -11.14 4.14
C ALA B 26 -6.31 -10.00 3.91
N GLY B 27 -6.88 -9.49 5.00
CA GLY B 27 -7.75 -8.31 4.93
C GLY B 27 -7.05 -7.07 4.44
N LEU B 28 -5.93 -6.73 5.13
CA LEU B 28 -5.18 -5.51 4.84
C LEU B 28 -4.61 -5.51 3.42
N LYS B 29 -4.17 -6.65 2.97
CA LYS B 29 -3.61 -6.77 1.63
C LYS B 29 -4.66 -7.11 0.56
N GLU B 30 -5.93 -7.12 0.95
CA GLU B 30 -7.03 -7.27 0.01
C GLU B 30 -6.91 -8.56 -0.80
N LEU B 31 -6.60 -9.66 -0.11
CA LEU B 31 -6.32 -10.92 -0.81
C LEU B 31 -7.58 -11.68 -1.07
N GLY B 32 -8.64 -11.35 -0.36
CA GLY B 32 -9.93 -11.89 -0.67
C GLY B 32 -10.79 -12.02 0.54
N ASP B 33 -11.90 -12.74 0.40
CA ASP B 33 -12.78 -13.07 1.52
C ASP B 33 -12.11 -14.14 2.39
N VAL B 34 -12.40 -14.11 3.68
CA VAL B 34 -11.72 -14.94 4.66
C VAL B 34 -12.71 -15.73 5.52
N VAL B 35 -12.41 -17.03 5.67
CA VAL B 35 -13.12 -17.93 6.57
C VAL B 35 -12.17 -18.41 7.64
N LEU B 36 -12.50 -18.13 8.89
CA LEU B 36 -11.75 -18.60 10.01
C LEU B 36 -12.44 -19.85 10.55
N PHE B 37 -11.77 -20.98 10.43
CA PHE B 37 -12.27 -22.22 10.98
C PHE B 37 -11.50 -22.62 12.24
N ASP B 38 -12.23 -23.22 13.17
CA ASP B 38 -11.63 -23.80 14.38
C ASP B 38 -12.65 -24.75 15.00
N ILE B 39 -12.21 -25.66 15.86
CA ILE B 39 -13.17 -26.49 16.60
C ILE B 39 -13.76 -25.72 17.77
N ALA B 40 -12.99 -24.77 18.30
CA ALA B 40 -13.42 -23.93 19.44
C ALA B 40 -14.50 -22.94 19.01
N GLU B 41 -15.67 -23.05 19.64
CA GLU B 41 -16.82 -22.17 19.34
C GLU B 41 -16.57 -20.78 19.85
N GLY B 42 -16.95 -19.78 19.07
CA GLY B 42 -16.81 -18.40 19.50
C GLY B 42 -15.57 -17.65 19.01
N THR B 43 -14.42 -18.31 19.11
CA THR B 43 -13.13 -17.66 18.79
C THR B 43 -13.04 -17.17 17.33
N PRO B 44 -13.28 -18.08 16.36
CA PRO B 44 -13.22 -17.67 14.95
C PRO B 44 -14.19 -16.58 14.64
N GLN B 45 -15.39 -16.67 15.23
CA GLN B 45 -16.48 -15.74 15.01
C GLN B 45 -16.09 -14.39 15.58
N GLY B 46 -15.45 -14.40 16.73
CA GLY B 46 -15.12 -13.14 17.39
C GLY B 46 -13.97 -12.40 16.71
N LYS B 47 -12.93 -13.15 16.35
CA LYS B 47 -11.81 -12.57 15.61
C LYS B 47 -12.25 -12.06 14.23
N GLY B 48 -13.06 -12.86 13.55
CA GLY B 48 -13.56 -12.48 12.24
C GLY B 48 -14.37 -11.18 12.31
N LEU B 49 -15.29 -11.10 13.26
CA LEU B 49 -16.08 -9.89 13.40
C LEU B 49 -15.22 -8.69 13.78
N ASP B 50 -14.23 -8.87 14.66
CA ASP B 50 -13.32 -7.79 15.09
C ASP B 50 -12.54 -7.27 13.85
N ILE B 51 -12.02 -8.19 13.06
CA ILE B 51 -11.31 -7.77 11.84
C ILE B 51 -12.25 -7.06 10.87
N ALA B 52 -13.48 -7.56 10.73
CA ALA B 52 -14.47 -6.96 9.80
C ALA B 52 -14.83 -5.54 10.21
N GLU B 53 -14.97 -5.36 11.51
CA GLU B 53 -15.29 -4.07 12.07
C GLU B 53 -14.15 -3.08 11.93
N SER B 54 -12.94 -3.59 11.73
CA SER B 54 -11.78 -2.72 11.59
C SER B 54 -11.70 -2.26 10.16
N SER B 55 -12.41 -2.93 9.24
CA SER B 55 -12.22 -2.67 7.82
C SER B 55 -12.59 -1.25 7.33
N PRO B 56 -13.63 -0.62 7.91
CA PRO B 56 -13.88 0.74 7.44
C PRO B 56 -12.72 1.69 7.69
N VAL B 57 -11.89 1.39 8.67
CA VAL B 57 -10.82 2.31 9.00
C VAL B 57 -9.92 2.45 7.80
N ASP B 58 -9.36 1.33 7.32
CA ASP B 58 -8.50 1.35 6.10
C ASP B 58 -9.28 1.20 4.77
N GLY B 59 -10.53 0.75 4.82
CA GLY B 59 -11.33 0.72 3.61
C GLY B 59 -11.16 -0.48 2.71
N PHE B 60 -10.71 -1.61 3.24
CA PHE B 60 -10.74 -2.82 2.47
C PHE B 60 -12.13 -3.43 2.62
N ASP B 61 -12.63 -3.99 1.52
CA ASP B 61 -13.90 -4.67 1.53
C ASP B 61 -13.61 -6.15 1.39
N ALA B 62 -13.84 -6.87 2.49
CA ALA B 62 -13.76 -8.33 2.56
C ALA B 62 -14.76 -8.82 3.62
N LYS B 63 -15.34 -10.00 3.35
CA LYS B 63 -16.16 -10.71 4.32
C LYS B 63 -15.24 -11.58 5.19
N PHE B 64 -15.54 -11.59 6.49
CA PHE B 64 -14.89 -12.45 7.46
C PHE B 64 -15.93 -13.33 8.11
N THR B 65 -15.91 -14.63 7.78
CA THR B 65 -16.84 -15.60 8.37
C THR B 65 -16.10 -16.48 9.37
N GLY B 66 -16.62 -16.60 10.58
CA GLY B 66 -16.10 -17.52 11.58
C GLY B 66 -16.94 -18.79 11.59
N ALA B 67 -16.31 -19.97 11.54
CA ALA B 67 -17.00 -21.25 11.40
C ALA B 67 -16.40 -22.40 12.25
N ASN B 68 -17.30 -23.31 12.62
CA ASN B 68 -16.94 -24.57 13.29
C ASN B 68 -17.30 -25.79 12.42
N ASP B 69 -17.70 -25.58 11.19
CA ASP B 69 -18.04 -26.66 10.29
C ASP B 69 -17.16 -26.51 9.06
N TYR B 70 -16.52 -27.61 8.63
CA TYR B 70 -15.69 -27.61 7.40
C TYR B 70 -16.43 -27.19 6.14
N ALA B 71 -17.75 -27.31 6.13
CA ALA B 71 -18.53 -26.95 4.94
C ALA B 71 -18.32 -25.47 4.61
N ALA B 72 -18.11 -24.68 5.64
CA ALA B 72 -17.76 -23.27 5.47
C ALA B 72 -16.55 -22.98 4.54
N ILE B 73 -15.68 -23.95 4.28
CA ILE B 73 -14.47 -23.70 3.48
C ILE B 73 -14.70 -24.05 2.01
N GLU B 74 -15.93 -24.41 1.67
CA GLU B 74 -16.27 -24.88 0.32
C GLU B 74 -15.75 -23.91 -0.72
N GLY B 75 -15.01 -24.43 -1.71
CA GLY B 75 -14.57 -23.66 -2.85
C GLY B 75 -13.37 -22.72 -2.63
N ALA B 76 -12.65 -22.90 -1.53
CA ALA B 76 -11.62 -21.98 -1.07
C ALA B 76 -10.50 -22.08 -2.05
N ASP B 77 -9.95 -20.95 -2.44
CA ASP B 77 -8.82 -20.94 -3.35
C ASP B 77 -7.53 -21.27 -2.64
N VAL B 78 -7.39 -20.88 -1.40
CA VAL B 78 -6.21 -21.17 -0.67
C VAL B 78 -6.68 -21.61 0.69
N VAL B 79 -6.02 -22.61 1.26
CA VAL B 79 -6.28 -23.03 2.63
C VAL B 79 -4.97 -23.02 3.46
N ILE B 80 -4.96 -22.33 4.61
CA ILE B 80 -3.76 -22.26 5.44
C ILE B 80 -4.07 -22.97 6.74
N VAL B 81 -3.31 -24.03 7.03
CA VAL B 81 -3.58 -24.91 8.18
C VAL B 81 -2.59 -24.63 9.32
N THR B 82 -3.11 -24.15 10.44
CA THR B 82 -2.32 -23.96 11.64
C THR B 82 -2.85 -24.82 12.79
N ALA B 83 -3.88 -25.63 12.51
CA ALA B 83 -4.45 -26.54 13.52
C ALA B 83 -3.40 -27.53 14.05
N GLY B 84 -3.52 -27.88 15.32
CA GLY B 84 -2.61 -28.82 15.95
C GLY B 84 -2.34 -28.43 17.39
N VAL B 85 -1.62 -29.29 18.09
CA VAL B 85 -1.26 -29.01 19.50
C VAL B 85 0.23 -28.83 19.62
N PRO B 86 0.66 -27.98 20.58
CA PRO B 86 2.09 -27.81 20.89
C PRO B 86 2.49 -28.65 22.12
N SER B 92 6.17 -36.56 24.79
CA SER B 92 6.56 -37.76 24.06
C SER B 92 6.49 -37.58 22.54
N ARG B 93 7.63 -37.78 21.87
CA ARG B 93 7.75 -37.56 20.43
C ARG B 93 6.69 -38.30 19.61
N ASP B 94 6.38 -39.53 20.00
CA ASP B 94 5.34 -40.30 19.31
C ASP B 94 3.92 -39.95 19.82
N ASP B 95 3.82 -39.13 20.88
CA ASP B 95 2.51 -38.68 21.37
C ASP B 95 2.04 -37.46 20.57
N LEU B 96 2.87 -36.42 20.56
CA LEU B 96 2.60 -35.25 19.72
C LEU B 96 2.40 -35.61 18.22
N LEU B 97 3.22 -36.49 17.66
CA LEU B 97 3.01 -36.99 16.30
C LEU B 97 1.62 -37.61 16.11
N GLY B 98 1.21 -38.45 17.05
CA GLY B 98 -0.08 -39.14 16.96
C GLY B 98 -1.25 -38.19 17.13
N ILE B 99 -1.08 -37.19 17.99
CA ILE B 99 -2.07 -36.14 18.16
C ILE B 99 -2.20 -35.29 16.89
N ASN B 100 -1.06 -34.81 16.39
CA ASN B 100 -1.08 -33.97 15.19
C ASN B 100 -1.41 -34.72 13.88
N LEU B 101 -0.94 -35.95 13.70
CA LEU B 101 -1.37 -36.78 12.59
C LEU B 101 -2.87 -36.94 12.53
N LYS B 102 -3.53 -37.07 13.70
CA LYS B 102 -4.98 -37.24 13.75
C LYS B 102 -5.63 -35.94 13.27
N VAL B 103 -5.05 -34.80 13.69
CA VAL B 103 -5.50 -33.47 13.21
C VAL B 103 -5.34 -33.32 11.70
N MET B 104 -4.17 -33.68 11.18
CA MET B 104 -3.99 -33.67 9.72
C MET B 104 -5.05 -34.55 9.01
N GLU B 105 -5.42 -35.63 9.67
CA GLU B 105 -6.38 -36.60 9.16
C GLU B 105 -7.77 -35.97 8.99
N GLN B 106 -8.21 -35.28 10.02
CA GLN B 106 -9.48 -34.57 9.96
C GLN B 106 -9.41 -33.47 8.89
N VAL B 107 -8.38 -32.63 8.99
CA VAL B 107 -8.18 -31.50 8.09
C VAL B 107 -8.06 -32.00 6.65
N GLY B 108 -7.30 -33.07 6.48
CA GLY B 108 -7.23 -33.66 5.17
C GLY B 108 -8.61 -34.06 4.66
N ALA B 109 -9.44 -34.61 5.54
CA ALA B 109 -10.78 -35.06 5.11
C ALA B 109 -11.59 -33.84 4.73
N GLY B 110 -11.56 -32.80 5.56
CA GLY B 110 -12.23 -31.54 5.24
C GLY B 110 -11.87 -30.94 3.88
N ILE B 111 -10.59 -30.91 3.57
CA ILE B 111 -10.17 -30.26 2.37
C ILE B 111 -10.58 -31.09 1.18
N LYS B 112 -10.35 -32.41 1.27
CA LYS B 112 -10.75 -33.36 0.23
C LYS B 112 -12.23 -33.19 -0.15
N LYS B 113 -13.07 -33.02 0.87
CA LYS B 113 -14.48 -32.92 0.62
C LYS B 113 -14.90 -31.56 0.05
N TYR B 114 -14.38 -30.45 0.58
CA TYR B 114 -14.95 -29.11 0.35
C TYR B 114 -14.06 -28.14 -0.44
N ALA B 115 -12.74 -28.37 -0.41
CA ALA B 115 -11.75 -27.51 -1.11
C ALA B 115 -10.67 -28.26 -1.91
N PRO B 116 -11.09 -29.22 -2.76
CA PRO B 116 -10.13 -30.05 -3.48
C PRO B 116 -9.28 -29.32 -4.48
N GLU B 117 -9.70 -28.12 -4.85
CA GLU B 117 -8.98 -27.39 -5.86
C GLU B 117 -8.07 -26.32 -5.22
N ALA B 118 -8.08 -26.25 -3.89
CA ALA B 118 -7.29 -25.27 -3.15
C ALA B 118 -5.78 -25.47 -3.27
N PHE B 119 -5.02 -24.37 -3.22
CA PHE B 119 -3.60 -24.41 -2.85
C PHE B 119 -3.60 -24.47 -1.34
N VAL B 120 -2.89 -25.45 -0.78
CA VAL B 120 -2.90 -25.71 0.67
C VAL B 120 -1.52 -25.45 1.25
N ILE B 121 -1.46 -24.66 2.32
CA ILE B 121 -0.18 -24.31 2.94
C ILE B 121 -0.24 -24.78 4.37
N CYS B 122 0.62 -25.71 4.71
CA CYS B 122 0.65 -26.28 6.04
C CYS B 122 1.66 -25.59 6.94
N ILE B 123 1.25 -25.26 8.17
CA ILE B 123 2.13 -24.68 9.16
C ILE B 123 2.33 -25.57 10.43
N THR B 124 1.41 -26.48 10.72
CA THR B 124 1.45 -27.38 11.86
C THR B 124 2.75 -28.17 12.02
N ASN B 125 3.33 -28.17 13.20
CA ASN B 125 4.58 -28.91 13.46
C ASN B 125 4.31 -30.37 13.81
N PRO B 126 5.27 -31.27 13.52
CA PRO B 126 6.50 -31.00 12.81
C PRO B 126 6.34 -31.00 11.30
N LEU B 127 6.73 -29.86 10.74
CA LEU B 127 6.31 -29.40 9.44
C LEU B 127 6.51 -30.39 8.31
N ASP B 128 7.74 -30.82 8.08
CA ASP B 128 7.98 -31.67 6.92
C ASP B 128 7.16 -32.96 6.98
N ALA B 129 6.97 -33.54 8.18
CA ALA B 129 6.20 -34.77 8.31
C ALA B 129 4.72 -34.49 8.13
N MET B 130 4.26 -33.43 8.79
CA MET B 130 2.85 -33.06 8.74
C MET B 130 2.36 -32.72 7.32
N VAL B 131 3.09 -31.92 6.55
CA VAL B 131 2.59 -31.56 5.22
C VAL B 131 2.57 -32.79 4.34
N TRP B 132 3.54 -33.68 4.57
CA TRP B 132 3.69 -34.94 3.82
C TRP B 132 2.46 -35.81 4.10
N ALA B 133 2.13 -35.94 5.38
CA ALA B 133 0.94 -36.68 5.79
C ALA B 133 -0.31 -36.02 5.26
N LEU B 134 -0.34 -34.69 5.25
CA LEU B 134 -1.55 -33.97 4.85
C LEU B 134 -1.78 -34.19 3.41
N GLN B 135 -0.76 -34.16 2.56
CA GLN B 135 -1.13 -34.41 1.17
C GLN B 135 -1.59 -35.84 0.94
N LYS B 136 -1.04 -36.80 1.68
CA LYS B 136 -1.51 -38.20 1.53
C LYS B 136 -2.98 -38.32 1.98
N PHE B 137 -3.29 -37.83 3.17
CA PHE B 137 -4.64 -37.83 3.69
C PHE B 137 -5.66 -37.07 2.81
N SER B 138 -5.32 -35.86 2.34
CA SER B 138 -6.25 -35.08 1.52
C SER B 138 -6.38 -35.65 0.12
N GLY B 139 -5.40 -36.41 -0.34
CA GLY B 139 -5.35 -36.82 -1.73
C GLY B 139 -5.10 -35.72 -2.77
N LEU B 140 -4.90 -34.46 -2.36
CA LEU B 140 -4.66 -33.39 -3.34
C LEU B 140 -3.36 -33.60 -4.10
N PRO B 141 -3.25 -33.05 -5.32
CA PRO B 141 -2.01 -33.15 -6.06
C PRO B 141 -0.92 -32.47 -5.26
N ALA B 142 0.25 -33.10 -5.19
CA ALA B 142 1.34 -32.65 -4.33
C ALA B 142 1.82 -31.19 -4.63
N HIS B 143 1.71 -30.80 -5.91
CA HIS B 143 2.11 -29.50 -6.36
C HIS B 143 1.18 -28.41 -5.87
N LYS B 144 0.06 -28.83 -5.26
CA LYS B 144 -0.87 -27.94 -4.64
C LYS B 144 -0.85 -28.00 -3.13
N VAL B 145 0.04 -28.79 -2.52
CA VAL B 145 0.12 -28.86 -1.04
C VAL B 145 1.54 -28.56 -0.65
N VAL B 146 1.77 -27.50 0.14
CA VAL B 146 3.12 -27.09 0.55
C VAL B 146 3.22 -26.79 2.03
N GLY B 147 4.43 -26.82 2.59
CA GLY B 147 4.61 -26.47 4.01
C GLY B 147 5.41 -25.17 4.11
N MET B 148 5.04 -24.30 5.03
CA MET B 148 5.82 -23.06 5.27
C MET B 148 6.83 -23.34 6.34
N ALA B 149 8.09 -23.07 6.06
CA ALA B 149 9.18 -23.20 7.02
C ALA B 149 10.33 -22.33 6.58
N GLY B 150 10.91 -22.65 5.45
CA GLY B 150 11.98 -21.87 4.84
C GLY B 150 11.76 -20.36 4.86
N VAL B 151 10.55 -19.89 4.51
CA VAL B 151 10.40 -18.43 4.42
C VAL B 151 10.60 -17.80 5.81
N LEU B 152 10.18 -18.51 6.86
CA LEU B 152 10.30 -17.99 8.17
C LEU B 152 11.78 -17.99 8.58
N ASP B 153 12.47 -19.11 8.39
CA ASP B 153 13.90 -19.15 8.73
C ASP B 153 14.63 -18.09 7.95
N SER B 154 14.27 -17.97 6.69
CA SER B 154 14.93 -17.01 5.81
C SER B 154 14.68 -15.59 6.31
N ALA B 155 13.44 -15.32 6.76
CA ALA B 155 13.10 -14.00 7.35
C ALA B 155 13.95 -13.68 8.57
N ARG B 156 14.09 -14.63 9.49
CA ARG B 156 14.86 -14.36 10.71
C ARG B 156 16.33 -14.08 10.36
N PHE B 157 16.92 -14.90 9.50
CA PHE B 157 18.31 -14.79 9.10
C PHE B 157 18.53 -13.40 8.45
N ARG B 158 17.65 -13.01 7.53
CA ARG B 158 17.83 -11.70 6.85
C ARG B 158 17.73 -10.59 7.90
N TYR B 159 16.77 -10.67 8.81
CA TYR B 159 16.68 -9.63 9.80
C TYR B 159 17.98 -9.50 10.61
N PHE B 160 18.51 -10.63 11.05
CA PHE B 160 19.74 -10.60 11.84
C PHE B 160 20.89 -10.01 11.06
N LEU B 161 21.03 -10.39 9.77
CA LEU B 161 22.07 -9.79 8.92
C LEU B 161 21.84 -8.28 8.71
N SER B 162 20.58 -7.90 8.57
CA SER B 162 20.28 -6.48 8.39
C SER B 162 20.78 -5.64 9.55
N GLU B 163 20.59 -6.12 10.76
CA GLU B 163 21.09 -5.51 12.00
CA GLU B 163 21.07 -5.36 11.90
C GLU B 163 22.60 -5.45 12.05
N GLU B 164 23.19 -6.57 11.74
CA GLU B 164 24.63 -6.75 11.82
C GLU B 164 25.31 -5.82 10.86
N PHE B 165 24.79 -5.72 9.64
CA PHE B 165 25.42 -4.90 8.63
C PHE B 165 24.80 -3.50 8.56
N ASN B 166 23.70 -3.27 9.28
CA ASN B 166 23.04 -1.96 9.24
C ASN B 166 22.63 -1.52 7.80
N VAL B 167 21.96 -2.42 7.09
CA VAL B 167 21.38 -2.15 5.80
C VAL B 167 19.92 -2.54 5.82
N SER B 168 19.21 -2.13 4.78
CA SER B 168 17.81 -2.48 4.59
C SER B 168 17.60 -4.00 4.54
N VAL B 169 16.48 -4.45 5.12
CA VAL B 169 16.09 -5.84 5.03
C VAL B 169 15.88 -6.15 3.57
N GLU B 170 15.53 -5.17 2.78
CA GLU B 170 15.21 -5.46 1.39
C GLU B 170 16.40 -5.86 0.59
N ASP B 171 17.62 -5.55 1.04
CA ASP B 171 18.79 -5.86 0.24
C ASP B 171 19.54 -7.07 0.74
N VAL B 172 18.97 -7.78 1.72
CA VAL B 172 19.56 -9.04 2.13
C VAL B 172 18.76 -10.19 1.55
N THR B 173 19.47 -11.14 0.99
CA THR B 173 18.93 -12.39 0.46
C THR B 173 19.62 -13.52 1.19
N VAL B 174 18.88 -14.52 1.62
CA VAL B 174 19.51 -15.70 2.14
C VAL B 174 18.95 -16.96 1.47
N PHE B 175 19.70 -18.04 1.52
CA PHE B 175 19.35 -19.24 0.80
C PHE B 175 19.30 -20.34 1.83
N VAL B 176 18.13 -20.92 2.05
CA VAL B 176 17.98 -22.01 3.00
C VAL B 176 17.27 -23.22 2.43
N LEU B 177 17.76 -24.39 2.82
CA LEU B 177 17.16 -25.68 2.48
C LEU B 177 16.79 -26.40 3.78
N GLY B 178 15.96 -27.44 3.67
CA GLY B 178 15.61 -28.27 4.81
C GLY B 178 14.57 -27.64 5.73
N GLY B 179 14.57 -28.03 7.00
CA GLY B 179 13.56 -27.54 7.96
C GLY B 179 14.11 -26.53 8.94
N HIS B 180 13.44 -26.41 10.08
CA HIS B 180 13.89 -25.59 11.19
C HIS B 180 15.00 -26.28 11.98
N GLY B 181 15.61 -25.48 12.87
CA GLY B 181 16.59 -25.90 13.83
C GLY B 181 17.80 -26.59 13.24
N ASP B 182 18.13 -27.73 13.87
CA ASP B 182 19.25 -28.56 13.40
C ASP B 182 19.04 -29.14 12.01
N SER B 183 17.82 -29.17 11.52
CA SER B 183 17.61 -29.72 10.20
C SER B 183 17.66 -28.65 9.11
N MET B 184 17.93 -27.39 9.47
CA MET B 184 18.11 -26.31 8.48
C MET B 184 19.46 -26.44 7.81
N VAL B 185 19.51 -26.24 6.51
CA VAL B 185 20.74 -26.21 5.75
C VAL B 185 20.84 -24.83 5.06
N PRO B 186 21.50 -23.85 5.71
CA PRO B 186 21.76 -22.56 5.06
C PRO B 186 22.97 -22.63 4.14
N LEU B 187 22.95 -21.84 3.06
CA LEU B 187 24.09 -21.73 2.17
C LEU B 187 24.56 -20.27 2.17
N ALA B 188 25.56 -20.00 3.01
CA ALA B 188 26.17 -18.69 3.08
C ALA B 188 26.54 -18.22 1.69
N ARG B 189 27.00 -19.11 0.83
CA ARG B 189 27.63 -18.65 -0.42
C ARG B 189 26.55 -18.21 -1.39
N TYR B 190 25.30 -18.58 -1.08
CA TYR B 190 24.19 -18.19 -1.90
C TYR B 190 23.33 -17.19 -1.13
N SER B 191 23.85 -16.64 -0.05
CA SER B 191 23.17 -15.56 0.66
C SER B 191 23.98 -14.32 0.41
N THR B 192 23.37 -13.15 0.31
CA THR B 192 24.01 -11.95 -0.20
C THR B 192 23.53 -10.67 0.42
N VAL B 193 24.31 -9.60 0.26
CA VAL B 193 23.79 -8.25 0.42
C VAL B 193 24.00 -7.58 -0.91
N ALA B 194 22.93 -7.11 -1.54
CA ALA B 194 22.95 -6.56 -2.92
C ALA B 194 23.68 -7.45 -3.92
N GLY B 195 23.61 -8.75 -3.73
CA GLY B 195 24.26 -9.69 -4.64
C GLY B 195 25.68 -10.07 -4.30
N ILE B 196 26.28 -9.41 -3.31
CA ILE B 196 27.61 -9.74 -2.87
C ILE B 196 27.43 -10.85 -1.84
N PRO B 197 28.02 -12.05 -2.04
CA PRO B 197 27.80 -13.17 -1.13
C PRO B 197 28.41 -12.96 0.25
N LEU B 198 27.80 -13.56 1.27
CA LEU B 198 28.27 -13.47 2.64
C LEU B 198 29.78 -13.71 2.78
N PRO B 199 30.34 -14.79 2.20
CA PRO B 199 31.79 -14.94 2.36
C PRO B 199 32.61 -13.82 1.80
N ASP B 200 32.16 -13.20 0.74
CA ASP B 200 32.84 -12.00 0.25
C ASP B 200 32.68 -10.85 1.25
N LEU B 201 31.50 -10.72 1.88
CA LEU B 201 31.28 -9.66 2.87
C LEU B 201 32.19 -9.85 4.10
N VAL B 202 32.41 -11.09 4.48
CA VAL B 202 33.27 -11.39 5.60
C VAL B 202 34.73 -11.01 5.25
N LYS B 203 35.19 -11.33 4.05
CA LYS B 203 36.54 -10.95 3.62
C LYS B 203 36.74 -9.48 3.60
N MET B 204 35.67 -8.73 3.29
CA MET B 204 35.69 -7.25 3.30
C MET B 204 35.63 -6.63 4.68
N GLY B 205 35.43 -7.44 5.70
CA GLY B 205 35.36 -6.94 7.05
C GLY B 205 33.99 -6.50 7.51
N TRP B 206 32.93 -6.85 6.80
CA TRP B 206 31.59 -6.46 7.26
C TRP B 206 31.18 -7.16 8.52
N THR B 207 31.70 -8.37 8.73
CA THR B 207 31.55 -9.04 9.98
C THR B 207 32.56 -10.12 10.03
N SER B 208 32.63 -10.85 11.13
CA SER B 208 33.57 -11.98 11.24
C SER B 208 32.86 -13.30 11.02
N GLN B 209 33.61 -14.34 10.65
CA GLN B 209 33.09 -15.68 10.57
C GLN B 209 32.45 -16.14 11.87
N ASP B 210 33.11 -15.91 13.00
CA ASP B 210 32.57 -16.26 14.31
C ASP B 210 31.18 -15.64 14.50
N LYS B 211 31.02 -14.38 14.10
CA LYS B 211 29.76 -13.68 14.23
C LYS B 211 28.73 -14.24 13.26
N LEU B 212 29.12 -14.40 12.00
CA LEU B 212 28.25 -15.09 11.04
C LEU B 212 27.80 -16.45 11.60
N ASP B 213 28.73 -17.23 12.15
CA ASP B 213 28.31 -18.53 12.74
C ASP B 213 27.26 -18.38 13.85
N LYS B 214 27.41 -17.36 14.70
CA LYS B 214 26.43 -17.13 15.74
C LYS B 214 25.08 -16.71 15.19
N ILE B 215 25.09 -15.96 14.08
CA ILE B 215 23.86 -15.56 13.44
C ILE B 215 23.12 -16.74 12.81
N ILE B 216 23.87 -17.64 12.18
CA ILE B 216 23.30 -18.90 11.70
C ILE B 216 22.70 -19.67 12.88
N GLN B 217 23.44 -19.76 14.01
CA GLN B 217 22.93 -20.53 15.14
C GLN B 217 21.65 -19.88 15.69
N ARG B 218 21.63 -18.55 15.70
CA ARG B 218 20.49 -17.82 16.20
C ARG B 218 19.28 -18.10 15.34
N THR B 219 19.50 -18.26 14.03
CA THR B 219 18.42 -18.65 13.13
C THR B 219 17.89 -20.04 13.46
N ARG B 220 18.81 -20.95 13.76
CA ARG B 220 18.42 -22.32 14.17
C ARG B 220 17.50 -22.34 15.37
N ASP B 221 17.87 -21.53 16.36
CA ASP B 221 17.14 -21.44 17.62
C ASP B 221 16.06 -20.35 17.62
N GLY B 222 15.75 -19.79 16.45
CA GLY B 222 14.96 -18.56 16.43
C GLY B 222 13.59 -18.72 17.05
N GLY B 223 12.96 -19.85 16.78
CA GLY B 223 11.64 -20.13 17.31
C GLY B 223 11.66 -20.28 18.82
N ALA B 224 12.66 -20.99 19.34
CA ALA B 224 12.83 -21.21 20.77
C ALA B 224 13.16 -19.90 21.42
N GLU B 225 13.83 -18.99 20.70
CA GLU B 225 14.16 -17.67 21.27
C GLU B 225 12.88 -16.91 21.61
N ILE B 226 11.94 -16.84 20.67
CA ILE B 226 10.65 -16.13 20.91
C ILE B 226 9.84 -16.84 22.06
N VAL B 227 9.80 -18.16 22.08
CA VAL B 227 9.12 -18.90 23.15
C VAL B 227 9.70 -18.53 24.52
N GLY B 228 11.01 -18.48 24.64
CA GLY B 228 11.61 -18.08 25.88
C GLY B 228 11.31 -16.66 26.33
N LEU B 229 11.01 -15.77 25.39
CA LEU B 229 10.65 -14.41 25.74
C LEU B 229 9.13 -14.27 26.04
N LEU B 230 8.28 -14.88 25.23
CA LEU B 230 6.83 -14.84 25.45
C LEU B 230 6.39 -15.69 26.66
N LYS B 231 7.05 -16.84 26.87
CA LYS B 231 6.73 -17.84 27.93
C LYS B 231 5.43 -18.62 27.70
N THR B 232 4.30 -17.94 27.47
CA THR B 232 3.04 -18.65 27.35
C THR B 232 2.67 -19.10 25.95
N GLY B 233 3.44 -18.72 24.94
CA GLY B 233 3.14 -19.20 23.57
C GLY B 233 4.30 -18.98 22.61
N SER B 234 4.04 -19.12 21.31
CA SER B 234 5.11 -19.05 20.33
C SER B 234 4.95 -17.93 19.30
N ALA B 235 5.96 -17.76 18.47
CA ALA B 235 5.94 -16.71 17.45
C ALA B 235 4.66 -16.78 16.60
N PHE B 236 4.12 -15.64 16.24
CA PHE B 236 3.01 -15.61 15.29
C PHE B 236 3.06 -14.51 14.21
N TYR B 237 3.77 -13.41 14.42
CA TYR B 237 3.83 -12.36 13.38
C TYR B 237 4.63 -12.82 12.14
N ALA B 238 5.84 -13.30 12.36
CA ALA B 238 6.70 -13.68 11.29
C ALA B 238 6.17 -14.94 10.59
N PRO B 239 5.70 -15.94 11.37
CA PRO B 239 5.10 -17.08 10.70
C PRO B 239 3.88 -16.70 9.88
N ALA B 240 3.02 -15.84 10.39
CA ALA B 240 1.86 -15.38 9.61
C ALA B 240 2.31 -14.68 8.33
N ALA B 241 3.21 -13.70 8.47
CA ALA B 241 3.72 -12.97 7.29
C ALA B 241 4.30 -13.93 6.25
N SER B 242 5.01 -14.96 6.72
CA SER B 242 5.69 -15.89 5.79
C SER B 242 4.69 -16.68 4.92
N ALA B 243 3.63 -17.17 5.54
CA ALA B 243 2.61 -17.95 4.84
C ALA B 243 1.80 -17.06 3.91
N ILE B 244 1.52 -15.84 4.35
CA ILE B 244 0.81 -14.88 3.46
C ILE B 244 1.65 -14.64 2.21
N GLN B 245 2.95 -14.58 2.35
CA GLN B 245 3.76 -14.34 1.14
C GLN B 245 3.58 -15.45 0.09
N MET B 246 3.58 -16.70 0.57
CA MET B 246 3.33 -17.89 -0.25
C MET B 246 1.93 -17.87 -0.84
N ALA B 247 0.92 -17.53 -0.05
CA ALA B 247 -0.47 -17.46 -0.54
C ALA B 247 -0.58 -16.39 -1.66
N GLU B 248 0.09 -15.29 -1.44
CA GLU B 248 0.03 -14.15 -2.33
C GLU B 248 0.71 -14.47 -3.66
N SER B 249 1.80 -15.23 -3.60
CA SER B 249 2.48 -15.58 -4.81
C SER B 249 1.59 -16.46 -5.70
N TYR B 250 0.84 -17.36 -5.07
CA TYR B 250 -0.16 -18.15 -5.75
C TYR B 250 -1.30 -17.30 -6.32
N LEU B 251 -1.96 -16.53 -5.46
CA LEU B 251 -3.16 -15.74 -5.86
C LEU B 251 -2.83 -14.75 -6.94
N LYS B 252 -1.64 -14.19 -6.97
CA LYS B 252 -1.30 -13.17 -7.96
C LYS B 252 -0.45 -13.70 -9.09
N ASP B 253 -0.18 -15.01 -9.07
CA ASP B 253 0.71 -15.69 -10.05
C ASP B 253 2.03 -14.94 -10.19
N LYS B 254 2.69 -14.65 -9.06
CA LYS B 254 3.88 -13.82 -9.06
C LYS B 254 5.13 -14.55 -9.49
N LYS B 255 5.17 -15.85 -9.23
CA LYS B 255 6.31 -16.70 -9.54
C LYS B 255 7.53 -16.33 -8.71
N ARG B 256 7.30 -16.02 -7.43
CA ARG B 256 8.44 -15.80 -6.54
C ARG B 256 9.16 -17.15 -6.32
N VAL B 257 10.44 -17.06 -6.01
CA VAL B 257 11.29 -18.20 -5.74
C VAL B 257 11.39 -18.21 -4.22
N LEU B 258 10.66 -19.11 -3.60
CA LEU B 258 10.53 -19.17 -2.18
C LEU B 258 11.00 -20.53 -1.68
N PRO B 259 11.66 -20.55 -0.54
CA PRO B 259 12.02 -21.84 0.09
C PRO B 259 10.83 -22.39 0.85
N VAL B 260 10.38 -23.56 0.38
CA VAL B 260 9.14 -24.17 0.78
C VAL B 260 9.31 -25.71 0.90
N ALA B 261 8.59 -26.32 1.84
CA ALA B 261 8.48 -27.75 1.90
C ALA B 261 7.63 -28.22 0.74
N ALA B 262 8.27 -28.96 -0.18
CA ALA B 262 7.63 -29.49 -1.37
C ALA B 262 7.97 -30.96 -1.57
N GLN B 263 7.09 -31.67 -2.27
CA GLN B 263 7.35 -33.03 -2.62
C GLN B 263 8.42 -33.13 -3.70
N LEU B 264 9.55 -33.79 -3.36
CA LEU B 264 10.60 -34.10 -4.33
C LEU B 264 10.35 -35.44 -5.00
N SER B 265 10.67 -35.49 -6.27
CA SER B 265 10.52 -36.74 -6.99
C SER B 265 11.76 -36.92 -7.87
N GLY B 266 12.93 -37.04 -7.22
CA GLY B 266 14.22 -37.28 -7.88
C GLY B 266 15.30 -36.21 -7.67
N GLN B 267 14.88 -34.95 -7.52
CA GLN B 267 15.80 -33.86 -7.26
C GLN B 267 16.52 -34.10 -5.95
N TYR B 268 17.80 -33.75 -5.93
CA TYR B 268 18.62 -33.94 -4.76
C TYR B 268 18.66 -35.43 -4.29
N GLY B 269 18.41 -36.34 -5.24
CA GLY B 269 18.26 -37.75 -4.95
C GLY B 269 17.18 -38.16 -3.95
N VAL B 270 16.07 -37.42 -3.89
CA VAL B 270 14.95 -37.74 -2.98
C VAL B 270 13.66 -38.01 -3.73
N LYS B 271 12.89 -38.96 -3.23
CA LYS B 271 11.64 -39.42 -3.86
C LYS B 271 10.55 -39.55 -2.81
N ASP B 272 9.31 -39.25 -3.20
CA ASP B 272 8.13 -39.37 -2.34
C ASP B 272 8.38 -38.85 -0.92
N MET B 273 8.85 -37.62 -0.82
CA MET B 273 9.12 -36.99 0.47
C MET B 273 9.09 -35.46 0.31
N TYR B 274 8.64 -34.80 1.37
CA TYR B 274 8.66 -33.35 1.43
C TYR B 274 9.94 -32.89 2.10
N VAL B 275 10.57 -31.92 1.44
CA VAL B 275 11.77 -31.31 1.92
C VAL B 275 11.73 -29.80 1.58
N GLY B 276 12.32 -28.97 2.43
CA GLY B 276 12.62 -27.56 2.14
C GLY B 276 13.55 -27.39 0.95
N VAL B 277 12.99 -26.90 -0.15
CA VAL B 277 13.75 -26.67 -1.37
C VAL B 277 13.33 -25.33 -2.00
N PRO B 278 14.13 -24.81 -2.96
CA PRO B 278 13.72 -23.61 -3.66
C PRO B 278 12.71 -23.90 -4.74
N THR B 279 11.56 -23.22 -4.65
CA THR B 279 10.44 -23.43 -5.53
C THR B 279 10.00 -22.14 -6.16
N VAL B 280 9.38 -22.23 -7.34
CA VAL B 280 8.72 -21.10 -7.94
C VAL B 280 7.25 -21.35 -7.73
N ILE B 281 6.59 -20.44 -7.01
CA ILE B 281 5.19 -20.59 -6.72
C ILE B 281 4.36 -19.64 -7.57
N GLY B 282 3.40 -20.20 -8.31
CA GLY B 282 2.51 -19.42 -9.17
C GLY B 282 1.09 -19.96 -9.13
N ALA B 283 0.26 -19.54 -10.09
CA ALA B 283 -1.17 -19.91 -10.15
C ALA B 283 -1.38 -21.41 -10.23
N ASN B 284 -0.32 -22.12 -10.59
CA ASN B 284 -0.37 -23.55 -10.57
C ASN B 284 0.22 -24.23 -9.39
N GLY B 285 0.54 -23.50 -8.32
CA GLY B 285 1.19 -24.10 -7.14
C GLY B 285 2.69 -24.16 -7.30
N VAL B 286 3.30 -25.30 -6.97
CA VAL B 286 4.70 -25.48 -7.16
C VAL B 286 4.90 -25.73 -8.63
N GLU B 287 5.43 -24.74 -9.36
CA GLU B 287 5.64 -24.87 -10.80
C GLU B 287 7.03 -25.31 -11.19
N ARG B 288 7.93 -25.31 -10.24
CA ARG B 288 9.32 -25.53 -10.54
C ARG B 288 10.05 -25.79 -9.23
N ILE B 289 10.98 -26.73 -9.26
CA ILE B 289 11.86 -26.97 -8.17
C ILE B 289 13.25 -26.76 -8.70
N ILE B 290 14.03 -25.94 -8.00
CA ILE B 290 15.37 -25.60 -8.41
C ILE B 290 16.35 -26.57 -7.79
N GLU B 291 17.13 -27.22 -8.63
CA GLU B 291 18.10 -28.19 -8.14
C GLU B 291 19.46 -27.59 -8.30
N ILE B 292 20.02 -27.17 -7.18
CA ILE B 292 21.34 -26.56 -7.21
C ILE B 292 22.40 -27.65 -7.04
N ASP B 293 23.63 -27.31 -7.37
CA ASP B 293 24.75 -28.21 -7.18
C ASP B 293 25.37 -28.00 -5.82
N LEU B 294 25.04 -28.88 -4.89
CA LEU B 294 25.63 -28.82 -3.57
C LEU B 294 27.09 -29.35 -3.60
N ASP B 295 27.97 -28.73 -2.81
CA ASP B 295 29.32 -29.27 -2.61
C ASP B 295 29.28 -30.46 -1.62
N LYS B 296 30.45 -30.99 -1.25
CA LYS B 296 30.50 -32.23 -0.45
C LYS B 296 29.88 -32.03 0.94
N ASP B 297 30.26 -30.94 1.61
CA ASP B 297 29.80 -30.69 2.96
C ASP B 297 28.31 -30.28 2.98
N GLU B 298 27.88 -29.52 1.98
CA GLU B 298 26.48 -29.11 1.91
C GLU B 298 25.60 -30.33 1.68
N LYS B 299 26.04 -31.17 0.74
CA LYS B 299 25.37 -32.44 0.44
C LYS B 299 25.28 -33.32 1.66
N ALA B 300 26.34 -33.36 2.45
CA ALA B 300 26.31 -34.14 3.69
C ALA B 300 25.30 -33.56 4.68
N GLN B 301 25.27 -32.24 4.82
CA GLN B 301 24.31 -31.60 5.71
C GLN B 301 22.85 -31.83 5.24
N PHE B 302 22.65 -31.69 3.93
CA PHE B 302 21.33 -31.90 3.30
C PHE B 302 20.87 -33.33 3.50
N ASP B 303 21.77 -34.29 3.24
CA ASP B 303 21.46 -35.71 3.48
C ASP B 303 21.11 -36.02 4.92
N LYS B 304 21.87 -35.48 5.86
CA LYS B 304 21.56 -35.73 7.28
C LYS B 304 20.16 -35.21 7.55
N SER B 305 19.86 -34.02 7.02
CA SER B 305 18.54 -33.41 7.17
C SER B 305 17.44 -34.25 6.56
N VAL B 306 17.58 -34.66 5.32
CA VAL B 306 16.59 -35.55 4.70
C VAL B 306 16.39 -36.89 5.52
N ALA B 307 17.47 -37.47 6.04
CA ALA B 307 17.39 -38.73 6.81
C ALA B 307 16.56 -38.51 8.07
N SER B 308 16.80 -37.40 8.73
CA SER B 308 16.01 -37.03 9.88
C SER B 308 14.52 -36.80 9.51
N VAL B 309 14.22 -36.19 8.37
CA VAL B 309 12.82 -36.11 7.93
C VAL B 309 12.30 -37.53 7.61
N ALA B 310 13.15 -38.39 7.04
CA ALA B 310 12.78 -39.79 6.72
C ALA B 310 12.35 -40.58 7.97
N GLY B 311 13.02 -40.31 9.09
CA GLY B 311 12.71 -40.95 10.34
C GLY B 311 11.32 -40.60 10.89
N LEU B 312 11.02 -39.29 10.95
CA LEU B 312 9.69 -38.79 11.31
C LEU B 312 8.63 -39.42 10.42
N CYS B 313 8.88 -39.48 9.12
CA CYS B 313 7.91 -40.14 8.23
C CYS B 313 7.72 -41.62 8.52
N GLU B 314 8.82 -42.34 8.79
CA GLU B 314 8.75 -43.79 9.08
C GLU B 314 7.91 -43.97 10.33
N ALA B 315 8.17 -43.14 11.34
CA ALA B 315 7.37 -43.15 12.57
C ALA B 315 5.89 -42.95 12.28
N CYS B 316 5.57 -42.02 11.37
CA CYS B 316 4.18 -41.69 11.08
C CYS B 316 3.51 -42.89 10.45
N ILE B 317 4.24 -43.60 9.60
CA ILE B 317 3.72 -44.80 8.97
C ILE B 317 3.39 -45.81 10.07
N GLY B 318 4.25 -45.83 11.08
CA GLY B 318 4.08 -46.70 12.23
C GLY B 318 3.10 -46.21 13.28
N ILE B 319 2.35 -45.15 12.98
CA ILE B 319 1.16 -44.78 13.77
C ILE B 319 -0.10 -44.88 12.90
N ALA B 320 -0.03 -44.34 11.69
CA ALA B 320 -1.13 -44.42 10.75
C ALA B 320 -0.66 -45.20 9.54
N PRO B 321 -0.81 -46.55 9.57
CA PRO B 321 -0.28 -47.40 8.51
C PRO B 321 -0.89 -47.03 7.16
N SER B 322 -2.02 -46.35 7.19
CA SER B 322 -2.59 -45.71 6.00
C SER B 322 -1.56 -44.95 5.12
N LEU B 323 -0.47 -44.47 5.71
CA LEU B 323 0.59 -43.76 4.98
C LEU B 323 1.77 -44.65 4.54
N ALA C 6 -5.20 -17.50 -13.16
CA ALA C 6 -4.70 -16.58 -14.25
C ALA C 6 -4.68 -15.19 -13.62
N ARG C 7 -4.15 -14.18 -14.29
CA ARG C 7 -4.32 -12.81 -13.78
C ARG C 7 -5.48 -12.13 -14.51
N ASN C 8 -6.09 -11.13 -13.88
CA ASN C 8 -6.99 -10.26 -14.60
C ASN C 8 -6.23 -9.60 -15.76
N LYS C 9 -6.97 -9.23 -16.79
CA LYS C 9 -6.40 -8.59 -17.99
C LYS C 9 -7.12 -7.26 -18.23
N ILE C 10 -6.36 -6.18 -18.34
CA ILE C 10 -6.93 -4.84 -18.54
C ILE C 10 -6.46 -4.32 -19.88
N ALA C 11 -7.40 -3.99 -20.75
CA ALA C 11 -7.05 -3.48 -22.06
C ALA C 11 -7.35 -1.98 -22.09
N LEU C 12 -6.36 -1.22 -22.50
CA LEU C 12 -6.47 0.22 -22.54
C LEU C 12 -6.55 0.61 -24.02
N ILE C 13 -7.68 1.14 -24.47
CA ILE C 13 -7.84 1.46 -25.90
C ILE C 13 -7.53 2.92 -26.02
N GLY C 14 -6.27 3.20 -26.36
CA GLY C 14 -5.76 4.54 -26.43
C GLY C 14 -4.57 4.61 -25.48
N SER C 15 -3.44 5.06 -26.00
CA SER C 15 -2.18 5.09 -25.29
C SER C 15 -1.56 6.48 -25.24
N GLY C 16 -2.43 7.51 -25.19
CA GLY C 16 -2.01 8.87 -24.96
C GLY C 16 -1.65 9.09 -23.50
N MET C 17 -1.76 10.32 -23.02
CA MET C 17 -1.37 10.60 -21.62
C MET C 17 -2.23 9.90 -20.58
N ILE C 18 -3.55 9.88 -20.80
CA ILE C 18 -4.46 9.14 -19.93
C ILE C 18 -4.16 7.65 -19.93
N GLY C 19 -4.07 7.07 -21.12
CA GLY C 19 -3.80 5.64 -21.25
C GLY C 19 -2.53 5.13 -20.56
N GLY C 20 -1.43 5.86 -20.75
CA GLY C 20 -0.20 5.57 -20.03
C GLY C 20 -0.35 5.63 -18.50
N THR C 21 -1.10 6.61 -18.01
CA THR C 21 -1.31 6.81 -16.58
C THR C 21 -2.16 5.65 -16.01
N LEU C 22 -3.18 5.25 -16.77
CA LEU C 22 -4.00 4.07 -16.45
C LEU C 22 -3.09 2.84 -16.31
N ALA C 23 -2.14 2.71 -17.24
CA ALA C 23 -1.27 1.56 -17.25
C ALA C 23 -0.33 1.62 -16.06
N HIS C 24 0.15 2.81 -15.72
CA HIS C 24 1.01 2.95 -14.56
C HIS C 24 0.27 2.60 -13.27
N LEU C 25 -0.90 3.20 -13.08
CA LEU C 25 -1.72 2.94 -11.92
C LEU C 25 -2.12 1.48 -11.80
N ALA C 26 -2.46 0.85 -12.91
CA ALA C 26 -2.89 -0.54 -12.93
C ALA C 26 -1.76 -1.43 -12.49
N GLY C 27 -0.53 -1.08 -12.90
CA GLY C 27 0.67 -1.79 -12.46
C GLY C 27 0.99 -1.61 -10.98
N LEU C 28 1.10 -0.34 -10.56
CA LEU C 28 1.33 0.02 -9.16
C LEU C 28 0.34 -0.65 -8.21
N LYS C 29 -0.92 -0.71 -8.59
CA LYS C 29 -1.98 -1.25 -7.73
C LYS C 29 -2.22 -2.77 -7.95
N GLU C 30 -1.38 -3.37 -8.79
CA GLU C 30 -1.42 -4.83 -8.99
C GLU C 30 -2.79 -5.32 -9.44
N LEU C 31 -3.43 -4.60 -10.33
CA LEU C 31 -4.77 -4.94 -10.78
C LEU C 31 -4.74 -6.02 -11.88
N GLY C 32 -3.60 -6.22 -12.51
CA GLY C 32 -3.46 -7.31 -13.45
C GLY C 32 -2.47 -7.03 -14.54
N ASP C 33 -2.51 -7.87 -15.56
CA ASP C 33 -1.77 -7.66 -16.78
C ASP C 33 -2.43 -6.58 -17.62
N VAL C 34 -1.60 -5.86 -18.36
CA VAL C 34 -2.06 -4.71 -19.10
C VAL C 34 -1.70 -4.81 -20.54
N VAL C 35 -2.68 -4.52 -21.40
CA VAL C 35 -2.46 -4.34 -22.85
C VAL C 35 -2.77 -2.90 -23.20
N LEU C 36 -1.77 -2.21 -23.74
CA LEU C 36 -1.91 -0.86 -24.26
C LEU C 36 -2.16 -0.94 -25.78
N PHE C 37 -3.35 -0.52 -26.22
CA PHE C 37 -3.66 -0.50 -27.64
C PHE C 37 -3.67 0.91 -28.19
N ASP C 38 -3.18 1.05 -29.41
CA ASP C 38 -3.32 2.28 -30.14
C ASP C 38 -3.10 2.03 -31.62
N ILE C 39 -3.62 2.92 -32.45
CA ILE C 39 -3.38 2.85 -33.88
C ILE C 39 -1.97 3.32 -34.20
N ALA C 40 -1.43 4.26 -33.44
CA ALA C 40 -0.03 4.71 -33.58
C ALA C 40 1.02 3.63 -33.24
N GLU C 41 1.88 3.30 -34.20
CA GLU C 41 3.00 2.39 -34.01
C GLU C 41 4.04 2.94 -33.01
N GLY C 42 4.57 2.05 -32.15
CA GLY C 42 5.66 2.38 -31.26
C GLY C 42 5.24 2.94 -29.91
N THR C 43 4.28 3.85 -29.91
CA THR C 43 3.82 4.49 -28.68
C THR C 43 3.43 3.46 -27.59
N PRO C 44 2.46 2.58 -27.86
CA PRO C 44 2.07 1.64 -26.81
C PRO C 44 3.14 0.65 -26.44
N GLN C 45 3.96 0.28 -27.41
CA GLN C 45 5.04 -0.66 -27.16
C GLN C 45 6.04 -0.03 -26.22
N GLY C 46 6.35 1.24 -26.47
CA GLY C 46 7.32 2.02 -25.69
C GLY C 46 6.87 2.32 -24.27
N LYS C 47 5.61 2.69 -24.09
CA LYS C 47 5.09 2.96 -22.77
C LYS C 47 4.96 1.68 -21.96
N GLY C 48 4.49 0.61 -22.63
CA GLY C 48 4.39 -0.70 -22.00
C GLY C 48 5.75 -1.17 -21.51
N LEU C 49 6.75 -1.08 -22.37
CA LEU C 49 8.08 -1.50 -21.98
C LEU C 49 8.63 -0.64 -20.83
N ASP C 50 8.49 0.67 -20.94
CA ASP C 50 8.97 1.62 -19.93
C ASP C 50 8.32 1.29 -18.59
N ILE C 51 7.01 1.14 -18.52
CA ILE C 51 6.36 0.78 -17.24
C ILE C 51 6.86 -0.58 -16.70
N ALA C 52 7.00 -1.56 -17.59
CA ALA C 52 7.45 -2.92 -17.21
C ALA C 52 8.86 -2.89 -16.63
N GLU C 53 9.70 -2.09 -17.25
CA GLU C 53 11.05 -1.86 -16.79
C GLU C 53 11.10 -1.14 -15.43
N SER C 54 10.02 -0.44 -15.07
CA SER C 54 9.92 0.21 -13.77
C SER C 54 9.48 -0.76 -12.68
N SER C 55 8.92 -1.90 -13.07
CA SER C 55 8.25 -2.78 -12.14
C SER C 55 9.23 -3.39 -11.09
N PRO C 56 10.48 -3.65 -11.47
CA PRO C 56 11.36 -4.20 -10.45
C PRO C 56 11.65 -3.24 -9.30
N VAL C 57 11.47 -1.95 -9.51
CA VAL C 57 11.76 -0.98 -8.43
C VAL C 57 10.74 -1.12 -7.31
N ASP C 58 9.49 -1.14 -7.70
CA ASP C 58 8.40 -1.19 -6.76
C ASP C 58 7.99 -2.64 -6.49
N GLY C 59 8.36 -3.56 -7.35
CA GLY C 59 8.09 -4.96 -7.12
C GLY C 59 6.76 -5.55 -7.52
N PHE C 60 5.98 -4.85 -8.33
CA PHE C 60 4.73 -5.43 -8.83
C PHE C 60 5.05 -6.36 -10.01
N ASP C 61 4.35 -7.47 -10.10
CA ASP C 61 4.54 -8.41 -11.19
C ASP C 61 3.33 -8.34 -12.11
N ALA C 62 3.55 -7.73 -13.28
CA ALA C 62 2.53 -7.58 -14.25
C ALA C 62 3.16 -7.54 -15.65
N LYS C 63 2.49 -8.17 -16.61
CA LYS C 63 2.91 -8.06 -18.02
C LYS C 63 2.34 -6.80 -18.66
N PHE C 64 3.13 -6.14 -19.50
CA PHE C 64 2.70 -4.99 -20.27
C PHE C 64 2.98 -5.27 -21.77
N THR C 65 1.92 -5.21 -22.57
CA THR C 65 1.97 -5.53 -23.97
C THR C 65 1.43 -4.30 -24.68
N GLY C 66 2.22 -3.71 -25.56
CA GLY C 66 1.76 -2.71 -26.52
C GLY C 66 1.34 -3.39 -27.82
N ALA C 67 0.21 -2.98 -28.38
CA ALA C 67 -0.29 -3.61 -29.60
C ALA C 67 -0.94 -2.60 -30.53
N ASN C 68 -0.93 -2.93 -31.81
CA ASN C 68 -1.65 -2.14 -32.81
C ASN C 68 -2.79 -2.90 -33.47
N ASP C 69 -3.14 -4.05 -32.91
CA ASP C 69 -4.23 -4.88 -33.43
C ASP C 69 -5.12 -5.28 -32.27
N TYR C 70 -6.41 -5.15 -32.47
CA TYR C 70 -7.43 -5.41 -31.48
C TYR C 70 -7.41 -6.83 -30.92
N ALA C 71 -6.72 -7.76 -31.59
CA ALA C 71 -6.72 -9.16 -31.18
C ALA C 71 -5.93 -9.30 -29.88
N ALA C 72 -5.07 -8.31 -29.65
CA ALA C 72 -4.29 -8.22 -28.43
C ALA C 72 -5.19 -8.08 -27.20
N ILE C 73 -6.40 -7.55 -27.33
CA ILE C 73 -7.27 -7.35 -26.16
C ILE C 73 -8.12 -8.57 -25.80
N GLU C 74 -7.86 -9.72 -26.46
CA GLU C 74 -8.73 -10.89 -26.30
C GLU C 74 -8.81 -11.36 -24.85
N GLY C 75 -10.01 -11.61 -24.40
CA GLY C 75 -10.19 -12.07 -23.03
C GLY C 75 -10.18 -10.97 -21.95
N ALA C 76 -10.06 -9.70 -22.32
CA ALA C 76 -9.95 -8.58 -21.34
C ALA C 76 -11.12 -8.59 -20.37
N ASP C 77 -10.84 -8.50 -19.07
CA ASP C 77 -11.87 -8.39 -18.03
C ASP C 77 -12.39 -6.97 -17.90
N VAL C 78 -11.53 -6.00 -18.19
CA VAL C 78 -11.92 -4.59 -18.13
C VAL C 78 -11.27 -3.97 -19.32
N VAL C 79 -12.03 -3.12 -20.04
CA VAL C 79 -11.53 -2.34 -21.18
C VAL C 79 -11.80 -0.87 -20.89
N ILE C 80 -10.76 -0.04 -20.97
CA ILE C 80 -10.90 1.38 -20.73
C ILE C 80 -10.56 2.15 -22.02
N VAL C 81 -11.55 2.88 -22.53
CA VAL C 81 -11.46 3.55 -23.84
C VAL C 81 -11.20 5.03 -23.73
N THR C 82 -10.03 5.45 -24.20
CA THR C 82 -9.68 6.85 -24.27
C THR C 82 -9.47 7.27 -25.71
N ALA C 83 -9.61 6.35 -26.66
CA ALA C 83 -9.36 6.62 -28.09
C ALA C 83 -10.19 7.79 -28.53
N GLY C 84 -9.61 8.61 -29.40
CA GLY C 84 -10.37 9.74 -29.93
C GLY C 84 -9.56 10.94 -30.35
N VAL C 85 -10.26 12.06 -30.45
CA VAL C 85 -9.71 13.30 -30.99
C VAL C 85 -10.26 14.50 -30.20
N PRO C 86 -9.37 15.46 -29.87
CA PRO C 86 -9.78 16.71 -29.23
C PRO C 86 -10.54 17.66 -30.20
N SER C 92 -16.29 22.73 -35.73
CA SER C 92 -17.63 22.21 -36.03
C SER C 92 -18.05 21.12 -35.06
N ARG C 93 -19.11 21.32 -34.28
CA ARG C 93 -19.56 20.28 -33.34
C ARG C 93 -19.94 18.98 -34.07
N ASP C 94 -20.69 19.09 -35.17
CA ASP C 94 -21.07 17.91 -35.96
C ASP C 94 -19.85 17.21 -36.62
N ASP C 95 -18.74 17.95 -36.77
CA ASP C 95 -17.48 17.37 -37.27
C ASP C 95 -16.80 16.48 -36.20
N LEU C 96 -16.78 16.95 -34.95
CA LEU C 96 -16.24 16.19 -33.82
C LEU C 96 -17.01 14.90 -33.58
N LEU C 97 -18.32 15.03 -33.49
CA LEU C 97 -19.21 13.88 -33.32
C LEU C 97 -19.00 12.91 -34.46
N GLY C 98 -18.71 13.42 -35.65
CA GLY C 98 -18.52 12.55 -36.79
C GLY C 98 -17.22 11.78 -36.71
N ILE C 99 -16.17 12.44 -36.25
CA ILE C 99 -14.86 11.80 -36.08
C ILE C 99 -14.92 10.76 -34.93
N ASN C 100 -15.37 11.18 -33.74
CA ASN C 100 -15.34 10.29 -32.57
C ASN C 100 -16.35 9.15 -32.65
N LEU C 101 -17.53 9.38 -33.22
CA LEU C 101 -18.42 8.27 -33.51
C LEU C 101 -17.77 7.22 -34.39
N LYS C 102 -16.90 7.62 -35.32
CA LYS C 102 -16.21 6.66 -36.19
C LYS C 102 -15.34 5.75 -35.31
N VAL C 103 -14.66 6.38 -34.35
CA VAL C 103 -13.77 5.71 -33.42
C VAL C 103 -14.52 4.76 -32.55
N MET C 104 -15.66 5.18 -31.98
CA MET C 104 -16.50 4.27 -31.22
C MET C 104 -16.99 3.10 -32.07
N GLU C 105 -17.19 3.30 -33.37
CA GLU C 105 -17.60 2.17 -34.20
C GLU C 105 -16.51 1.12 -34.29
N GLN C 106 -15.31 1.57 -34.61
CA GLN C 106 -14.13 0.70 -34.65
C GLN C 106 -13.80 0.04 -33.30
N VAL C 107 -13.81 0.85 -32.23
CA VAL C 107 -13.61 0.35 -30.87
C VAL C 107 -14.71 -0.61 -30.46
N GLY C 108 -15.95 -0.28 -30.82
CA GLY C 108 -17.10 -1.16 -30.56
C GLY C 108 -16.99 -2.53 -31.22
N ALA C 109 -16.51 -2.53 -32.45
CA ALA C 109 -16.34 -3.72 -33.26
C ALA C 109 -15.27 -4.63 -32.65
N GLY C 110 -14.14 -4.05 -32.21
CA GLY C 110 -13.05 -4.81 -31.56
C GLY C 110 -13.43 -5.43 -30.23
N ILE C 111 -14.14 -4.68 -29.38
CA ILE C 111 -14.57 -5.20 -28.10
C ILE C 111 -15.55 -6.34 -28.32
N LYS C 112 -16.50 -6.13 -29.23
CA LYS C 112 -17.50 -7.15 -29.57
C LYS C 112 -16.82 -8.43 -30.04
N LYS C 113 -15.83 -8.30 -30.90
CA LYS C 113 -15.18 -9.49 -31.44
C LYS C 113 -14.29 -10.18 -30.43
N TYR C 114 -13.47 -9.38 -29.74
CA TYR C 114 -12.42 -9.94 -28.90
C TYR C 114 -12.63 -9.91 -27.35
N ALA C 115 -13.49 -9.03 -26.81
CA ALA C 115 -13.66 -8.90 -25.34
C ALA C 115 -15.13 -8.80 -24.90
N PRO C 116 -15.99 -9.70 -25.41
CA PRO C 116 -17.41 -9.48 -25.26
C PRO C 116 -17.92 -9.54 -23.80
N GLU C 117 -17.10 -10.09 -22.90
CA GLU C 117 -17.44 -10.18 -21.49
C GLU C 117 -16.77 -9.06 -20.64
N ALA C 118 -16.08 -8.11 -21.29
CA ALA C 118 -15.39 -7.02 -20.55
C ALA C 118 -16.37 -6.09 -19.84
N PHE C 119 -15.92 -5.49 -18.76
CA PHE C 119 -16.57 -4.28 -18.20
C PHE C 119 -15.88 -3.15 -18.93
N VAL C 120 -16.64 -2.33 -19.64
CA VAL C 120 -16.08 -1.31 -20.52
C VAL C 120 -16.30 0.01 -19.82
N ILE C 121 -15.23 0.79 -19.68
CA ILE C 121 -15.30 2.15 -19.14
C ILE C 121 -14.86 3.09 -20.24
N CYS C 122 -15.78 3.94 -20.64
CA CYS C 122 -15.57 4.90 -21.72
C CYS C 122 -15.17 6.25 -21.16
N ILE C 123 -14.13 6.85 -21.71
CA ILE C 123 -13.67 8.17 -21.28
C ILE C 123 -13.73 9.20 -22.42
N THR C 124 -13.77 8.74 -23.66
CA THR C 124 -13.86 9.60 -24.85
C THR C 124 -15.02 10.59 -24.84
N ASN C 125 -14.72 11.87 -25.08
CA ASN C 125 -15.73 12.94 -25.24
C ASN C 125 -16.45 13.04 -26.62
N PRO C 126 -17.69 13.58 -26.66
CA PRO C 126 -18.50 13.99 -25.52
C PRO C 126 -19.17 12.77 -24.88
N LEU C 127 -18.94 12.66 -23.56
CA LEU C 127 -18.98 11.40 -22.84
C LEU C 127 -20.36 10.76 -22.83
N ASP C 128 -21.39 11.48 -22.44
CA ASP C 128 -22.67 10.80 -22.37
C ASP C 128 -23.15 10.34 -23.73
N ALA C 129 -22.84 11.05 -24.81
CA ALA C 129 -23.18 10.54 -26.16
C ALA C 129 -22.28 9.41 -26.58
N MET C 130 -20.97 9.56 -26.38
CA MET C 130 -20.08 8.53 -26.88
C MET C 130 -20.27 7.18 -26.16
N VAL C 131 -20.52 7.19 -24.83
CA VAL C 131 -20.69 5.89 -24.13
C VAL C 131 -21.96 5.19 -24.64
N TRP C 132 -23.04 5.96 -24.70
CA TRP C 132 -24.32 5.52 -25.30
C TRP C 132 -24.09 4.85 -26.67
N ALA C 133 -23.27 5.48 -27.51
CA ALA C 133 -23.03 5.05 -28.89
C ALA C 133 -22.19 3.78 -28.87
N LEU C 134 -21.17 3.81 -28.01
CA LEU C 134 -20.29 2.68 -27.83
C LEU C 134 -21.04 1.47 -27.41
N GLN C 135 -22.00 1.55 -26.49
CA GLN C 135 -22.67 0.29 -26.16
C GLN C 135 -23.58 -0.18 -27.29
N LYS C 136 -24.05 0.72 -28.13
CA LYS C 136 -24.91 0.26 -29.25
C LYS C 136 -24.03 -0.40 -30.28
N PHE C 137 -22.89 0.21 -30.60
CA PHE C 137 -22.02 -0.36 -31.62
C PHE C 137 -21.44 -1.70 -31.19
N SER C 138 -20.97 -1.76 -29.93
CA SER C 138 -20.38 -2.99 -29.38
C SER C 138 -21.46 -4.04 -29.13
N GLY C 139 -22.67 -3.60 -28.82
CA GLY C 139 -23.75 -4.50 -28.44
C GLY C 139 -23.55 -5.24 -27.12
N LEU C 140 -22.63 -4.75 -26.27
CA LEU C 140 -22.43 -5.38 -24.96
C LEU C 140 -23.59 -5.04 -24.05
N PRO C 141 -23.88 -5.92 -23.07
CA PRO C 141 -24.96 -5.60 -22.12
C PRO C 141 -24.72 -4.22 -21.48
N ALA C 142 -25.75 -3.39 -21.40
CA ALA C 142 -25.61 -1.99 -20.94
C ALA C 142 -25.02 -1.92 -19.53
N HIS C 143 -25.38 -2.85 -18.66
CA HIS C 143 -24.81 -2.87 -17.30
C HIS C 143 -23.32 -3.17 -17.25
N LYS C 144 -22.71 -3.49 -18.39
CA LYS C 144 -21.29 -3.71 -18.49
C LYS C 144 -20.55 -2.61 -19.27
N VAL C 145 -21.25 -1.55 -19.66
CA VAL C 145 -20.62 -0.44 -20.39
C VAL C 145 -20.98 0.83 -19.65
N VAL C 146 -19.98 1.59 -19.19
CA VAL C 146 -20.22 2.82 -18.44
C VAL C 146 -19.29 3.92 -18.88
N GLY C 147 -19.63 5.16 -18.52
CA GLY C 147 -18.81 6.31 -18.83
C GLY C 147 -18.28 6.88 -17.54
N MET C 148 -17.01 7.27 -17.56
CA MET C 148 -16.39 7.95 -16.43
C MET C 148 -16.58 9.44 -16.65
N ALA C 149 -17.27 10.09 -15.70
CA ALA C 149 -17.39 11.56 -15.72
C ALA C 149 -17.59 12.07 -14.30
N GLY C 150 -18.59 11.53 -13.64
CA GLY C 150 -18.94 11.99 -12.32
C GLY C 150 -17.84 11.85 -11.28
N VAL C 151 -17.05 10.79 -11.36
CA VAL C 151 -15.98 10.60 -10.40
C VAL C 151 -14.97 11.71 -10.53
N LEU C 152 -14.70 12.16 -11.75
CA LEU C 152 -13.69 13.20 -11.95
C LEU C 152 -14.22 14.53 -11.37
N ASP C 153 -15.48 14.85 -11.67
CA ASP C 153 -16.06 16.10 -11.14
C ASP C 153 -16.12 16.05 -9.62
N SER C 154 -16.53 14.90 -9.11
CA SER C 154 -16.56 14.70 -7.68
C SER C 154 -15.19 14.89 -7.04
N ALA C 155 -14.16 14.34 -7.65
CA ALA C 155 -12.78 14.51 -7.16
C ALA C 155 -12.34 16.00 -7.07
N ARG C 156 -12.54 16.74 -8.16
CA ARG C 156 -12.18 18.17 -8.19
C ARG C 156 -12.95 18.90 -7.14
N PHE C 157 -14.24 18.65 -7.07
CA PHE C 157 -15.14 19.33 -6.12
C PHE C 157 -14.66 19.07 -4.66
N ARG C 158 -14.36 17.80 -4.36
CA ARG C 158 -13.88 17.43 -3.02
C ARG C 158 -12.51 18.08 -2.73
N TYR C 159 -11.63 18.15 -3.72
CA TYR C 159 -10.32 18.78 -3.53
C TYR C 159 -10.49 20.29 -3.18
N PHE C 160 -11.36 21.00 -3.93
CA PHE C 160 -11.59 22.43 -3.73
C PHE C 160 -12.17 22.69 -2.32
N LEU C 161 -13.13 21.89 -1.90
CA LEU C 161 -13.68 21.97 -0.58
C LEU C 161 -12.63 21.65 0.48
N SER C 162 -11.81 20.62 0.24
CA SER C 162 -10.78 20.28 1.21
C SER C 162 -9.84 21.48 1.46
N GLU C 163 -9.54 22.25 0.45
CA GLU C 163 -8.69 23.44 0.53
CA GLU C 163 -8.64 23.38 0.65
C GLU C 163 -9.44 24.52 1.28
N GLU C 164 -10.69 24.69 0.88
CA GLU C 164 -11.54 25.69 1.48
C GLU C 164 -11.60 25.54 2.99
N PHE C 165 -11.78 24.32 3.49
CA PHE C 165 -12.00 24.12 4.94
C PHE C 165 -10.77 23.62 5.65
N ASN C 166 -9.70 23.37 4.89
CA ASN C 166 -8.44 22.91 5.49
C ASN C 166 -8.59 21.57 6.23
N VAL C 167 -9.31 20.63 5.61
CA VAL C 167 -9.46 19.25 6.13
C VAL C 167 -8.99 18.19 5.10
N SER C 168 -8.76 16.95 5.56
CA SER C 168 -8.41 15.87 4.65
C SER C 168 -9.41 15.73 3.51
N VAL C 169 -8.90 15.42 2.33
CA VAL C 169 -9.77 15.03 1.22
C VAL C 169 -10.66 13.81 1.57
N GLU C 170 -10.27 13.00 2.55
CA GLU C 170 -11.02 11.82 2.89
C GLU C 170 -12.26 12.14 3.66
N ASP C 171 -12.38 13.37 4.16
CA ASP C 171 -13.56 13.70 4.94
C ASP C 171 -14.54 14.57 4.20
N VAL C 172 -14.35 14.76 2.90
CA VAL C 172 -15.32 15.47 2.11
C VAL C 172 -16.02 14.45 1.21
N THR C 173 -17.33 14.56 1.14
CA THR C 173 -18.19 13.79 0.24
C THR C 173 -18.95 14.77 -0.66
N VAL C 174 -19.03 14.50 -1.96
CA VAL C 174 -19.89 15.30 -2.82
C VAL C 174 -20.81 14.42 -3.63
N PHE C 175 -21.97 14.94 -4.00
CA PHE C 175 -22.98 14.15 -4.73
C PHE C 175 -23.25 14.87 -6.04
N VAL C 176 -22.99 14.21 -7.16
CA VAL C 176 -23.18 14.81 -8.45
C VAL C 176 -23.95 13.93 -9.40
N LEU C 177 -24.90 14.54 -10.13
CA LEU C 177 -25.63 13.90 -11.20
C LEU C 177 -25.22 14.56 -12.46
N GLY C 178 -25.55 13.93 -13.56
CA GLY C 178 -25.38 14.52 -14.87
C GLY C 178 -23.96 14.35 -15.36
N GLY C 179 -23.54 15.28 -16.22
CA GLY C 179 -22.23 15.23 -16.83
C GLY C 179 -21.42 16.42 -16.40
N HIS C 180 -20.50 16.83 -17.27
CA HIS C 180 -19.56 17.91 -16.99
C HIS C 180 -20.12 19.29 -17.30
N GLY C 181 -19.52 20.31 -16.72
CA GLY C 181 -19.82 21.65 -17.09
C GLY C 181 -21.21 22.04 -16.69
N ASP C 182 -21.95 22.56 -17.66
CA ASP C 182 -23.33 23.04 -17.48
C ASP C 182 -24.29 21.89 -17.32
N SER C 183 -23.88 20.72 -17.77
CA SER C 183 -24.73 19.56 -17.60
C SER C 183 -24.62 18.94 -16.22
N MET C 184 -23.71 19.41 -15.36
CA MET C 184 -23.55 18.88 -13.98
C MET C 184 -24.66 19.34 -13.09
N VAL C 185 -25.18 18.43 -12.27
CA VAL C 185 -26.18 18.76 -11.27
C VAL C 185 -25.70 18.35 -9.86
N PRO C 186 -24.96 19.24 -9.18
CA PRO C 186 -24.48 18.85 -7.86
C PRO C 186 -25.62 19.00 -6.91
N LEU C 187 -25.56 18.30 -5.79
CA LEU C 187 -26.54 18.46 -4.72
C LEU C 187 -25.79 18.79 -3.43
N ALA C 188 -25.74 20.08 -3.16
CA ALA C 188 -25.09 20.64 -2.00
C ALA C 188 -25.59 19.96 -0.75
N ARG C 189 -26.89 19.68 -0.70
CA ARG C 189 -27.45 19.09 0.53
C ARG C 189 -26.97 17.66 0.77
N TYR C 190 -26.46 17.02 -0.26
CA TYR C 190 -25.97 15.64 -0.17
C TYR C 190 -24.44 15.58 -0.27
N SER C 191 -23.79 16.73 -0.07
CA SER C 191 -22.32 16.88 -0.06
C SER C 191 -21.94 17.37 1.33
N THR C 192 -20.85 16.85 1.89
CA THR C 192 -20.59 17.01 3.32
C THR C 192 -19.12 17.13 3.63
N VAL C 193 -18.86 17.66 4.81
CA VAL C 193 -17.64 17.39 5.57
C VAL C 193 -17.93 16.55 6.84
N ALA C 194 -17.40 15.34 6.92
CA ALA C 194 -17.62 14.50 8.12
C ALA C 194 -19.11 14.30 8.39
N GLY C 195 -19.92 14.26 7.35
CA GLY C 195 -21.35 14.06 7.51
C GLY C 195 -22.18 15.32 7.66
N ILE C 196 -21.53 16.49 7.82
CA ILE C 196 -22.19 17.82 7.87
C ILE C 196 -22.44 18.46 6.50
N PRO C 197 -23.70 18.63 6.11
CA PRO C 197 -23.96 19.11 4.77
C PRO C 197 -23.47 20.53 4.45
N LEU C 198 -23.16 20.81 3.18
CA LEU C 198 -22.70 22.14 2.76
C LEU C 198 -23.57 23.30 3.27
N PRO C 199 -24.90 23.17 3.12
CA PRO C 199 -25.76 24.28 3.59
C PRO C 199 -25.64 24.55 5.09
N ASP C 200 -25.45 23.51 5.91
CA ASP C 200 -25.28 23.72 7.33
C ASP C 200 -23.90 24.37 7.63
N LEU C 201 -22.90 24.12 6.79
CA LEU C 201 -21.55 24.69 6.99
C LEU C 201 -21.59 26.19 6.77
N VAL C 202 -22.37 26.63 5.78
CA VAL C 202 -22.65 28.04 5.61
C VAL C 202 -23.24 28.68 6.87
N LYS C 203 -24.30 28.08 7.42
CA LYS C 203 -24.90 28.61 8.65
C LYS C 203 -23.85 28.70 9.76
N MET C 204 -23.22 27.59 10.10
CA MET C 204 -22.09 27.59 11.06
C MET C 204 -20.91 28.54 10.71
N GLY C 205 -21.06 29.37 9.67
CA GLY C 205 -20.09 30.40 9.32
C GLY C 205 -18.74 29.87 8.87
N TRP C 206 -18.65 28.59 8.55
CA TRP C 206 -17.38 28.04 8.03
C TRP C 206 -17.03 28.61 6.66
N THR C 207 -18.06 29.02 5.92
CA THR C 207 -17.85 29.61 4.62
C THR C 207 -19.11 30.35 4.28
N SER C 208 -19.14 30.96 3.11
CA SER C 208 -20.28 31.76 2.70
C SER C 208 -20.86 31.09 1.49
N GLN C 209 -22.11 31.40 1.19
CA GLN C 209 -22.79 30.84 0.04
C GLN C 209 -22.09 31.24 -1.21
N ASP C 210 -21.55 32.47 -1.23
CA ASP C 210 -20.89 32.99 -2.43
C ASP C 210 -19.64 32.18 -2.76
N LYS C 211 -18.94 31.73 -1.74
CA LYS C 211 -17.72 30.95 -1.96
C LYS C 211 -18.06 29.53 -2.43
N LEU C 212 -19.14 28.96 -1.91
CA LEU C 212 -19.65 27.65 -2.36
C LEU C 212 -19.97 27.70 -3.83
N ASP C 213 -20.69 28.75 -4.21
CA ASP C 213 -21.08 28.93 -5.56
C ASP C 213 -19.85 28.99 -6.48
N LYS C 214 -18.78 29.62 -6.01
CA LYS C 214 -17.57 29.73 -6.82
C LYS C 214 -16.86 28.37 -6.97
N ILE C 215 -16.88 27.57 -5.90
CA ILE C 215 -16.31 26.22 -5.92
C ILE C 215 -17.10 25.37 -6.90
N ILE C 216 -18.43 25.46 -6.87
CA ILE C 216 -19.30 24.75 -7.82
C ILE C 216 -18.99 25.14 -9.24
N GLN C 217 -18.90 26.44 -9.49
CA GLN C 217 -18.54 26.92 -10.84
C GLN C 217 -17.15 26.44 -11.23
N ARG C 218 -16.23 26.45 -10.27
CA ARG C 218 -14.86 25.98 -10.54
C ARG C 218 -14.87 24.49 -10.95
N THR C 219 -15.71 23.70 -10.26
CA THR C 219 -15.92 22.30 -10.61
C THR C 219 -16.47 22.23 -12.01
N ARG C 220 -17.46 23.06 -12.36
CA ARG C 220 -17.98 23.02 -13.76
C ARG C 220 -16.88 23.33 -14.80
N ASP C 221 -15.98 24.25 -14.47
CA ASP C 221 -14.94 24.65 -15.43
C ASP C 221 -13.59 23.95 -15.21
N GLY C 222 -13.56 22.92 -14.35
CA GLY C 222 -12.32 22.24 -13.97
C GLY C 222 -11.48 21.73 -15.12
N GLY C 223 -12.12 21.14 -16.10
CA GLY C 223 -11.37 20.61 -17.20
C GLY C 223 -10.75 21.76 -18.00
N ALA C 224 -11.55 22.78 -18.31
CA ALA C 224 -11.05 23.96 -19.03
C ALA C 224 -9.96 24.68 -18.21
N GLU C 225 -10.10 24.70 -16.88
CA GLU C 225 -9.05 25.28 -16.06
C GLU C 225 -7.72 24.59 -16.28
N ILE C 226 -7.69 23.25 -16.31
CA ILE C 226 -6.45 22.54 -16.56
C ILE C 226 -5.93 22.78 -17.95
N VAL C 227 -6.80 22.81 -18.95
CA VAL C 227 -6.34 23.06 -20.33
C VAL C 227 -5.65 24.44 -20.44
N GLY C 228 -6.16 25.41 -19.69
CA GLY C 228 -5.59 26.74 -19.71
C GLY C 228 -4.22 26.80 -19.07
N LEU C 229 -4.01 26.05 -17.98
CA LEU C 229 -2.71 25.97 -17.35
C LEU C 229 -1.73 25.19 -18.22
N LEU C 230 -2.13 24.06 -18.79
CA LEU C 230 -1.16 23.25 -19.57
C LEU C 230 -0.86 23.82 -20.97
N LYS C 231 -1.71 24.72 -21.45
CA LYS C 231 -1.65 25.31 -22.81
C LYS C 231 -1.86 24.30 -23.95
N THR C 232 -1.13 23.19 -23.98
CA THR C 232 -1.16 22.30 -25.14
C THR C 232 -1.65 20.86 -24.88
N GLY C 233 -2.51 20.66 -23.89
CA GLY C 233 -3.17 19.38 -23.71
C GLY C 233 -4.20 19.50 -22.62
N SER C 234 -4.82 18.39 -22.24
CA SER C 234 -5.84 18.38 -21.21
C SER C 234 -5.48 17.50 -19.98
N ALA C 235 -6.33 17.46 -18.95
CA ALA C 235 -6.01 16.78 -17.71
C ALA C 235 -5.78 15.27 -17.95
N PHE C 236 -4.81 14.62 -17.30
CA PHE C 236 -4.69 13.16 -17.39
C PHE C 236 -4.51 12.41 -16.06
N TYR C 237 -3.92 13.04 -15.03
CA TYR C 237 -3.78 12.36 -13.74
C TYR C 237 -5.13 12.07 -13.04
N ALA C 238 -5.96 13.08 -12.83
CA ALA C 238 -7.22 12.87 -12.17
C ALA C 238 -8.21 12.02 -13.00
N PRO C 239 -8.31 12.23 -14.29
CA PRO C 239 -9.15 11.35 -15.13
C PRO C 239 -8.75 9.88 -15.09
N ALA C 240 -7.46 9.62 -15.20
CA ALA C 240 -6.95 8.25 -15.00
C ALA C 240 -7.23 7.71 -13.61
N ALA C 241 -6.97 8.45 -12.52
CA ALA C 241 -7.28 7.94 -11.17
C ALA C 241 -8.76 7.58 -11.08
N SER C 242 -9.62 8.40 -11.71
CA SER C 242 -11.07 8.23 -11.56
C SER C 242 -11.53 6.93 -12.25
N ALA C 243 -11.05 6.66 -13.45
CA ALA C 243 -11.40 5.44 -14.16
C ALA C 243 -10.84 4.21 -13.44
N ILE C 244 -9.63 4.31 -12.90
CA ILE C 244 -9.06 3.21 -12.15
C ILE C 244 -9.95 2.90 -10.96
N GLN C 245 -10.54 3.92 -10.33
CA GLN C 245 -11.35 3.62 -9.15
C GLN C 245 -12.56 2.78 -9.55
N MET C 246 -13.14 3.14 -10.69
CA MET C 246 -14.29 2.42 -11.21
C MET C 246 -13.92 0.95 -11.56
N ALA C 247 -12.80 0.76 -12.26
CA ALA C 247 -12.32 -0.55 -12.63
C ALA C 247 -12.07 -1.41 -11.43
N GLU C 248 -11.53 -0.79 -10.40
CA GLU C 248 -11.11 -1.49 -9.23
C GLU C 248 -12.32 -1.97 -8.44
N SER C 249 -13.40 -1.18 -8.45
CA SER C 249 -14.64 -1.57 -7.77
C SER C 249 -15.27 -2.81 -8.45
N TYR C 250 -15.17 -2.87 -9.78
CA TYR C 250 -15.55 -4.05 -10.55
C TYR C 250 -14.63 -5.23 -10.17
N LEU C 251 -13.32 -5.07 -10.34
CA LEU C 251 -12.37 -6.17 -10.18
C LEU C 251 -12.34 -6.78 -8.77
N LYS C 252 -12.51 -5.95 -7.76
CA LYS C 252 -12.46 -6.42 -6.40
C LYS C 252 -13.87 -6.59 -5.84
N ASP C 253 -14.89 -6.49 -6.71
CA ASP C 253 -16.33 -6.57 -6.29
C ASP C 253 -16.61 -5.76 -5.00
N LYS C 254 -16.15 -4.51 -4.96
CA LYS C 254 -16.27 -3.64 -3.76
C LYS C 254 -17.68 -3.12 -3.50
N LYS C 255 -18.48 -2.94 -4.55
CA LYS C 255 -19.80 -2.33 -4.44
C LYS C 255 -19.69 -0.87 -3.93
N ARG C 256 -18.76 -0.14 -4.50
CA ARG C 256 -18.69 1.30 -4.24
C ARG C 256 -19.87 1.97 -4.86
N VAL C 257 -20.32 3.06 -4.23
CA VAL C 257 -21.35 3.90 -4.72
C VAL C 257 -20.67 5.03 -5.47
N LEU C 258 -20.65 4.93 -6.80
CA LEU C 258 -19.95 5.88 -7.67
C LEU C 258 -20.87 6.57 -8.68
N PRO C 259 -20.63 7.90 -8.94
CA PRO C 259 -21.34 8.62 -9.99
C PRO C 259 -20.71 8.32 -11.38
N VAL C 260 -21.51 7.69 -12.24
CA VAL C 260 -21.04 7.07 -13.45
C VAL C 260 -22.12 7.31 -14.52
N ALA C 261 -21.74 7.35 -15.79
CA ALA C 261 -22.69 7.40 -16.85
C ALA C 261 -23.21 5.98 -17.05
N ALA C 262 -24.50 5.78 -16.80
CA ALA C 262 -25.12 4.47 -16.85
C ALA C 262 -26.42 4.56 -17.69
N GLN C 263 -26.84 3.45 -18.27
CA GLN C 263 -28.12 3.40 -18.96
C GLN C 263 -29.25 3.39 -17.98
N LEU C 264 -30.18 4.33 -18.15
CA LEU C 264 -31.37 4.37 -17.34
C LEU C 264 -32.44 3.70 -18.12
N SER C 265 -33.35 3.04 -17.43
CA SER C 265 -34.48 2.44 -18.09
C SER C 265 -35.71 2.64 -17.21
N GLY C 266 -36.00 3.91 -16.90
CA GLY C 266 -37.15 4.25 -16.09
C GLY C 266 -36.81 5.14 -14.92
N GLN C 267 -35.64 4.94 -14.35
CA GLN C 267 -35.25 5.71 -13.18
C GLN C 267 -35.22 7.17 -13.55
N TYR C 268 -35.67 8.03 -12.64
CA TYR C 268 -35.69 9.46 -12.91
C TYR C 268 -36.51 9.86 -14.17
N GLY C 269 -37.36 8.98 -14.66
CA GLY C 269 -38.13 9.25 -15.86
C GLY C 269 -37.40 9.12 -17.20
N VAL C 270 -36.22 8.51 -17.21
CA VAL C 270 -35.42 8.40 -18.42
C VAL C 270 -35.33 6.94 -18.89
N LYS C 271 -35.54 6.71 -20.19
CA LYS C 271 -35.38 5.39 -20.83
C LYS C 271 -34.38 5.46 -21.98
N ASP C 272 -33.61 4.37 -22.16
CA ASP C 272 -32.76 4.19 -23.35
C ASP C 272 -31.80 5.36 -23.59
N MET C 273 -31.22 5.87 -22.52
CA MET C 273 -30.22 6.92 -22.60
C MET C 273 -29.19 6.76 -21.47
N TYR C 274 -27.94 7.16 -21.72
CA TYR C 274 -26.91 7.22 -20.68
C TYR C 274 -26.92 8.57 -19.97
N VAL C 275 -26.99 8.53 -18.63
CA VAL C 275 -26.93 9.72 -17.78
C VAL C 275 -26.06 9.45 -16.52
N GLY C 276 -25.44 10.52 -16.01
CA GLY C 276 -24.66 10.43 -14.79
C GLY C 276 -25.54 10.23 -13.58
N VAL C 277 -25.41 9.09 -12.90
CA VAL C 277 -26.25 8.77 -11.73
C VAL C 277 -25.44 8.04 -10.68
N PRO C 278 -25.93 7.95 -9.43
CA PRO C 278 -25.27 7.10 -8.45
C PRO C 278 -25.51 5.62 -8.68
N THR C 279 -24.43 4.87 -8.90
CA THR C 279 -24.47 3.44 -9.20
C THR C 279 -23.66 2.67 -8.17
N VAL C 280 -24.03 1.41 -7.99
CA VAL C 280 -23.25 0.52 -7.16
C VAL C 280 -22.51 -0.37 -8.15
N ILE C 281 -21.17 -0.29 -8.16
CA ILE C 281 -20.34 -1.06 -9.12
C ILE C 281 -19.69 -2.27 -8.43
N GLY C 282 -19.98 -3.46 -8.93
CA GLY C 282 -19.43 -4.68 -8.36
C GLY C 282 -19.05 -5.62 -9.46
N ALA C 283 -18.79 -6.88 -9.11
CA ALA C 283 -18.39 -7.91 -10.09
C ALA C 283 -19.34 -8.12 -11.26
N ASN C 284 -20.57 -7.67 -11.14
CA ASN C 284 -21.44 -7.66 -12.31
C ASN C 284 -21.65 -6.33 -13.00
N GLY C 285 -20.79 -5.36 -12.73
CA GLY C 285 -20.90 -4.10 -13.39
C GLY C 285 -21.82 -3.21 -12.58
N VAL C 286 -22.73 -2.54 -13.29
CA VAL C 286 -23.69 -1.68 -12.65
C VAL C 286 -24.72 -2.58 -12.03
N GLU C 287 -24.63 -2.81 -10.72
CA GLU C 287 -25.51 -3.74 -10.07
C GLU C 287 -26.77 -3.08 -9.56
N ARG C 288 -26.68 -1.78 -9.22
CA ARG C 288 -27.83 -0.98 -8.84
C ARG C 288 -27.70 0.46 -9.32
N ILE C 289 -28.81 1.08 -9.72
CA ILE C 289 -28.82 2.53 -9.94
C ILE C 289 -29.67 3.12 -8.86
N ILE C 290 -29.11 4.09 -8.13
CA ILE C 290 -29.78 4.61 -6.98
C ILE C 290 -30.68 5.74 -7.41
N GLU C 291 -31.94 5.64 -6.97
CA GLU C 291 -32.95 6.59 -7.36
C GLU C 291 -33.33 7.43 -6.15
N ILE C 292 -32.77 8.62 -6.04
CA ILE C 292 -33.05 9.47 -4.91
C ILE C 292 -34.31 10.32 -5.13
N ASP C 293 -34.80 10.91 -4.03
CA ASP C 293 -35.96 11.78 -4.10
C ASP C 293 -35.53 13.22 -4.35
N LEU C 294 -35.67 13.63 -5.61
CA LEU C 294 -35.31 14.99 -5.99
C LEU C 294 -36.42 15.98 -5.60
N ASP C 295 -36.04 17.15 -5.10
CA ASP C 295 -37.00 18.26 -4.99
C ASP C 295 -37.20 18.92 -6.37
N LYS C 296 -38.18 19.83 -6.44
CA LYS C 296 -38.67 20.31 -7.75
C LYS C 296 -37.61 21.07 -8.55
N ASP C 297 -36.76 21.81 -7.86
CA ASP C 297 -35.72 22.59 -8.51
C ASP C 297 -34.57 21.67 -9.01
N GLU C 298 -34.28 20.63 -8.23
CA GLU C 298 -33.27 19.61 -8.62
C GLU C 298 -33.76 18.82 -9.80
N LYS C 299 -35.04 18.45 -9.77
CA LYS C 299 -35.67 17.76 -10.89
C LYS C 299 -35.60 18.55 -12.18
N ALA C 300 -35.88 19.85 -12.12
CA ALA C 300 -35.82 20.73 -13.29
C ALA C 300 -34.36 20.84 -13.82
N GLN C 301 -33.41 21.04 -12.90
CA GLN C 301 -31.99 21.06 -13.25
C GLN C 301 -31.60 19.77 -14.01
N PHE C 302 -31.94 18.63 -13.41
CA PHE C 302 -31.67 17.29 -13.96
C PHE C 302 -32.32 17.06 -15.34
N ASP C 303 -33.58 17.41 -15.45
CA ASP C 303 -34.30 17.32 -16.71
C ASP C 303 -33.65 18.23 -17.80
N LYS C 304 -33.22 19.44 -17.42
CA LYS C 304 -32.54 20.30 -18.37
C LYS C 304 -31.29 19.56 -18.84
N SER C 305 -30.56 18.99 -17.89
CA SER C 305 -29.30 18.28 -18.24
C SER C 305 -29.54 17.07 -19.12
N VAL C 306 -30.56 16.29 -18.78
CA VAL C 306 -30.95 15.13 -19.60
C VAL C 306 -31.36 15.57 -21.02
N ALA C 307 -32.03 16.73 -21.12
CA ALA C 307 -32.56 17.23 -22.41
C ALA C 307 -31.38 17.54 -23.34
N SER C 308 -30.36 18.15 -22.76
CA SER C 308 -29.18 18.48 -23.51
C SER C 308 -28.40 17.22 -23.93
N VAL C 309 -28.45 16.14 -23.14
CA VAL C 309 -27.86 14.87 -23.57
C VAL C 309 -28.68 14.19 -24.68
N ALA C 310 -30.00 14.18 -24.57
CA ALA C 310 -30.89 13.65 -25.63
C ALA C 310 -30.61 14.39 -26.95
N GLY C 311 -30.47 15.70 -26.85
CA GLY C 311 -30.07 16.55 -27.98
C GLY C 311 -28.85 16.04 -28.70
N LEU C 312 -27.79 15.77 -27.94
CA LEU C 312 -26.57 15.20 -28.50
C LEU C 312 -26.80 13.83 -29.12
N CYS C 313 -27.60 12.99 -28.49
CA CYS C 313 -27.82 11.65 -29.05
C CYS C 313 -28.55 11.73 -30.41
N GLU C 314 -29.52 12.63 -30.51
CA GLU C 314 -30.20 12.88 -31.77
C GLU C 314 -29.20 13.32 -32.85
N ALA C 315 -28.37 14.33 -32.59
CA ALA C 315 -27.32 14.68 -33.54
C ALA C 315 -26.56 13.41 -33.95
N CYS C 316 -26.24 12.56 -32.97
CA CYS C 316 -25.52 11.32 -33.27
C CYS C 316 -26.28 10.41 -34.24
N ILE C 317 -27.56 10.20 -34.00
CA ILE C 317 -28.42 9.46 -34.92
C ILE C 317 -28.41 10.13 -36.31
N GLY C 318 -28.48 11.46 -36.36
CA GLY C 318 -28.33 12.20 -37.61
C GLY C 318 -27.10 11.78 -38.41
N ILE C 319 -25.95 11.72 -37.74
CA ILE C 319 -24.67 11.37 -38.37
C ILE C 319 -24.50 9.86 -38.55
N ALA C 320 -25.30 9.05 -37.87
CA ALA C 320 -25.13 7.60 -37.89
C ALA C 320 -26.44 6.90 -37.56
N PRO C 321 -27.31 6.77 -38.58
CA PRO C 321 -28.70 6.30 -38.44
C PRO C 321 -28.81 4.93 -37.82
N SER C 322 -27.88 4.07 -38.21
CA SER C 322 -27.58 2.82 -37.52
C SER C 322 -28.03 2.80 -36.03
N LEU C 323 -27.71 3.88 -35.32
CA LEU C 323 -28.18 4.04 -33.95
C LEU C 323 -29.67 4.41 -33.97
N ALA D 6 5.62 18.77 10.78
CA ALA D 6 5.47 19.30 9.36
C ALA D 6 5.84 18.21 8.36
N ARG D 7 5.24 18.22 7.19
CA ARG D 7 5.51 17.18 6.22
C ARG D 7 6.84 17.42 5.52
N ASN D 8 7.44 16.34 5.03
CA ASN D 8 8.57 16.39 4.12
C ASN D 8 8.18 17.22 2.90
N LYS D 9 9.15 17.92 2.33
CA LYS D 9 8.93 18.68 1.13
C LYS D 9 9.86 18.18 0.04
N ILE D 10 9.32 17.94 -1.15
CA ILE D 10 10.06 17.43 -2.25
C ILE D 10 9.97 18.36 -3.41
N ALA D 11 11.11 18.86 -3.85
CA ALA D 11 11.15 19.81 -4.95
C ALA D 11 11.67 19.16 -6.20
N LEU D 12 10.94 19.36 -7.28
CA LEU D 12 11.25 18.74 -8.52
C LEU D 12 11.64 19.85 -9.46
N ILE D 13 12.91 19.90 -9.84
CA ILE D 13 13.40 20.93 -10.78
C ILE D 13 13.28 20.41 -12.18
N GLY D 14 12.22 20.81 -12.85
CA GLY D 14 11.88 20.29 -14.18
C GLY D 14 10.52 19.61 -14.08
N SER D 15 9.56 20.02 -14.91
CA SER D 15 8.21 19.48 -14.86
C SER D 15 7.76 18.83 -16.15
N GLY D 16 8.70 18.26 -16.88
CA GLY D 16 8.30 17.40 -17.99
C GLY D 16 7.68 16.07 -17.51
N MET D 17 7.72 15.09 -18.42
CA MET D 17 7.12 13.80 -18.22
C MET D 17 7.76 13.05 -17.05
N ILE D 18 9.08 13.09 -16.93
CA ILE D 18 9.70 12.58 -15.73
C ILE D 18 9.28 13.31 -14.44
N GLY D 19 9.36 14.66 -14.44
CA GLY D 19 8.93 15.46 -13.25
C GLY D 19 7.48 15.19 -12.82
N GLY D 20 6.57 15.16 -13.78
CA GLY D 20 5.17 14.86 -13.49
C GLY D 20 5.01 13.49 -12.88
N THR D 21 5.75 12.51 -13.41
CA THR D 21 5.68 11.14 -12.87
C THR D 21 6.25 11.06 -11.49
N LEU D 22 7.36 11.76 -11.31
CA LEU D 22 7.92 11.93 -9.99
C LEU D 22 6.88 12.50 -9.04
N ALA D 23 6.14 13.54 -9.46
CA ALA D 23 5.15 14.16 -8.56
C ALA D 23 4.03 13.17 -8.21
N HIS D 24 3.51 12.48 -9.23
CA HIS D 24 2.44 11.50 -9.05
C HIS D 24 2.91 10.38 -8.08
N LEU D 25 4.13 9.87 -8.24
CA LEU D 25 4.63 8.81 -7.38
C LEU D 25 4.80 9.29 -5.95
N ALA D 26 5.39 10.47 -5.77
CA ALA D 26 5.49 11.10 -4.44
C ALA D 26 4.12 11.21 -3.76
N GLY D 27 3.11 11.62 -4.54
CA GLY D 27 1.73 11.67 -4.06
C GLY D 27 1.20 10.30 -3.63
N LEU D 28 1.16 9.33 -4.54
CA LEU D 28 0.61 8.00 -4.24
C LEU D 28 1.33 7.34 -3.03
N LYS D 29 2.63 7.59 -2.93
CA LYS D 29 3.44 6.96 -1.90
C LYS D 29 3.47 7.80 -0.62
N GLU D 30 2.85 8.98 -0.66
CA GLU D 30 2.75 9.86 0.52
C GLU D 30 4.12 10.26 1.09
N LEU D 31 5.03 10.64 0.23
CA LEU D 31 6.37 10.99 0.67
C LEU D 31 6.42 12.43 1.17
N GLY D 32 5.37 13.20 0.92
CA GLY D 32 5.26 14.54 1.47
C GLY D 32 4.67 15.52 0.48
N ASP D 33 4.82 16.81 0.77
CA ASP D 33 4.34 17.88 -0.13
C ASP D 33 5.28 17.98 -1.31
N VAL D 34 4.78 18.40 -2.45
CA VAL D 34 5.53 18.42 -3.68
C VAL D 34 5.53 19.80 -4.32
N VAL D 35 6.72 20.25 -4.75
CA VAL D 35 6.84 21.47 -5.53
C VAL D 35 7.32 21.07 -6.88
N LEU D 36 6.55 21.43 -7.90
CA LEU D 36 6.98 21.29 -9.26
C LEU D 36 7.52 22.66 -9.74
N PHE D 37 8.78 22.71 -10.18
CA PHE D 37 9.40 23.92 -10.70
C PHE D 37 9.81 23.78 -12.15
N ASP D 38 9.62 24.85 -12.93
CA ASP D 38 10.05 24.90 -14.32
C ASP D 38 9.93 26.33 -14.84
N ILE D 39 10.67 26.62 -15.92
CA ILE D 39 10.43 27.85 -16.69
C ILE D 39 9.12 27.86 -17.44
N ALA D 40 8.79 26.80 -18.17
CA ALA D 40 7.60 26.87 -19.07
C ALA D 40 6.51 27.37 -18.16
N GLU D 41 5.90 28.47 -18.53
CA GLU D 41 4.74 28.96 -17.82
C GLU D 41 3.58 27.92 -17.94
N GLY D 42 2.74 27.83 -16.89
CA GLY D 42 1.50 27.05 -16.95
C GLY D 42 1.64 25.56 -16.61
N THR D 43 2.65 24.93 -17.21
CA THR D 43 2.97 23.54 -17.09
C THR D 43 3.09 22.96 -15.68
N PRO D 44 3.95 23.54 -14.84
CA PRO D 44 4.05 23.00 -13.51
C PRO D 44 2.81 23.25 -12.67
N GLN D 45 2.22 24.43 -12.75
CA GLN D 45 0.95 24.72 -12.07
C GLN D 45 -0.17 23.80 -12.56
N GLY D 46 -0.16 23.50 -13.86
CA GLY D 46 -1.12 22.59 -14.47
C GLY D 46 -1.03 21.14 -13.98
N LYS D 47 0.15 20.55 -14.04
CA LYS D 47 0.36 19.16 -13.62
C LYS D 47 0.13 19.02 -12.11
N GLY D 48 0.60 20.02 -11.36
CA GLY D 48 0.39 20.05 -9.92
C GLY D 48 -1.09 20.02 -9.56
N LEU D 49 -1.89 20.84 -10.20
CA LEU D 49 -3.30 20.89 -9.94
C LEU D 49 -3.98 19.58 -10.32
N ASP D 50 -3.62 19.05 -11.47
CA ASP D 50 -4.16 17.79 -11.97
C ASP D 50 -3.91 16.68 -10.97
N ILE D 51 -2.69 16.55 -10.51
CA ILE D 51 -2.36 15.51 -9.55
C ILE D 51 -3.12 15.75 -8.25
N ALA D 52 -3.15 17.01 -7.80
CA ALA D 52 -3.87 17.41 -6.58
C ALA D 52 -5.35 17.03 -6.63
N GLU D 53 -5.95 17.26 -7.78
CA GLU D 53 -7.35 16.95 -7.99
C GLU D 53 -7.56 15.43 -8.10
N SER D 54 -6.50 14.67 -8.38
CA SER D 54 -6.60 13.22 -8.34
C SER D 54 -6.64 12.71 -6.90
N SER D 55 -6.10 13.47 -5.94
CA SER D 55 -5.86 12.96 -4.60
C SER D 55 -7.05 12.44 -3.80
N PRO D 56 -8.23 13.00 -3.96
CA PRO D 56 -9.36 12.46 -3.17
C PRO D 56 -9.75 11.04 -3.56
N VAL D 57 -9.40 10.63 -4.78
CA VAL D 57 -9.74 9.30 -5.26
C VAL D 57 -9.08 8.24 -4.39
N ASP D 58 -7.76 8.29 -4.27
CA ASP D 58 -7.04 7.40 -3.35
C ASP D 58 -6.91 7.86 -1.93
N GLY D 59 -7.19 9.13 -1.65
CA GLY D 59 -7.20 9.58 -0.28
C GLY D 59 -5.87 9.99 0.32
N PHE D 60 -4.88 10.30 -0.50
CA PHE D 60 -3.65 10.84 0.04
C PHE D 60 -3.72 12.35 0.21
N ASP D 61 -3.12 12.88 1.27
CA ASP D 61 -3.23 14.33 1.47
C ASP D 61 -1.86 14.90 1.25
N ALA D 62 -1.70 15.65 0.17
CA ALA D 62 -0.42 16.29 -0.17
C ALA D 62 -0.67 17.54 -0.98
N LYS D 63 0.16 18.55 -0.73
CA LYS D 63 0.10 19.81 -1.47
C LYS D 63 0.90 19.72 -2.76
N PHE D 64 0.38 20.27 -3.84
CA PHE D 64 1.12 20.27 -5.08
C PHE D 64 1.19 21.72 -5.55
N THR D 65 2.38 22.29 -5.44
CA THR D 65 2.61 23.68 -5.76
C THR D 65 3.42 23.74 -7.05
N GLY D 66 2.90 24.40 -8.06
CA GLY D 66 3.67 24.69 -9.28
C GLY D 66 4.30 26.07 -9.15
N ALA D 67 5.51 26.23 -9.66
CA ALA D 67 6.25 27.47 -9.53
C ALA D 67 7.13 27.68 -10.74
N ASN D 68 7.32 28.94 -11.09
CA ASN D 68 8.32 29.36 -12.07
C ASN D 68 9.45 30.10 -11.45
N ASP D 69 9.58 30.05 -10.13
CA ASP D 69 10.62 30.78 -9.42
C ASP D 69 11.18 29.95 -8.26
N TYR D 70 12.50 30.03 -8.03
CA TYR D 70 13.18 29.10 -7.14
C TYR D 70 12.74 29.19 -5.72
N ALA D 71 12.22 30.34 -5.32
CA ALA D 71 11.83 30.56 -3.91
C ALA D 71 10.83 29.51 -3.41
N ALA D 72 10.05 28.98 -4.33
CA ALA D 72 9.07 27.93 -4.01
C ALA D 72 9.74 26.67 -3.43
N ILE D 73 10.99 26.37 -3.82
CA ILE D 73 11.70 25.17 -3.33
C ILE D 73 12.30 25.30 -1.93
N GLU D 74 12.10 26.45 -1.29
CA GLU D 74 12.73 26.75 -0.01
C GLU D 74 12.53 25.68 1.09
N GLY D 75 13.65 25.22 1.64
CA GLY D 75 13.63 24.22 2.72
C GLY D 75 13.39 22.78 2.23
N ALA D 76 13.44 22.53 0.95
CA ALA D 76 13.17 21.18 0.41
C ALA D 76 14.06 20.15 1.12
N ASP D 77 13.47 19.05 1.55
CA ASP D 77 14.23 17.91 2.06
C ASP D 77 14.90 17.15 0.93
N VAL D 78 14.23 17.07 -0.21
CA VAL D 78 14.79 16.40 -1.39
C VAL D 78 14.54 17.25 -2.58
N VAL D 79 15.53 17.36 -3.45
CA VAL D 79 15.39 18.07 -4.73
C VAL D 79 15.78 17.10 -5.84
N ILE D 80 14.92 16.94 -6.86
CA ILE D 80 15.19 16.05 -7.97
C ILE D 80 15.17 16.86 -9.24
N VAL D 81 16.29 16.82 -9.96
CA VAL D 81 16.60 17.72 -11.04
C VAL D 81 16.52 16.93 -12.32
N THR D 82 15.53 17.22 -13.15
CA THR D 82 15.40 16.65 -14.52
C THR D 82 15.56 17.70 -15.61
N ALA D 83 15.68 18.97 -15.21
CA ALA D 83 15.93 20.09 -16.12
C ALA D 83 17.13 19.86 -17.02
N GLY D 84 17.00 20.35 -18.26
CA GLY D 84 18.03 20.21 -19.27
C GLY D 84 17.43 19.96 -20.63
N VAL D 85 18.30 19.83 -21.62
CA VAL D 85 17.88 19.69 -23.01
C VAL D 85 18.38 18.33 -23.47
N PRO D 86 17.56 17.60 -24.25
CA PRO D 86 17.97 16.26 -24.73
C PRO D 86 18.85 16.34 -25.97
N SER D 92 26.04 17.96 -31.73
CA SER D 92 27.41 18.09 -31.24
C SER D 92 27.52 17.86 -29.72
N ARG D 93 28.61 17.22 -29.28
CA ARG D 93 28.80 16.88 -27.86
C ARG D 93 29.13 18.12 -26.98
N ASP D 94 29.96 19.01 -27.51
CA ASP D 94 30.33 20.26 -26.84
C ASP D 94 29.21 21.33 -26.88
N ASP D 95 28.15 21.05 -27.64
CA ASP D 95 26.95 21.87 -27.58
C ASP D 95 26.04 21.36 -26.45
N LEU D 96 25.96 20.03 -26.29
CA LEU D 96 25.17 19.45 -25.20
C LEU D 96 25.77 19.75 -23.83
N LEU D 97 27.08 19.58 -23.70
CA LEU D 97 27.76 19.91 -22.45
C LEU D 97 27.57 21.38 -22.12
N GLY D 98 27.58 22.24 -23.14
CA GLY D 98 27.51 23.69 -22.93
C GLY D 98 26.16 24.15 -22.45
N ILE D 99 25.12 23.69 -23.12
CA ILE D 99 23.76 24.01 -22.76
C ILE D 99 23.38 23.51 -21.34
N ASN D 100 23.67 22.24 -21.07
CA ASN D 100 23.32 21.61 -19.79
C ASN D 100 24.23 22.05 -18.66
N LEU D 101 25.48 22.34 -18.96
CA LEU D 101 26.32 22.99 -17.96
C LEU D 101 25.73 24.30 -17.48
N LYS D 102 25.18 25.09 -18.40
CA LYS D 102 24.59 26.37 -18.06
C LYS D 102 23.33 26.12 -17.22
N VAL D 103 22.56 25.09 -17.56
CA VAL D 103 21.39 24.72 -16.73
C VAL D 103 21.81 24.22 -15.34
N MET D 104 22.90 23.44 -15.27
CA MET D 104 23.34 22.97 -13.96
C MET D 104 23.74 24.13 -13.05
N GLU D 105 24.20 25.21 -13.66
CA GLU D 105 24.71 26.39 -12.94
C GLU D 105 23.56 27.16 -12.32
N GLN D 106 22.55 27.43 -13.15
CA GLN D 106 21.31 28.04 -12.71
C GLN D 106 20.65 27.18 -11.59
N VAL D 107 20.52 25.85 -11.80
CA VAL D 107 19.89 24.99 -10.79
C VAL D 107 20.72 24.98 -9.53
N GLY D 108 22.03 24.84 -9.66
CA GLY D 108 22.92 24.86 -8.47
C GLY D 108 22.80 26.10 -7.55
N ALA D 109 22.78 27.28 -8.17
CA ALA D 109 22.63 28.52 -7.39
C ALA D 109 21.22 28.56 -6.75
N GLY D 110 20.23 28.10 -7.51
CA GLY D 110 18.89 27.93 -6.90
C GLY D 110 18.93 27.08 -5.65
N ILE D 111 19.59 25.92 -5.75
CA ILE D 111 19.63 25.00 -4.62
C ILE D 111 20.45 25.62 -3.48
N LYS D 112 21.59 26.21 -3.85
CA LYS D 112 22.48 26.83 -2.85
C LYS D 112 21.73 27.86 -2.06
N LYS D 113 20.97 28.69 -2.76
CA LYS D 113 20.29 29.78 -2.07
C LYS D 113 19.10 29.30 -1.24
N TYR D 114 18.30 28.39 -1.78
CA TYR D 114 17.01 28.10 -1.16
C TYR D 114 16.85 26.78 -0.44
N ALA D 115 17.60 25.75 -0.86
CA ALA D 115 17.50 24.41 -0.27
C ALA D 115 18.88 23.78 0.03
N PRO D 116 19.78 24.54 0.72
CA PRO D 116 21.15 24.09 1.00
C PRO D 116 21.28 22.81 1.79
N GLU D 117 20.27 22.45 2.58
CA GLU D 117 20.30 21.18 3.33
C GLU D 117 19.60 20.01 2.62
N ALA D 118 19.24 20.18 1.35
CA ALA D 118 18.46 19.16 0.65
C ALA D 118 19.33 17.96 0.31
N PHE D 119 18.74 16.79 0.16
CA PHE D 119 19.40 15.66 -0.54
C PHE D 119 19.05 15.87 -2.02
N VAL D 120 20.04 15.96 -2.89
CA VAL D 120 19.80 16.27 -4.31
C VAL D 120 20.02 15.07 -5.24
N ILE D 121 19.06 14.79 -6.11
CA ILE D 121 19.17 13.68 -7.05
C ILE D 121 19.12 14.22 -8.47
N CYS D 122 20.23 14.10 -9.17
CA CYS D 122 20.36 14.59 -10.51
C CYS D 122 20.03 13.50 -11.55
N ILE D 123 19.21 13.84 -12.54
CA ILE D 123 18.88 12.94 -13.63
C ILE D 123 19.35 13.52 -15.01
N THR D 124 19.68 14.81 -15.09
CA THR D 124 20.17 15.45 -16.33
C THR D 124 21.36 14.74 -16.98
N ASN D 125 21.21 14.42 -18.26
CA ASN D 125 22.31 13.81 -19.03
C ASN D 125 23.29 14.88 -19.51
N PRO D 126 24.57 14.50 -19.77
CA PRO D 126 25.20 13.20 -19.47
C PRO D 126 25.49 13.06 -17.97
N LEU D 127 24.90 12.05 -17.33
CA LEU D 127 24.66 12.05 -15.90
C LEU D 127 25.90 12.18 -15.07
N ASP D 128 26.91 11.34 -15.34
CA ASP D 128 28.10 11.31 -14.47
C ASP D 128 28.82 12.66 -14.45
N ALA D 129 28.85 13.37 -15.58
CA ALA D 129 29.44 14.71 -15.63
C ALA D 129 28.54 15.79 -15.04
N MET D 130 27.23 15.77 -15.36
CA MET D 130 26.32 16.81 -14.83
C MET D 130 26.15 16.77 -13.30
N VAL D 131 26.14 15.58 -12.70
CA VAL D 131 25.98 15.56 -11.25
C VAL D 131 27.26 16.10 -10.66
N TRP D 132 28.38 15.75 -11.26
CA TRP D 132 29.68 16.26 -10.80
C TRP D 132 29.74 17.80 -10.90
N ALA D 133 29.26 18.34 -12.03
CA ALA D 133 29.15 19.80 -12.20
C ALA D 133 28.18 20.40 -11.19
N LEU D 134 27.04 19.73 -10.97
CA LEU D 134 26.02 20.25 -10.06
C LEU D 134 26.52 20.33 -8.65
N GLN D 135 27.30 19.39 -8.18
CA GLN D 135 27.73 19.57 -6.80
C GLN D 135 28.78 20.71 -6.69
N LYS D 136 29.61 20.87 -7.72
CA LYS D 136 30.60 21.96 -7.73
C LYS D 136 29.91 23.32 -7.76
N PHE D 137 29.01 23.55 -8.72
CA PHE D 137 28.24 24.82 -8.73
C PHE D 137 27.45 25.04 -7.45
N SER D 138 26.67 24.06 -6.99
CA SER D 138 25.85 24.25 -5.77
C SER D 138 26.68 24.44 -4.50
N GLY D 139 27.86 23.80 -4.45
CA GLY D 139 28.64 23.83 -3.22
C GLY D 139 28.05 23.02 -2.07
N LEU D 140 27.02 22.26 -2.38
CA LEU D 140 26.44 21.36 -1.39
C LEU D 140 27.45 20.26 -1.02
N PRO D 141 27.37 19.73 0.21
CA PRO D 141 28.29 18.61 0.52
C PRO D 141 28.01 17.41 -0.41
N ALA D 142 29.08 16.76 -0.85
CA ALA D 142 29.01 15.75 -1.88
C ALA D 142 28.15 14.58 -1.47
N HIS D 143 28.21 14.21 -0.19
CA HIS D 143 27.43 13.09 0.28
C HIS D 143 25.92 13.37 0.22
N LYS D 144 25.55 14.57 -0.24
CA LYS D 144 24.18 14.99 -0.31
C LYS D 144 23.76 15.28 -1.75
N VAL D 145 24.60 15.01 -2.72
CA VAL D 145 24.28 15.21 -4.15
C VAL D 145 24.65 13.96 -4.89
N VAL D 146 23.68 13.29 -5.51
CA VAL D 146 23.95 12.00 -6.14
C VAL D 146 23.29 12.01 -7.46
N GLY D 147 23.67 11.10 -8.33
CA GLY D 147 23.03 11.01 -9.64
C GLY D 147 22.31 9.70 -9.77
N MET D 148 21.23 9.72 -10.52
CA MET D 148 20.46 8.52 -10.74
C MET D 148 20.89 7.94 -12.04
N ALA D 149 21.40 6.70 -12.02
CA ALA D 149 21.66 6.00 -13.30
C ALA D 149 21.63 4.50 -13.08
N GLY D 150 22.47 4.03 -12.15
CA GLY D 150 22.58 2.63 -11.81
C GLY D 150 21.26 1.93 -11.54
N VAL D 151 20.35 2.60 -10.82
CA VAL D 151 19.08 1.94 -10.45
C VAL D 151 18.25 1.70 -11.70
N LEU D 152 18.30 2.64 -12.64
CA LEU D 152 17.53 2.50 -13.89
C LEU D 152 18.11 1.30 -14.68
N ASP D 153 19.43 1.26 -14.84
CA ASP D 153 20.06 0.16 -15.60
C ASP D 153 19.72 -1.17 -14.95
N SER D 154 19.88 -1.19 -13.64
CA SER D 154 19.57 -2.33 -12.85
C SER D 154 18.10 -2.74 -12.96
N ALA D 155 17.19 -1.79 -12.93
CA ALA D 155 15.75 -2.10 -13.12
C ALA D 155 15.47 -2.79 -14.45
N ARG D 156 16.06 -2.28 -15.53
CA ARG D 156 15.85 -2.89 -16.86
C ARG D 156 16.47 -4.30 -16.88
N PHE D 157 17.69 -4.38 -16.41
CA PHE D 157 18.42 -5.62 -16.43
C PHE D 157 17.58 -6.66 -15.68
N ARG D 158 17.08 -6.30 -14.49
CA ARG D 158 16.28 -7.26 -13.70
C ARG D 158 15.00 -7.67 -14.39
N TYR D 159 14.34 -6.70 -15.04
CA TYR D 159 13.13 -6.97 -15.79
C TYR D 159 13.43 -7.98 -16.90
N PHE D 160 14.52 -7.79 -17.66
CA PHE D 160 14.83 -8.70 -18.77
C PHE D 160 15.10 -10.08 -18.24
N LEU D 161 15.85 -10.16 -17.15
CA LEU D 161 16.10 -11.42 -16.53
C LEU D 161 14.86 -12.09 -16.02
N SER D 162 13.92 -11.33 -15.44
CA SER D 162 12.67 -11.95 -14.93
C SER D 162 11.92 -12.60 -16.07
N GLU D 163 11.92 -11.97 -17.23
CA GLU D 163 11.27 -12.55 -18.43
C GLU D 163 11.99 -13.78 -18.93
N GLU D 164 13.32 -13.71 -18.95
CA GLU D 164 14.11 -14.84 -19.36
C GLU D 164 13.90 -16.08 -18.49
N PHE D 165 13.92 -15.92 -17.17
CA PHE D 165 13.80 -17.05 -16.23
C PHE D 165 12.38 -17.33 -15.84
N ASN D 166 11.46 -16.43 -16.15
CA ASN D 166 10.04 -16.55 -15.77
C ASN D 166 9.84 -16.58 -14.24
N VAL D 167 10.52 -15.67 -13.55
CA VAL D 167 10.33 -15.51 -12.09
C VAL D 167 9.97 -14.06 -11.74
N SER D 168 9.49 -13.85 -10.53
CA SER D 168 9.16 -12.51 -10.05
C SER D 168 10.37 -11.58 -10.16
N VAL D 169 10.09 -10.34 -10.57
CA VAL D 169 11.12 -9.30 -10.51
C VAL D 169 11.68 -9.18 -9.08
N GLU D 170 10.92 -9.57 -8.07
CA GLU D 170 11.41 -9.35 -6.71
C GLU D 170 12.59 -10.23 -6.37
N ASP D 171 12.73 -11.32 -7.11
CA ASP D 171 13.73 -12.30 -6.78
C ASP D 171 14.98 -12.22 -7.62
N VAL D 172 15.08 -11.20 -8.48
CA VAL D 172 16.26 -11.01 -9.29
C VAL D 172 17.03 -9.81 -8.73
N THR D 173 18.35 -10.02 -8.54
CA THR D 173 19.28 -9.01 -8.10
C THR D 173 20.34 -8.85 -9.16
N VAL D 174 20.69 -7.62 -9.50
CA VAL D 174 21.79 -7.38 -10.43
C VAL D 174 22.72 -6.37 -9.80
N PHE D 175 23.98 -6.43 -10.23
CA PHE D 175 25.04 -5.60 -9.68
C PHE D 175 25.72 -4.85 -10.79
N VAL D 176 25.64 -3.55 -10.74
CA VAL D 176 26.22 -2.73 -11.80
C VAL D 176 27.00 -1.54 -11.20
N LEU D 177 28.17 -1.28 -11.80
CA LEU D 177 29.00 -0.13 -11.53
C LEU D 177 29.00 0.74 -12.79
N GLY D 178 29.45 1.97 -12.66
CA GLY D 178 29.70 2.84 -13.83
C GLY D 178 28.42 3.53 -14.26
N GLY D 179 28.28 3.83 -15.56
CA GLY D 179 27.13 4.60 -16.04
C GLY D 179 26.36 3.81 -17.06
N HIS D 180 25.69 4.52 -17.97
CA HIS D 180 24.83 3.91 -18.99
C HIS D 180 25.64 3.47 -20.18
N GLY D 181 25.04 2.68 -21.06
CA GLY D 181 25.65 2.38 -22.36
C GLY D 181 26.92 1.61 -22.18
N ASP D 182 27.92 1.96 -22.95
CA ASP D 182 29.22 1.32 -22.88
C ASP D 182 30.00 1.56 -21.58
N SER D 183 29.62 2.58 -20.82
CA SER D 183 30.30 2.82 -19.55
C SER D 183 29.76 1.94 -18.40
N MET D 184 28.69 1.19 -18.62
CA MET D 184 28.17 0.24 -17.60
C MET D 184 29.18 -0.88 -17.42
N VAL D 185 29.38 -1.28 -16.17
CA VAL D 185 30.16 -2.44 -15.85
C VAL D 185 29.30 -3.37 -14.99
N PRO D 186 28.58 -4.29 -15.61
CA PRO D 186 27.81 -5.24 -14.85
C PRO D 186 28.67 -6.39 -14.31
N LEU D 187 28.27 -6.95 -13.18
CA LEU D 187 28.98 -8.10 -12.60
C LEU D 187 28.03 -9.25 -12.48
N ALA D 188 28.17 -10.18 -13.42
CA ALA D 188 27.27 -11.32 -13.53
C ALA D 188 27.39 -12.18 -12.28
N ARG D 189 28.58 -12.25 -11.73
CA ARG D 189 28.81 -13.12 -10.59
C ARG D 189 28.16 -12.63 -9.30
N TYR D 190 27.86 -11.32 -9.27
CA TYR D 190 27.14 -10.67 -8.20
C TYR D 190 25.69 -10.33 -8.59
N SER D 191 25.20 -10.95 -9.65
CA SER D 191 23.79 -10.84 -10.00
C SER D 191 23.17 -12.20 -9.87
N THR D 192 21.96 -12.27 -9.36
CA THR D 192 21.42 -13.53 -8.94
C THR D 192 19.93 -13.65 -9.16
N VAL D 193 19.43 -14.87 -9.03
CA VAL D 193 18.04 -15.17 -8.81
C VAL D 193 17.98 -15.89 -7.47
N ALA D 194 17.36 -15.26 -6.50
CA ALA D 194 17.27 -15.80 -5.13
C ALA D 194 18.62 -16.20 -4.57
N GLY D 195 19.69 -15.50 -4.93
CA GLY D 195 21.02 -15.82 -4.35
C GLY D 195 21.91 -16.74 -5.19
N ILE D 196 21.34 -17.38 -6.20
CA ILE D 196 22.09 -18.17 -7.14
C ILE D 196 22.68 -17.27 -8.24
N PRO D 197 24.01 -17.12 -8.29
CA PRO D 197 24.60 -16.27 -9.31
C PRO D 197 24.33 -16.72 -10.75
N LEU D 198 24.29 -15.75 -11.66
CA LEU D 198 23.93 -16.03 -13.07
C LEU D 198 24.79 -17.16 -13.69
N PRO D 199 26.11 -17.12 -13.49
CA PRO D 199 26.91 -18.22 -14.06
C PRO D 199 26.44 -19.57 -13.58
N ASP D 200 25.98 -19.66 -12.33
CA ASP D 200 25.48 -20.93 -11.87
C ASP D 200 24.12 -21.29 -12.46
N LEU D 201 23.36 -20.29 -12.86
CA LEU D 201 22.07 -20.53 -13.48
C LEU D 201 22.31 -21.04 -14.91
N VAL D 202 23.32 -20.48 -15.58
CA VAL D 202 23.75 -20.99 -16.87
C VAL D 202 24.14 -22.50 -16.74
N LYS D 203 24.95 -22.85 -15.76
CA LYS D 203 25.34 -24.28 -15.62
C LYS D 203 24.16 -25.25 -15.39
N MET D 204 23.08 -24.78 -14.78
CA MET D 204 21.89 -25.61 -14.51
C MET D 204 21.02 -25.74 -15.76
N GLY D 205 21.23 -24.83 -16.70
CA GLY D 205 20.51 -24.82 -17.97
C GLY D 205 19.30 -23.91 -18.02
N TRP D 206 19.15 -23.06 -17.01
CA TRP D 206 18.08 -22.04 -16.96
C TRP D 206 18.19 -21.03 -18.07
N THR D 207 19.42 -20.76 -18.52
CA THR D 207 19.64 -19.91 -19.67
C THR D 207 21.02 -20.23 -20.25
N SER D 208 21.42 -19.58 -21.32
CA SER D 208 22.77 -19.75 -21.87
C SER D 208 23.54 -18.46 -21.72
N GLN D 209 24.86 -18.55 -21.92
CA GLN D 209 25.71 -17.38 -21.81
C GLN D 209 25.42 -16.41 -22.97
N ASP D 210 25.06 -16.95 -24.13
CA ASP D 210 24.70 -16.12 -25.30
CA ASP D 210 24.73 -16.11 -25.29
C ASP D 210 23.51 -15.25 -24.99
N LYS D 211 22.52 -15.82 -24.32
CA LYS D 211 21.30 -15.12 -23.99
C LYS D 211 21.56 -14.00 -22.93
N LEU D 212 22.32 -14.34 -21.90
CA LEU D 212 22.83 -13.39 -20.93
C LEU D 212 23.56 -12.23 -21.59
N ASP D 213 24.42 -12.51 -22.57
CA ASP D 213 25.15 -11.45 -23.25
C ASP D 213 24.21 -10.52 -23.99
N LYS D 214 23.18 -11.06 -24.63
CA LYS D 214 22.21 -10.21 -25.32
C LYS D 214 21.40 -9.32 -24.34
N ILE D 215 21.05 -9.91 -23.19
CA ILE D 215 20.37 -9.19 -22.12
C ILE D 215 21.29 -8.04 -21.64
N ILE D 216 22.58 -8.30 -21.49
CA ILE D 216 23.52 -7.26 -21.03
C ILE D 216 23.58 -6.17 -22.10
N GLN D 217 23.65 -6.54 -23.38
CA GLN D 217 23.68 -5.54 -24.48
C GLN D 217 22.35 -4.74 -24.54
N ARG D 218 21.24 -5.45 -24.32
CA ARG D 218 19.94 -4.82 -24.27
C ARG D 218 19.82 -3.79 -23.14
N THR D 219 20.47 -4.04 -22.01
CA THR D 219 20.50 -3.11 -20.91
C THR D 219 21.38 -1.93 -21.31
N ARG D 220 22.51 -2.17 -21.97
CA ARG D 220 23.32 -1.01 -22.44
C ARG D 220 22.51 -0.11 -23.37
N ASP D 221 21.70 -0.70 -24.25
CA ASP D 221 20.92 0.10 -25.22
C ASP D 221 19.49 0.45 -24.81
N GLY D 222 19.16 0.20 -23.53
CA GLY D 222 17.80 0.23 -23.07
C GLY D 222 17.10 1.56 -23.24
N GLY D 223 17.81 2.65 -23.03
CA GLY D 223 17.24 3.99 -23.22
C GLY D 223 16.96 4.33 -24.70
N ALA D 224 17.88 3.89 -25.56
CA ALA D 224 17.76 4.17 -27.01
C ALA D 224 16.59 3.33 -27.58
N GLU D 225 16.41 2.14 -27.00
CA GLU D 225 15.29 1.29 -27.37
C GLU D 225 13.96 2.01 -27.17
N ILE D 226 13.80 2.67 -26.03
CA ILE D 226 12.54 3.32 -25.70
C ILE D 226 12.37 4.53 -26.61
N VAL D 227 13.45 5.31 -26.76
CA VAL D 227 13.45 6.41 -27.74
C VAL D 227 13.04 5.89 -29.14
N GLY D 228 13.55 4.75 -29.55
CA GLY D 228 13.19 4.18 -30.85
C GLY D 228 11.73 3.74 -30.99
N LEU D 229 11.12 3.31 -29.89
CA LEU D 229 9.68 3.04 -29.91
C LEU D 229 8.84 4.33 -29.84
N LEU D 230 9.14 5.19 -28.87
CA LEU D 230 8.35 6.42 -28.66
C LEU D 230 8.49 7.43 -29.82
N LYS D 231 9.69 7.48 -30.40
CA LYS D 231 10.08 8.37 -31.52
C LYS D 231 10.23 9.83 -31.10
N THR D 232 9.22 10.41 -30.46
CA THR D 232 9.29 11.82 -30.12
C THR D 232 9.70 12.13 -28.67
N GLY D 233 10.08 11.12 -27.91
CA GLY D 233 10.64 11.40 -26.59
C GLY D 233 11.37 10.20 -26.02
N SER D 234 11.72 10.30 -24.75
CA SER D 234 12.42 9.24 -24.08
C SER D 234 11.67 8.68 -22.87
N ALA D 235 12.30 7.71 -22.21
CA ALA D 235 11.69 6.96 -21.13
C ALA D 235 11.47 7.89 -19.98
N PHE D 236 10.40 7.68 -19.24
CA PHE D 236 10.15 8.46 -18.08
C PHE D 236 9.55 7.66 -16.87
N TYR D 237 8.82 6.57 -17.11
CA TYR D 237 8.27 5.81 -15.98
C TYR D 237 9.37 5.12 -15.11
N ALA D 238 10.28 4.43 -15.75
CA ALA D 238 11.30 3.70 -15.03
C ALA D 238 12.30 4.67 -14.43
N PRO D 239 12.65 5.74 -15.17
CA PRO D 239 13.56 6.69 -14.52
C PRO D 239 12.91 7.36 -13.31
N ALA D 240 11.67 7.77 -13.44
CA ALA D 240 11.01 8.38 -12.35
C ALA D 240 10.98 7.41 -11.17
N ALA D 241 10.61 6.16 -11.42
CA ALA D 241 10.46 5.20 -10.30
C ALA D 241 11.81 5.03 -9.61
N SER D 242 12.88 5.07 -10.41
CA SER D 242 14.23 4.86 -9.93
C SER D 242 14.67 5.98 -9.00
N ALA D 243 14.43 7.23 -9.39
CA ALA D 243 14.76 8.34 -8.50
C ALA D 243 13.94 8.28 -7.20
N ILE D 244 12.67 7.87 -7.28
CA ILE D 244 11.78 7.92 -6.11
C ILE D 244 12.29 6.90 -5.10
N GLN D 245 12.81 5.76 -5.58
CA GLN D 245 13.37 4.78 -4.67
C GLN D 245 14.54 5.40 -3.88
N MET D 246 15.35 6.19 -4.56
CA MET D 246 16.48 6.88 -3.94
C MET D 246 16.01 7.91 -2.91
N ALA D 247 14.96 8.63 -3.29
CA ALA D 247 14.41 9.68 -2.44
C ALA D 247 13.90 9.07 -1.16
N GLU D 248 13.26 7.92 -1.34
CA GLU D 248 12.55 7.26 -0.30
C GLU D 248 13.53 6.67 0.68
N SER D 249 14.64 6.18 0.18
CA SER D 249 15.59 5.58 1.09
C SER D 249 16.15 6.68 2.00
N TYR D 250 16.31 7.89 1.45
CA TYR D 250 16.73 9.06 2.21
C TYR D 250 15.66 9.41 3.21
N LEU D 251 14.44 9.67 2.71
CA LEU D 251 13.33 10.14 3.56
C LEU D 251 12.93 9.20 4.69
N LYS D 252 13.06 7.90 4.46
CA LYS D 252 12.65 6.92 5.46
C LYS D 252 13.85 6.30 6.19
N ASP D 253 15.04 6.80 5.87
CA ASP D 253 16.33 6.33 6.41
C ASP D 253 16.44 4.78 6.27
N LYS D 254 16.11 4.28 5.10
CA LYS D 254 16.02 2.82 4.91
C LYS D 254 17.39 2.15 4.89
N LYS D 255 18.45 2.88 4.50
CA LYS D 255 19.76 2.28 4.26
C LYS D 255 19.73 1.18 3.16
N ARG D 256 19.04 1.47 2.08
CA ARG D 256 19.12 0.56 0.95
C ARG D 256 20.50 0.65 0.35
N VAL D 257 20.88 -0.44 -0.29
CA VAL D 257 22.16 -0.50 -0.96
C VAL D 257 21.79 -0.31 -2.41
N LEU D 258 22.15 0.83 -2.98
CA LEU D 258 21.72 1.24 -4.33
C LEU D 258 22.92 1.69 -5.17
N PRO D 259 22.96 1.32 -6.47
CA PRO D 259 23.95 1.85 -7.39
C PRO D 259 23.58 3.30 -7.78
N VAL D 260 24.47 4.21 -7.43
CA VAL D 260 24.24 5.63 -7.54
C VAL D 260 25.53 6.30 -8.01
N ALA D 261 25.43 7.36 -8.80
CA ALA D 261 26.59 8.20 -9.05
C ALA D 261 26.94 8.96 -7.76
N ALA D 262 28.11 8.66 -7.16
CA ALA D 262 28.56 9.27 -5.93
C ALA D 262 30.01 9.76 -6.07
N GLN D 263 30.37 10.75 -5.25
CA GLN D 263 31.73 11.26 -5.30
C GLN D 263 32.66 10.27 -4.62
N LEU D 264 33.62 9.74 -5.37
CA LEU D 264 34.66 8.91 -4.74
C LEU D 264 35.78 9.81 -4.23
N SER D 265 36.46 9.33 -3.21
CA SER D 265 37.62 10.03 -2.67
C SER D 265 38.64 8.97 -2.20
N GLY D 266 39.07 8.12 -3.14
CA GLY D 266 40.04 7.07 -2.87
C GLY D 266 39.57 5.66 -3.23
N GLN D 267 38.26 5.44 -3.11
CA GLN D 267 37.68 4.15 -3.34
C GLN D 267 37.88 3.83 -4.79
N TYR D 268 38.27 2.59 -5.06
CA TYR D 268 38.50 2.11 -6.42
C TYR D 268 39.63 2.83 -7.13
N GLY D 269 40.40 3.62 -6.38
CA GLY D 269 41.50 4.37 -6.97
C GLY D 269 41.08 5.67 -7.61
N VAL D 270 39.91 6.18 -7.24
CA VAL D 270 39.35 7.38 -7.87
C VAL D 270 39.12 8.50 -6.87
N LYS D 271 39.40 9.73 -7.27
CA LYS D 271 39.31 10.90 -6.38
C LYS D 271 38.74 12.11 -7.12
N ASP D 272 38.01 12.95 -6.39
CA ASP D 272 37.30 14.14 -6.92
C ASP D 272 36.55 13.87 -8.24
N MET D 273 35.80 12.78 -8.24
CA MET D 273 35.03 12.37 -9.40
C MET D 273 33.79 11.57 -9.00
N TYR D 274 32.72 11.74 -9.76
CA TYR D 274 31.49 10.98 -9.54
C TYR D 274 31.51 9.77 -10.44
N VAL D 275 31.13 8.63 -9.87
CA VAL D 275 31.12 7.36 -10.55
C VAL D 275 30.01 6.49 -9.95
N GLY D 276 29.43 5.64 -10.79
CA GLY D 276 28.43 4.64 -10.38
C GLY D 276 29.02 3.56 -9.53
N VAL D 277 28.69 3.59 -8.23
CA VAL D 277 29.16 2.62 -7.22
C VAL D 277 28.01 2.15 -6.34
N PRO D 278 28.16 1.02 -5.67
CA PRO D 278 27.14 0.71 -4.66
C PRO D 278 27.25 1.62 -3.45
N THR D 279 26.12 2.18 -3.01
CA THR D 279 26.07 3.03 -1.83
C THR D 279 24.99 2.59 -0.87
N VAL D 280 25.11 3.05 0.37
CA VAL D 280 24.08 2.89 1.37
C VAL D 280 23.46 4.26 1.54
N ILE D 281 22.16 4.37 1.30
CA ILE D 281 21.50 5.66 1.37
C ILE D 281 20.52 5.68 2.52
N GLY D 282 20.70 6.68 3.37
CA GLY D 282 19.94 6.82 4.61
C GLY D 282 19.76 8.29 4.87
N ALA D 283 19.45 8.61 6.11
CA ALA D 283 19.04 9.99 6.49
C ALA D 283 20.19 11.01 6.32
N ASN D 284 21.42 10.51 6.22
CA ASN D 284 22.55 11.36 5.94
C ASN D 284 23.00 11.38 4.53
N GLY D 285 22.16 10.87 3.61
CA GLY D 285 22.55 10.85 2.22
C GLY D 285 23.39 9.62 1.95
N VAL D 286 24.49 9.79 1.22
CA VAL D 286 25.40 8.71 0.95
C VAL D 286 26.15 8.45 2.24
N GLU D 287 25.84 7.37 2.94
CA GLU D 287 26.48 7.08 4.22
C GLU D 287 27.71 6.19 4.11
N ARG D 288 27.73 5.35 3.09
CA ARG D 288 28.85 4.46 2.83
C ARG D 288 28.91 4.21 1.37
N ILE D 289 30.13 4.13 0.87
CA ILE D 289 30.41 3.67 -0.45
C ILE D 289 31.05 2.31 -0.28
N ILE D 290 30.45 1.32 -0.93
CA ILE D 290 30.88 -0.03 -0.75
C ILE D 290 31.99 -0.28 -1.75
N GLU D 291 33.07 -0.88 -1.26
CA GLU D 291 34.23 -1.07 -2.10
C GLU D 291 34.50 -2.55 -2.14
N ILE D 292 34.07 -3.18 -3.23
CA ILE D 292 34.21 -4.60 -3.44
C ILE D 292 35.57 -4.87 -4.08
N ASP D 293 35.95 -6.15 -4.08
CA ASP D 293 37.22 -6.60 -4.60
C ASP D 293 37.04 -6.99 -6.04
N LEU D 294 37.45 -6.13 -6.94
CA LEU D 294 37.29 -6.40 -8.35
C LEU D 294 38.33 -7.41 -8.80
N ASP D 295 37.98 -8.34 -9.70
CA ASP D 295 39.01 -9.16 -10.40
C ASP D 295 39.70 -8.36 -11.52
N LYS D 296 40.73 -8.93 -12.13
CA LYS D 296 41.58 -8.19 -13.11
C LYS D 296 40.75 -7.60 -14.26
N ASP D 297 39.85 -8.38 -14.84
CA ASP D 297 39.04 -7.91 -15.98
C ASP D 297 38.00 -6.84 -15.60
N GLU D 298 37.31 -7.09 -14.49
CA GLU D 298 36.38 -6.09 -13.93
C GLU D 298 37.13 -4.78 -13.69
N LYS D 299 38.26 -4.87 -13.00
CA LYS D 299 39.12 -3.69 -12.73
C LYS D 299 39.47 -2.93 -14.02
N ALA D 300 39.79 -3.68 -15.07
CA ALA D 300 40.10 -3.09 -16.36
C ALA D 300 38.88 -2.42 -16.95
N GLN D 301 37.75 -3.11 -16.91
CA GLN D 301 36.49 -2.52 -17.42
C GLN D 301 36.06 -1.28 -16.62
N PHE D 302 36.25 -1.34 -15.31
CA PHE D 302 35.94 -0.22 -14.45
C PHE D 302 36.81 1.00 -14.79
N ASP D 303 38.11 0.78 -14.93
CA ASP D 303 39.04 1.86 -15.29
C ASP D 303 38.70 2.47 -16.65
N LYS D 304 38.35 1.66 -17.64
CA LYS D 304 38.02 2.23 -18.95
C LYS D 304 36.82 3.15 -18.78
N SER D 305 35.83 2.68 -18.03
CA SER D 305 34.63 3.50 -17.77
C SER D 305 34.94 4.77 -17.02
N VAL D 306 35.72 4.65 -15.97
CA VAL D 306 36.18 5.84 -15.27
C VAL D 306 36.95 6.82 -16.18
N ALA D 307 37.78 6.32 -17.10
CA ALA D 307 38.59 7.21 -17.94
C ALA D 307 37.67 7.98 -18.86
N SER D 308 36.68 7.28 -19.37
CA SER D 308 35.69 7.91 -20.18
C SER D 308 34.93 9.07 -19.45
N VAL D 309 34.63 8.87 -18.16
CA VAL D 309 33.96 9.93 -17.39
C VAL D 309 34.91 11.09 -17.14
N ALA D 310 36.18 10.77 -16.91
CA ALA D 310 37.25 11.77 -16.75
C ALA D 310 37.31 12.68 -17.96
N GLY D 311 37.12 12.10 -19.14
CA GLY D 311 37.15 12.88 -20.36
C GLY D 311 36.02 13.91 -20.43
N LEU D 312 34.81 13.47 -20.08
CA LEU D 312 33.65 14.34 -20.11
C LEU D 312 33.86 15.50 -19.17
N CYS D 313 34.41 15.21 -17.98
CA CYS D 313 34.63 16.23 -16.99
C CYS D 313 35.69 17.19 -17.48
N GLU D 314 36.67 16.70 -18.23
CA GLU D 314 37.72 17.57 -18.74
C GLU D 314 37.11 18.50 -19.79
N ALA D 315 36.32 17.95 -20.71
CA ALA D 315 35.56 18.74 -21.65
C ALA D 315 34.73 19.85 -20.97
N CYS D 316 34.23 19.59 -19.76
CA CYS D 316 33.45 20.57 -19.02
C CYS D 316 34.32 21.67 -18.44
N ILE D 317 35.49 21.33 -17.91
CA ILE D 317 36.40 22.34 -17.36
C ILE D 317 36.87 23.32 -18.46
N GLY D 318 37.09 22.79 -19.65
CA GLY D 318 37.40 23.61 -20.81
C GLY D 318 36.28 24.57 -21.17
N ILE D 319 35.02 24.14 -20.96
CA ILE D 319 33.85 25.00 -21.19
C ILE D 319 33.62 25.96 -20.03
N ALA D 320 33.77 25.48 -18.81
CA ALA D 320 33.46 26.28 -17.61
C ALA D 320 34.58 26.11 -16.60
N PRO D 321 35.71 26.86 -16.78
CA PRO D 321 36.92 26.79 -15.94
C PRO D 321 36.65 27.07 -14.46
N SER D 322 35.52 27.72 -14.19
CA SER D 322 34.91 27.75 -12.86
C SER D 322 35.09 26.41 -12.10
N LEU D 323 34.88 25.32 -12.83
CA LEU D 323 35.08 23.96 -12.31
C LEU D 323 36.58 23.65 -12.16
PA NAD E . -4.35 -6.52 27.88
O1A NAD E . -4.72 -6.70 29.35
O2A NAD E . -4.00 -7.69 27.00
O5B NAD E . -3.26 -5.34 27.93
C5B NAD E . -2.91 -4.76 29.19
C4B NAD E . -1.39 -4.68 29.28
O4B NAD E . -0.99 -3.64 30.19
C3B NAD E . -0.77 -5.96 29.81
O3B NAD E . 0.27 -6.36 28.91
C2B NAD E . -0.21 -5.60 31.17
O2B NAD E . 0.96 -6.37 31.52
C1B NAD E . 0.05 -4.11 31.04
N9A NAD E . 0.04 -3.39 32.35
C8A NAD E . -0.69 -3.66 33.45
N7A NAD E . -0.37 -2.77 34.42
C5A NAD E . 0.58 -1.94 33.92
C6A NAD E . 1.27 -0.85 34.44
N6A NAD E . 1.08 -0.40 35.71
N1A NAD E . 2.17 -0.22 33.66
C2A NAD E . 2.40 -0.65 32.41
N3A NAD E . 1.76 -1.69 31.88
C4A NAD E . 0.83 -2.34 32.62
O3 NAD E . -5.62 -5.78 27.22
PN NAD E . -5.64 -5.19 25.72
O1N NAD E . -6.58 -6.04 24.90
O2N NAD E . -4.22 -5.01 25.22
O5D NAD E . -6.34 -3.74 26.00
C5D NAD E . -6.03 -2.98 27.17
C4D NAD E . -7.02 -1.86 27.54
O4D NAD E . -7.70 -1.33 26.40
C3D NAD E . -8.12 -2.29 28.52
O3D NAD E . -8.18 -1.33 29.57
C2D NAD E . -9.41 -2.30 27.69
O2D NAD E . -10.62 -2.01 28.41
C1D NAD E . -9.12 -1.20 26.68
N1N NAD E . -9.99 -1.18 25.47
C2N NAD E . -10.42 0.03 25.07
C3N NAD E . -11.22 0.25 23.96
C7N NAD E . -11.61 1.67 23.66
O7N NAD E . -12.24 2.02 22.68
N7N NAD E . -11.25 2.60 24.52
C4N NAD E . -11.59 -0.86 23.22
C5N NAD E . -11.14 -2.12 23.64
C6N NAD E . -10.34 -2.26 24.78
PA NAD F . -2.57 -21.81 18.76
O1A NAD F . -2.77 -22.95 19.74
O2A NAD F . -2.81 -20.36 19.22
O5B NAD F . -3.47 -22.16 17.47
C5B NAD F . -4.01 -23.47 17.28
C4B NAD F . -5.53 -23.40 17.13
O4B NAD F . -5.95 -24.63 16.52
C3B NAD F . -6.28 -23.29 18.47
O3B NAD F . -7.20 -22.19 18.45
C2B NAD F . -7.00 -24.62 18.64
O2B NAD F . -8.29 -24.48 19.25
C1B NAD F . -7.11 -25.09 17.20
N9A NAD F . -7.23 -26.55 17.01
C8A NAD F . -6.67 -27.58 17.67
N7A NAD F . -7.09 -28.73 17.09
C5A NAD F . -7.94 -28.40 16.07
C6A NAD F . -8.68 -29.10 15.14
N6A NAD F . -8.67 -30.45 15.11
N1A NAD F . -9.42 -28.42 14.25
C2A NAD F . -9.47 -27.08 14.26
N3A NAD F . -8.79 -26.35 15.14
C4A NAD F . -8.01 -27.01 16.05
O3 NAD F . -1.05 -21.95 18.21
PN NAD F . -0.41 -21.00 17.06
O1N NAD F . 0.63 -20.09 17.71
O2N NAD F . -1.53 -20.37 16.28
O5D NAD F . 0.40 -22.06 16.14
C5D NAD F . -0.26 -23.15 15.48
C4D NAD F . 0.74 -24.16 14.88
O4D NAD F . 1.73 -23.46 14.11
C3D NAD F . 1.49 -25.00 15.92
O3D NAD F . 1.61 -26.38 15.52
C2D NAD F . 2.87 -24.34 15.94
O2D NAD F . 3.91 -25.22 16.42
C1D NAD F . 3.01 -24.00 14.46
N1N NAD F . 4.15 -23.13 14.10
C2N NAD F . 4.82 -23.44 12.97
C3N NAD F . 5.91 -22.69 12.52
C7N NAD F . 6.64 -23.05 11.24
O7N NAD F . 7.57 -22.32 10.91
N7N NAD F . 6.33 -24.07 10.44
C4N NAD F . 6.27 -21.59 13.25
C5N NAD F . 5.57 -21.27 14.42
C6N NAD F . 4.50 -22.06 14.83
PA NAD G . -4.20 11.83 -26.20
O1A NAD G . -4.42 12.51 -27.53
O2A NAD G . -2.88 11.97 -25.43
O5B NAD G . -4.63 10.30 -26.41
C5B NAD G . -5.39 9.85 -27.55
C4B NAD G . -4.73 8.58 -28.09
O4B NAD G . -5.67 7.84 -28.86
C3B NAD G . -3.55 8.88 -29.02
O3B NAD G . -2.40 8.10 -28.67
C2B NAD G . -4.04 8.56 -30.41
O2B NAD G . -3.01 8.02 -31.24
C1B NAD G . -5.12 7.52 -30.12
N9A NAD G . -6.17 7.38 -31.17
C8A NAD G . -6.70 8.28 -32.00
N7A NAD G . -7.63 7.65 -32.78
C5A NAD G . -7.64 6.34 -32.44
C6A NAD G . -8.35 5.20 -32.87
N6A NAD G . -9.27 5.26 -33.85
N1A NAD G . -8.12 4.02 -32.28
C2A NAD G . -7.19 3.92 -31.30
N3A NAD G . -6.49 4.97 -30.86
C4A NAD G . -6.71 6.19 -31.42
O3 NAD G . -5.39 12.32 -25.23
PN NAD G . -5.63 11.77 -23.72
O1N NAD G . -4.94 12.67 -22.71
O2N NAD G . -5.34 10.29 -23.65
O5D NAD G . -7.23 12.02 -23.67
C5D NAD G . -8.08 10.95 -24.07
C4D NAD G . -9.52 11.39 -24.28
O4D NAD G . -10.18 11.57 -23.03
C3D NAD G . -9.67 12.71 -25.02
O3D NAD G . -10.54 12.49 -26.12
C2D NAD G . -10.26 13.67 -24.00
O2D NAD G . -11.10 14.61 -24.67
C1D NAD G . -11.01 12.75 -23.05
N1N NAD G . -11.26 13.18 -21.64
C2N NAD G . -12.43 12.79 -21.08
C3N NAD G . -12.79 13.11 -19.77
C7N NAD G . -14.14 12.63 -19.22
O7N NAD G . -14.46 12.73 -18.04
N7N NAD G . -14.98 12.06 -20.06
C4N NAD G . -11.89 13.84 -19.03
C5N NAD G . -10.68 14.23 -19.61
C6N NAD G . -10.37 13.88 -20.92
PA NAD H . 11.15 17.01 -20.69
O1A NAD H . 11.69 17.87 -21.81
O2A NAD H . 9.68 16.66 -20.69
O5B NAD H . 11.63 17.75 -19.34
C5B NAD H . 12.58 18.82 -19.37
C4B NAD H . 11.99 20.04 -18.69
O4B NAD H . 13.03 20.95 -18.28
C3B NAD H . 11.08 20.84 -19.61
O3B NAD H . 9.79 21.00 -19.00
C2B NAD H . 11.72 22.20 -19.80
O2B NAD H . 10.74 23.25 -19.88
C1B NAD H . 12.64 22.30 -18.57
N9A NAD H . 13.81 23.20 -18.72
C8A NAD H . 14.56 23.41 -19.81
N7A NAD H . 15.54 24.31 -19.50
C5A NAD H . 15.39 24.64 -18.20
C6A NAD H . 16.06 25.49 -17.32
N6A NAD H . 17.12 26.19 -17.76
N1A NAD H . 15.66 25.60 -16.05
C2A NAD H . 14.61 24.92 -15.60
N3A NAD H . 13.92 24.09 -16.42
C4A NAD H . 14.30 23.94 -17.72
O3 NAD H . 11.95 15.60 -20.62
PN NAD H . 11.85 14.59 -19.34
O1N NAD H . 10.92 13.46 -19.71
O2N NAD H . 11.59 15.37 -18.08
O5D NAD H . 13.40 14.10 -19.25
C5D NAD H . 14.31 15.07 -18.75
C4D NAD H . 15.76 14.61 -18.65
O4D NAD H . 15.84 13.22 -18.30
C3D NAD H . 16.52 14.76 -19.96
O3D NAD H . 17.66 15.59 -19.74
C2D NAD H . 16.92 13.34 -20.34
O2D NAD H . 18.18 13.32 -21.03
C1D NAD H . 16.98 12.67 -18.97
N1N NAD H . 16.96 11.21 -18.83
C2N NAD H . 17.90 10.72 -18.02
C3N NAD H . 18.04 9.37 -17.75
C7N NAD H . 19.16 8.98 -16.81
O7N NAD H . 19.34 7.84 -16.43
N7N NAD H . 19.98 9.93 -16.39
C4N NAD H . 17.14 8.50 -18.34
C5N NAD H . 16.15 9.02 -19.20
C6N NAD H . 16.07 10.39 -19.43
#